data_7FBJ
#
_entry.id   7FBJ
#
_cell.length_a   82.020
_cell.length_b   73.753
_cell.length_c   270.717
_cell.angle_alpha   90.000
_cell.angle_beta   90.000
_cell.angle_gamma   90.000
#
_symmetry.space_group_name_H-M   'P 1 21 1'
#
loop_
_entity.id
_entity.type
_entity.pdbx_description
1 polymer 'Spike protein S1'
2 polymer 'New antigen receptor variable domain'
3 branched 2-acetamido-2-deoxy-beta-D-glucopyranose-(1-4)-2-acetamido-2-deoxy-beta-D-glucopyranose
4 branched beta-D-mannopyranose-(1-4)-2-acetamido-2-deoxy-beta-D-glucopyranose-(1-4)-2-acetamido-2-deoxy-beta-D-glucopyranose
5 non-polymer 2-acetamido-2-deoxy-beta-D-glucopyranose
6 water water
#
loop_
_entity_poly.entity_id
_entity_poly.type
_entity_poly.pdbx_seq_one_letter_code
_entity_poly.pdbx_strand_id
1 'polypeptide(L)'
;DAAQPAITNLCPFGEVFNATRFASVYAWNRKRISNCVADYSVLYNSASFSTFKCYGVSPTKLNDLCFTNVYADSFVIRGD
EVRQIAPGQTGKIADYNYKLPDDFTGCVIAWNSNNLDSKVGGNYNYLYRLFRKSNLKPFERDISTEIYQAGSTPCNGVEG
FNCYFPLQSYGFQPTNGVGYQPYRVVVLSFELLHAPATVCGPAAARGGPEQKLISEEDLNSAVDHHHHHH
;
A,C,E,G,I,K,M,O
2 'polypeptide(L)'
;MAMAERVEQTPTTTTKETGESLTINCVLRDSSCALDSTYWYFTKKGATKKESLSNGGRYAETVNKASKSFSLRISDLRVE
DSGTYHCRAYSLSAGMCAWMGYIEGGGTIVTVNSSGSSGLEHHHHHH
;
B,D,F,H,J,L,N,P
#
loop_
_chem_comp.id
_chem_comp.type
_chem_comp.name
_chem_comp.formula
BMA D-saccharide, beta linking beta-D-mannopyranose 'C6 H12 O6'
NAG D-saccharide, beta linking 2-acetamido-2-deoxy-beta-D-glucopyranose 'C8 H15 N O6'
#
# COMPACT_ATOMS: atom_id res chain seq x y z
N ILE A 7 27.45 -46.46 29.95
CA ILE A 7 27.14 -44.99 30.04
C ILE A 7 26.30 -44.60 28.80
N THR A 8 24.96 -44.72 28.89
CA THR A 8 23.91 -44.33 27.90
C THR A 8 23.78 -42.79 27.90
N ASN A 9 24.84 -42.13 27.44
CA ASN A 9 25.08 -40.67 27.61
C ASN A 9 25.37 -40.06 26.24
N LEU A 10 25.23 -38.75 26.15
CA LEU A 10 25.13 -38.03 24.83
C LEU A 10 26.43 -38.17 24.06
N CYS A 11 26.30 -38.42 22.75
CA CYS A 11 27.43 -38.45 21.81
C CYS A 11 28.12 -37.10 21.82
N PRO A 12 29.46 -37.07 21.87
CA PRO A 12 30.22 -35.80 21.84
C PRO A 12 30.28 -35.12 20.47
N PHE A 13 29.12 -34.79 19.88
CA PHE A 13 28.98 -34.12 18.57
C PHE A 13 29.50 -32.69 18.66
N GLY A 14 29.38 -32.07 19.82
CA GLY A 14 30.01 -30.76 20.12
C GLY A 14 31.48 -30.68 19.74
N GLU A 15 32.23 -31.73 20.02
CA GLU A 15 33.69 -31.78 19.75
C GLU A 15 33.93 -31.69 18.23
N VAL A 16 33.03 -32.18 17.40
CA VAL A 16 33.17 -32.22 15.91
C VAL A 16 32.72 -30.86 15.34
N PHE A 17 31.48 -30.48 15.63
CA PHE A 17 30.81 -29.33 14.98
C PHE A 17 31.39 -28.00 15.50
N ASN A 18 31.81 -27.90 16.76
CA ASN A 18 32.21 -26.64 17.41
C ASN A 18 33.72 -26.67 17.66
N ALA A 19 34.46 -27.63 17.11
CA ALA A 19 35.93 -27.67 17.22
C ALA A 19 36.44 -26.28 16.87
N THR A 20 37.47 -25.76 17.55
CA THR A 20 38.06 -24.44 17.21
C THR A 20 38.73 -24.49 15.84
N ARG A 21 39.54 -25.54 15.61
CA ARG A 21 40.28 -25.84 14.33
C ARG A 21 39.55 -26.87 13.47
N PHE A 22 39.41 -26.58 12.17
CA PHE A 22 38.99 -27.58 11.17
C PHE A 22 40.15 -27.84 10.21
N ALA A 23 40.23 -29.06 9.72
CA ALA A 23 41.26 -29.55 8.79
C ALA A 23 41.07 -28.91 7.42
N SER A 24 42.14 -28.81 6.65
CA SER A 24 42.16 -28.66 5.17
C SER A 24 41.49 -29.90 4.56
N VAL A 25 40.77 -29.71 3.46
CA VAL A 25 40.02 -30.82 2.80
C VAL A 25 40.97 -31.95 2.41
N TYR A 26 42.18 -31.66 1.91
CA TYR A 26 43.11 -32.74 1.47
C TYR A 26 43.48 -33.63 2.66
N ALA A 27 43.53 -33.02 3.87
CA ALA A 27 43.96 -33.65 5.15
C ALA A 27 42.74 -33.82 6.07
N TRP A 28 41.59 -34.16 5.53
CA TRP A 28 40.28 -34.15 6.22
C TRP A 28 40.33 -35.05 7.48
N ASN A 29 39.75 -34.55 8.58
CA ASN A 29 39.61 -35.32 9.84
C ASN A 29 38.55 -36.40 9.70
N ARG A 30 38.79 -37.52 10.39
CA ARG A 30 37.76 -38.57 10.69
C ARG A 30 37.74 -38.84 12.19
N LYS A 31 36.58 -38.66 12.78
CA LYS A 31 36.32 -38.97 14.20
C LYS A 31 35.34 -40.14 14.25
N ARG A 32 35.75 -41.21 14.89
CA ARG A 32 34.84 -42.37 15.14
C ARG A 32 33.89 -42.05 16.32
N ILE A 33 32.60 -42.26 16.16
CA ILE A 33 31.59 -42.06 17.24
C ILE A 33 31.02 -43.42 17.64
N SER A 34 31.07 -43.80 18.92
CA SER A 34 30.41 -45.05 19.37
C SER A 34 30.00 -44.95 20.84
N ASN A 35 29.08 -45.85 21.20
CA ASN A 35 28.68 -46.14 22.60
C ASN A 35 28.13 -44.86 23.21
N CYS A 36 27.07 -44.37 22.59
CA CYS A 36 26.46 -43.08 22.99
C CYS A 36 25.12 -42.93 22.31
N VAL A 37 24.34 -42.03 22.90
CA VAL A 37 23.02 -41.56 22.39
C VAL A 37 23.15 -40.22 21.67
N ALA A 38 22.53 -40.11 20.49
CA ALA A 38 22.74 -39.04 19.50
C ALA A 38 21.39 -38.40 19.14
N ASP A 39 21.21 -37.13 19.50
CA ASP A 39 20.03 -36.33 19.11
C ASP A 39 20.35 -35.72 17.73
N TYR A 40 20.07 -36.47 16.64
CA TYR A 40 20.29 -35.99 15.25
C TYR A 40 19.28 -34.86 14.95
N SER A 41 18.06 -34.96 15.46
CA SER A 41 17.00 -33.95 15.25
C SER A 41 17.46 -32.52 15.66
N VAL A 42 18.14 -32.38 16.80
CA VAL A 42 18.60 -31.03 17.23
C VAL A 42 19.57 -30.51 16.15
N LEU A 43 20.40 -31.36 15.54
CA LEU A 43 21.30 -30.87 14.44
C LEU A 43 20.43 -30.46 13.23
N TYR A 44 19.58 -31.36 12.82
CA TYR A 44 18.75 -31.18 11.60
C TYR A 44 17.88 -29.96 11.72
N ASN A 45 17.29 -29.75 12.90
CA ASN A 45 16.39 -28.60 13.16
C ASN A 45 17.17 -27.34 13.58
N SER A 46 18.49 -27.44 13.79
CA SER A 46 19.30 -26.24 14.19
C SER A 46 19.08 -24.94 13.43
N ALA A 47 19.39 -24.78 12.15
CA ALA A 47 19.19 -23.45 11.50
C ALA A 47 20.50 -22.67 11.35
N SER A 48 21.58 -23.14 11.98
CA SER A 48 23.00 -22.74 11.62
C SER A 48 23.43 -23.32 10.26
N PHE A 49 22.87 -24.45 9.85
CA PHE A 49 23.34 -25.15 8.62
C PHE A 49 22.65 -24.61 7.37
N SER A 50 23.39 -24.55 6.26
CA SER A 50 22.97 -24.12 4.93
C SER A 50 22.78 -25.36 4.05
N THR A 51 23.42 -26.47 4.36
CA THR A 51 23.27 -27.76 3.67
C THR A 51 23.03 -28.84 4.71
N PHE A 52 22.04 -29.68 4.48
CA PHE A 52 21.83 -30.90 5.30
C PHE A 52 21.12 -31.94 4.45
N LYS A 53 21.88 -32.83 3.82
CA LYS A 53 21.39 -33.81 2.84
C LYS A 53 21.74 -35.20 3.38
N CYS A 54 20.72 -36.04 3.57
CA CYS A 54 20.86 -37.42 4.09
C CYS A 54 20.53 -38.41 2.96
N TYR A 55 21.46 -39.31 2.70
CA TYR A 55 21.45 -40.25 1.57
C TYR A 55 21.15 -41.63 2.16
N GLY A 56 20.13 -42.30 1.67
CA GLY A 56 19.74 -43.67 2.08
C GLY A 56 19.08 -43.70 3.45
N VAL A 57 18.75 -42.57 4.04
CA VAL A 57 18.04 -42.50 5.34
C VAL A 57 17.41 -41.12 5.44
N SER A 58 16.18 -41.07 5.98
CA SER A 58 15.41 -39.83 6.16
C SER A 58 15.94 -39.08 7.38
N PRO A 59 16.21 -37.78 7.30
CA PRO A 59 16.71 -37.06 8.46
C PRO A 59 15.76 -37.10 9.66
N THR A 60 14.45 -37.20 9.43
CA THR A 60 13.42 -37.19 10.48
C THR A 60 13.26 -38.58 11.11
N LYS A 61 13.98 -39.61 10.65
CA LYS A 61 13.92 -40.98 11.27
C LYS A 61 15.24 -41.32 11.96
N LEU A 62 16.21 -40.41 11.98
CA LEU A 62 17.57 -40.71 12.49
C LEU A 62 17.49 -41.05 13.99
N ASN A 63 16.64 -40.35 14.74
CA ASN A 63 16.46 -40.55 16.21
C ASN A 63 15.88 -41.95 16.48
N ASP A 64 15.37 -42.64 15.45
CA ASP A 64 14.66 -43.94 15.61
C ASP A 64 15.55 -45.14 15.25
N LEU A 65 16.74 -44.90 14.75
CA LEU A 65 17.69 -45.91 14.23
C LEU A 65 18.87 -46.08 15.19
N CYS A 66 19.44 -47.29 15.18
CA CYS A 66 20.75 -47.62 15.80
C CYS A 66 21.75 -48.03 14.72
N PHE A 67 23.04 -47.73 14.90
CA PHE A 67 24.15 -48.07 13.97
C PHE A 67 25.35 -48.68 14.73
N THR A 68 26.04 -49.63 14.08
CA THR A 68 27.27 -50.32 14.52
C THR A 68 28.36 -49.27 14.74
N ASN A 69 28.65 -48.49 13.70
CA ASN A 69 29.58 -47.34 13.79
C ASN A 69 29.00 -46.15 13.04
N VAL A 70 29.33 -44.96 13.57
CA VAL A 70 29.19 -43.61 12.96
C VAL A 70 30.59 -43.03 12.84
N TYR A 71 30.92 -42.48 11.68
CA TYR A 71 32.12 -41.64 11.45
C TYR A 71 31.66 -40.23 11.11
N ALA A 72 32.37 -39.25 11.61
CA ALA A 72 32.20 -37.83 11.32
C ALA A 72 33.50 -37.35 10.70
N ASP A 73 33.43 -37.10 9.38
CA ASP A 73 34.53 -36.51 8.60
C ASP A 73 34.29 -35.01 8.57
N SER A 74 35.34 -34.19 8.69
CA SER A 74 35.18 -32.72 8.76
C SER A 74 36.37 -32.02 8.11
N PHE A 75 36.05 -30.92 7.43
CA PHE A 75 37.01 -30.14 6.60
C PHE A 75 36.38 -28.83 6.16
N VAL A 76 37.19 -27.96 5.57
CA VAL A 76 36.79 -26.64 5.00
C VAL A 76 37.01 -26.66 3.48
N ILE A 77 36.04 -26.14 2.75
CA ILE A 77 36.08 -25.95 1.27
C ILE A 77 35.41 -24.61 1.03
N ARG A 78 35.36 -24.16 -0.24
CA ARG A 78 34.63 -22.95 -0.65
C ARG A 78 33.16 -23.31 -0.87
N GLY A 79 32.27 -22.33 -0.76
CA GLY A 79 30.83 -22.56 -0.87
C GLY A 79 30.44 -23.28 -2.16
N ASP A 80 31.08 -22.96 -3.30
CA ASP A 80 30.66 -23.53 -4.61
C ASP A 80 31.27 -24.91 -4.83
N GLU A 81 31.98 -25.44 -3.84
CA GLU A 81 32.52 -26.82 -3.81
C GLU A 81 31.62 -27.72 -2.95
N VAL A 82 30.70 -27.15 -2.20
CA VAL A 82 29.87 -28.01 -1.30
C VAL A 82 29.09 -29.04 -2.12
N ARG A 83 28.71 -28.70 -3.34
CA ARG A 83 27.92 -29.59 -4.23
C ARG A 83 28.78 -30.81 -4.61
N GLN A 84 30.10 -30.73 -4.52
CA GLN A 84 31.02 -31.85 -4.87
C GLN A 84 31.05 -32.91 -3.76
N ILE A 85 30.51 -32.61 -2.57
CA ILE A 85 30.53 -33.57 -1.43
C ILE A 85 29.22 -34.35 -1.51
N ALA A 86 29.13 -35.20 -2.54
CA ALA A 86 27.95 -36.02 -2.87
C ALA A 86 28.40 -37.19 -3.74
N PRO A 87 27.66 -38.31 -3.72
CA PRO A 87 28.02 -39.45 -4.53
C PRO A 87 27.92 -39.06 -6.00
N GLY A 88 28.83 -39.56 -6.82
CA GLY A 88 28.75 -39.41 -8.28
C GLY A 88 29.35 -38.12 -8.80
N GLN A 89 29.74 -37.20 -7.94
CA GLN A 89 30.24 -35.86 -8.34
C GLN A 89 31.69 -35.92 -8.80
N THR A 90 32.14 -34.97 -9.59
CA THR A 90 33.51 -34.90 -10.09
C THR A 90 34.00 -33.48 -9.86
N GLY A 91 35.29 -33.20 -10.01
CA GLY A 91 35.92 -31.90 -9.72
C GLY A 91 37.11 -32.12 -8.84
N LYS A 92 37.88 -31.07 -8.55
CA LYS A 92 39.16 -31.13 -7.83
C LYS A 92 38.91 -31.77 -6.46
N ILE A 93 37.85 -31.35 -5.78
CA ILE A 93 37.58 -31.84 -4.40
C ILE A 93 37.21 -33.32 -4.44
N ALA A 94 36.17 -33.65 -5.19
CA ALA A 94 35.59 -35.03 -5.19
C ALA A 94 36.63 -36.06 -5.71
N ASP A 95 37.49 -35.66 -6.63
CA ASP A 95 38.46 -36.52 -7.32
C ASP A 95 39.76 -36.65 -6.51
N TYR A 96 40.29 -35.55 -5.96
CA TYR A 96 41.67 -35.52 -5.42
C TYR A 96 41.71 -35.23 -3.90
N ASN A 97 40.60 -34.89 -3.23
CA ASN A 97 40.66 -34.48 -1.79
C ASN A 97 39.76 -35.35 -0.90
N TYR A 98 38.47 -35.41 -1.21
CA TYR A 98 37.49 -36.20 -0.43
C TYR A 98 36.38 -36.73 -1.31
N LYS A 99 36.29 -38.06 -1.36
CA LYS A 99 35.37 -38.79 -2.25
C LYS A 99 34.40 -39.64 -1.44
N LEU A 100 33.10 -39.50 -1.70
CA LEU A 100 32.00 -40.32 -1.12
C LEU A 100 31.75 -41.53 -2.00
N PRO A 101 31.47 -42.71 -1.41
CA PRO A 101 31.15 -43.91 -2.20
C PRO A 101 29.81 -43.72 -2.94
N ASP A 102 29.58 -44.44 -4.04
CA ASP A 102 28.32 -44.36 -4.82
C ASP A 102 27.19 -44.85 -3.89
N ASP A 103 27.46 -45.82 -3.03
CA ASP A 103 26.42 -46.41 -2.14
C ASP A 103 26.39 -45.71 -0.76
N PHE A 104 26.70 -44.43 -0.68
CA PHE A 104 26.82 -43.66 0.59
C PHE A 104 25.53 -43.68 1.40
N THR A 105 25.64 -44.01 2.67
CA THR A 105 24.54 -43.83 3.65
C THR A 105 25.00 -42.86 4.73
N GLY A 106 24.33 -41.71 4.87
CA GLY A 106 24.78 -40.68 5.79
C GLY A 106 24.28 -39.31 5.40
N CYS A 107 24.76 -38.28 6.10
CA CYS A 107 24.31 -36.90 5.89
C CYS A 107 25.55 -36.08 5.59
N VAL A 108 25.40 -35.18 4.64
CA VAL A 108 26.39 -34.13 4.34
C VAL A 108 25.86 -32.85 4.96
N ILE A 109 26.60 -32.22 5.84
CA ILE A 109 26.14 -31.02 6.60
C ILE A 109 27.16 -29.93 6.35
N ALA A 110 26.75 -28.72 6.05
CA ALA A 110 27.68 -27.59 5.86
C ALA A 110 27.06 -26.29 6.34
N TRP A 111 27.94 -25.36 6.71
CA TRP A 111 27.58 -23.99 7.09
C TRP A 111 28.63 -22.99 6.69
N ASN A 112 28.17 -21.78 6.40
CA ASN A 112 29.06 -20.65 6.08
C ASN A 112 29.94 -20.37 7.31
N SER A 113 31.26 -20.29 7.14
CA SER A 113 32.22 -20.10 8.23
C SER A 113 33.05 -18.86 7.97
N ASN A 114 32.53 -17.92 7.15
CA ASN A 114 33.25 -16.66 6.81
C ASN A 114 33.75 -15.94 8.06
N ASN A 115 32.92 -15.82 9.10
CA ASN A 115 33.24 -15.17 10.40
C ASN A 115 34.36 -15.89 11.18
N LEU A 116 34.64 -17.17 10.94
CA LEU A 116 35.70 -17.94 11.67
C LEU A 116 36.95 -18.16 10.79
N ASP A 117 36.80 -18.34 9.50
CA ASP A 117 37.87 -18.78 8.58
C ASP A 117 38.18 -17.75 7.50
N SER A 118 37.81 -16.48 7.65
CA SER A 118 38.44 -15.35 6.89
C SER A 118 39.07 -14.31 7.85
N LYS A 119 40.28 -13.81 7.56
CA LYS A 119 40.94 -12.71 8.29
C LYS A 119 40.56 -11.43 7.51
N VAL A 120 40.93 -10.28 8.03
CA VAL A 120 41.10 -9.03 7.21
C VAL A 120 42.46 -9.28 6.56
N GLY A 121 42.59 -9.00 5.27
CA GLY A 121 43.79 -9.38 4.48
C GLY A 121 43.77 -10.83 4.01
N GLY A 122 42.76 -11.62 4.42
CA GLY A 122 42.51 -12.95 3.85
C GLY A 122 43.18 -14.04 4.69
N ASN A 123 42.51 -15.19 4.77
CA ASN A 123 42.97 -16.41 5.47
C ASN A 123 43.59 -17.37 4.45
N TYR A 124 44.84 -17.74 4.70
CA TYR A 124 45.65 -18.57 3.77
C TYR A 124 46.02 -19.92 4.39
N ASN A 125 45.34 -20.32 5.43
CA ASN A 125 45.75 -21.50 6.23
C ASN A 125 45.28 -22.81 5.58
N TYR A 126 44.26 -22.74 4.73
CA TYR A 126 43.61 -23.91 4.11
C TYR A 126 44.23 -24.19 2.73
N LEU A 127 44.48 -25.48 2.51
CA LEU A 127 45.00 -26.06 1.21
C LEU A 127 44.08 -27.10 0.57
N TYR A 128 44.23 -27.31 -0.72
CA TYR A 128 43.55 -28.42 -1.41
C TYR A 128 44.52 -29.03 -2.41
N ARG A 129 44.37 -30.31 -2.67
CA ARG A 129 45.18 -31.04 -3.66
C ARG A 129 44.65 -30.67 -5.03
N LEU A 130 45.53 -30.24 -5.91
CA LEU A 130 45.18 -29.71 -7.26
C LEU A 130 45.48 -30.79 -8.31
N PHE A 131 46.40 -31.70 -8.02
CA PHE A 131 46.95 -32.65 -9.01
C PHE A 131 47.06 -34.04 -8.41
N ARG A 132 46.80 -35.06 -9.21
CA ARG A 132 47.04 -36.44 -8.77
C ARG A 132 47.00 -37.39 -9.96
N LYS A 133 47.70 -38.52 -9.80
CA LYS A 133 47.90 -39.56 -10.84
C LYS A 133 46.58 -40.26 -11.17
N SER A 134 45.72 -40.39 -10.18
CA SER A 134 44.35 -40.95 -10.37
C SER A 134 43.44 -40.39 -9.28
N ASN A 135 42.15 -40.70 -9.35
CA ASN A 135 41.10 -40.22 -8.41
C ASN A 135 41.19 -40.99 -7.10
N LEU A 136 40.86 -40.37 -5.97
CA LEU A 136 40.76 -41.08 -4.67
C LEU A 136 39.71 -42.17 -4.80
N LYS A 137 39.85 -43.25 -4.02
CA LYS A 137 38.76 -44.22 -3.83
C LYS A 137 37.90 -43.66 -2.69
N PRO A 138 36.63 -44.10 -2.52
CA PRO A 138 35.82 -43.58 -1.43
C PRO A 138 36.54 -43.59 -0.09
N PHE A 139 36.46 -42.48 0.63
CA PHE A 139 37.06 -42.28 1.97
C PHE A 139 38.56 -42.48 1.94
N GLU A 140 39.22 -42.30 0.80
CA GLU A 140 40.71 -42.34 0.80
C GLU A 140 41.25 -40.97 1.23
N ARG A 141 42.42 -40.93 1.85
CA ARG A 141 43.03 -39.66 2.33
C ARG A 141 44.44 -39.63 1.78
N ASP A 142 44.88 -38.55 1.13
CA ASP A 142 46.25 -38.47 0.57
C ASP A 142 46.85 -37.20 1.14
N ILE A 143 47.86 -37.32 2.00
CA ILE A 143 48.52 -36.11 2.57
C ILE A 143 49.93 -35.99 2.01
N SER A 144 50.30 -36.74 0.97
CA SER A 144 51.64 -36.67 0.32
C SER A 144 51.90 -35.30 -0.35
N THR A 145 53.17 -34.85 -0.40
CA THR A 145 53.63 -33.60 -1.06
C THR A 145 54.66 -33.99 -2.13
N GLU A 146 54.54 -35.21 -2.67
CA GLU A 146 55.39 -35.64 -3.82
C GLU A 146 55.08 -34.73 -4.99
N ILE A 147 56.11 -34.15 -5.60
CA ILE A 147 56.03 -33.34 -6.84
C ILE A 147 55.37 -34.19 -7.93
N TYR A 148 54.28 -33.69 -8.50
CA TYR A 148 53.42 -34.40 -9.50
C TYR A 148 54.01 -34.29 -10.90
N GLN A 149 54.17 -35.47 -11.49
CA GLN A 149 54.81 -35.69 -12.78
C GLN A 149 53.67 -35.66 -13.79
N ALA A 150 53.54 -34.57 -14.54
CA ALA A 150 52.42 -34.41 -15.52
C ALA A 150 52.90 -34.83 -16.93
N GLY A 151 54.18 -35.15 -17.14
CA GLY A 151 54.70 -35.53 -18.45
C GLY A 151 55.46 -36.85 -18.43
N SER A 152 56.02 -37.21 -19.59
CA SER A 152 56.99 -38.34 -19.78
C SER A 152 58.29 -38.11 -18.99
N THR A 153 58.79 -36.87 -18.98
CA THR A 153 60.06 -36.49 -18.29
C THR A 153 60.00 -36.76 -16.76
N PRO A 154 60.91 -37.62 -16.22
CA PRO A 154 61.02 -37.85 -14.78
C PRO A 154 61.17 -36.50 -14.06
N CYS A 155 60.68 -36.52 -12.85
CA CYS A 155 60.70 -35.32 -11.93
C CYS A 155 61.74 -35.27 -10.82
N ASN A 156 62.22 -36.34 -10.20
CA ASN A 156 63.37 -36.31 -9.26
C ASN A 156 63.13 -35.30 -8.12
N GLY A 157 61.88 -35.10 -7.66
CA GLY A 157 61.59 -34.27 -6.49
C GLY A 157 61.81 -32.79 -6.77
N VAL A 158 61.94 -32.40 -8.04
CA VAL A 158 62.33 -31.02 -8.47
C VAL A 158 61.18 -30.42 -9.29
N GLU A 159 60.77 -29.19 -8.93
CA GLU A 159 59.68 -28.45 -9.61
C GLU A 159 60.22 -27.94 -10.95
N GLY A 160 59.50 -28.22 -12.04
CA GLY A 160 59.80 -27.68 -13.38
C GLY A 160 58.58 -27.71 -14.24
N PHE A 161 58.75 -27.66 -15.54
CA PHE A 161 57.71 -27.23 -16.51
C PHE A 161 56.53 -28.22 -16.63
N ASN A 162 56.73 -29.47 -16.26
CA ASN A 162 55.62 -30.50 -16.16
C ASN A 162 55.70 -31.25 -14.80
N CYS A 163 56.26 -30.54 -13.82
CA CYS A 163 56.65 -31.12 -12.51
C CYS A 163 56.11 -30.21 -11.42
N TYR A 164 54.88 -30.45 -10.92
CA TYR A 164 54.15 -29.49 -10.06
C TYR A 164 54.07 -29.93 -8.59
N PHE A 165 54.27 -28.98 -7.69
CA PHE A 165 53.82 -29.13 -6.28
C PHE A 165 52.31 -29.37 -6.31
N PRO A 166 51.82 -30.42 -5.62
CA PRO A 166 50.43 -30.82 -5.78
C PRO A 166 49.41 -30.02 -4.95
N LEU A 167 49.77 -29.20 -3.98
CA LEU A 167 48.79 -28.49 -3.11
C LEU A 167 48.78 -26.99 -3.45
N GLN A 168 47.63 -26.38 -3.32
CA GLN A 168 47.45 -24.91 -3.50
C GLN A 168 46.63 -24.35 -2.35
N SER A 169 46.80 -23.07 -2.10
CA SER A 169 46.12 -22.35 -0.99
C SER A 169 44.78 -21.73 -1.44
N TYR A 170 43.71 -22.00 -0.73
CA TYR A 170 42.49 -21.13 -0.65
C TYR A 170 42.92 -19.78 -0.04
N GLY A 171 42.59 -18.68 -0.72
CA GLY A 171 42.55 -17.32 -0.12
C GLY A 171 41.12 -16.94 0.29
N PHE A 172 40.81 -16.98 1.58
CA PHE A 172 39.44 -16.63 2.07
C PHE A 172 39.36 -15.14 2.42
N GLN A 173 39.01 -14.35 1.38
CA GLN A 173 38.70 -12.90 1.48
C GLN A 173 37.29 -12.66 2.06
N PRO A 174 37.14 -11.82 3.13
CA PRO A 174 35.88 -11.75 3.85
C PRO A 174 34.76 -11.03 3.09
N THR A 175 35.10 -10.17 2.12
CA THR A 175 34.11 -9.36 1.33
C THR A 175 33.71 -10.10 0.06
N ASN A 176 34.30 -11.27 -0.20
CA ASN A 176 33.92 -12.07 -1.39
C ASN A 176 32.49 -12.62 -1.27
N GLY A 177 31.93 -12.87 -2.43
CA GLY A 177 30.72 -13.68 -2.68
C GLY A 177 30.74 -15.00 -1.92
N VAL A 178 29.53 -15.47 -1.60
CA VAL A 178 29.36 -16.69 -0.74
C VAL A 178 29.98 -17.88 -1.45
N GLY A 179 30.03 -17.89 -2.79
CA GLY A 179 30.58 -19.03 -3.52
C GLY A 179 32.07 -19.22 -3.21
N TYR A 180 32.72 -18.11 -2.83
CA TYR A 180 34.18 -18.04 -2.52
C TYR A 180 34.41 -18.03 -1.01
N GLN A 181 33.37 -17.99 -0.20
CA GLN A 181 33.52 -17.97 1.27
C GLN A 181 33.88 -19.37 1.74
N PRO A 182 34.52 -19.50 2.90
CA PRO A 182 34.67 -20.81 3.52
C PRO A 182 33.35 -21.33 4.09
N TYR A 183 33.19 -22.63 3.86
CA TYR A 183 32.16 -23.49 4.46
C TYR A 183 32.83 -24.61 5.25
N ARG A 184 32.42 -24.74 6.50
CA ARG A 184 32.73 -25.96 7.28
C ARG A 184 31.78 -27.06 6.86
N VAL A 185 32.27 -28.28 6.80
CA VAL A 185 31.50 -29.46 6.34
C VAL A 185 31.72 -30.60 7.31
N VAL A 186 30.66 -31.30 7.66
CA VAL A 186 30.74 -32.55 8.44
C VAL A 186 29.99 -33.58 7.64
N VAL A 187 30.62 -34.71 7.39
CA VAL A 187 29.95 -35.84 6.73
C VAL A 187 29.77 -36.96 7.73
N LEU A 188 28.53 -37.31 8.07
CA LEU A 188 28.25 -38.45 8.96
C LEU A 188 28.00 -39.67 8.11
N SER A 189 28.77 -40.75 8.25
CA SER A 189 28.51 -42.08 7.64
C SER A 189 27.93 -43.01 8.70
N PHE A 190 26.86 -43.72 8.31
CA PHE A 190 26.16 -44.71 9.15
C PHE A 190 26.47 -46.11 8.64
N GLU A 191 27.09 -46.96 9.45
CA GLU A 191 27.42 -48.37 9.13
C GLU A 191 26.46 -49.23 9.93
N LEU A 192 25.72 -50.13 9.26
CA LEU A 192 24.88 -51.16 9.93
C LEU A 192 25.43 -52.54 9.52
N LEU A 193 26.24 -53.16 10.40
CA LEU A 193 26.90 -54.47 10.18
C LEU A 193 26.25 -55.53 11.08
N HIS A 194 26.67 -56.79 10.96
CA HIS A 194 26.26 -57.92 11.85
C HIS A 194 27.13 -57.89 13.11
N ALA A 195 26.83 -56.96 14.02
CA ALA A 195 27.49 -56.74 15.33
C ALA A 195 26.57 -55.92 16.23
N PRO A 196 26.92 -55.68 17.52
CA PRO A 196 26.06 -54.91 18.41
C PRO A 196 26.01 -53.44 17.98
N ALA A 197 24.81 -52.88 17.83
CA ALA A 197 24.59 -51.47 17.45
C ALA A 197 24.80 -50.59 18.68
N THR A 198 25.85 -49.76 18.67
CA THR A 198 26.34 -48.97 19.83
C THR A 198 25.88 -47.51 19.74
N VAL A 199 25.54 -46.99 18.55
CA VAL A 199 25.10 -45.57 18.41
C VAL A 199 23.59 -45.54 18.09
N CYS A 200 22.76 -45.04 19.02
CA CYS A 200 21.29 -45.01 18.89
C CYS A 200 20.80 -43.58 19.14
N GLY A 201 19.68 -43.23 18.54
CA GLY A 201 18.88 -42.02 18.86
C GLY A 201 18.29 -42.16 20.28
N PRO A 202 17.71 -41.08 20.87
CA PRO A 202 17.02 -41.18 22.17
C PRO A 202 15.78 -42.11 22.15
N ALA A 203 15.19 -42.27 20.95
CA ALA A 203 13.85 -42.81 20.66
C ALA A 203 13.96 -44.23 20.09
N ALA A 204 15.15 -44.83 20.06
CA ALA A 204 15.39 -46.20 19.54
C ALA A 204 15.46 -47.20 20.71
N ALA A 205 15.28 -48.49 20.38
CA ALA A 205 15.63 -49.67 21.22
C ALA A 205 17.14 -49.93 21.09
N ALA B 4 25.79 -28.38 -10.69
CA ALA B 4 25.95 -27.66 -9.40
C ALA B 4 24.59 -27.42 -8.73
N GLU B 5 24.06 -28.46 -8.06
CA GLU B 5 22.84 -28.45 -7.20
C GLU B 5 22.93 -27.38 -6.11
N ARG B 6 22.10 -26.35 -6.17
CA ARG B 6 22.14 -25.21 -5.21
C ARG B 6 20.78 -24.52 -5.17
N VAL B 7 20.57 -23.67 -4.17
CA VAL B 7 19.45 -22.70 -4.18
C VAL B 7 20.02 -21.31 -4.50
N GLU B 8 19.51 -20.72 -5.58
CA GLU B 8 19.92 -19.38 -6.05
C GLU B 8 18.94 -18.36 -5.51
N GLN B 9 19.43 -17.53 -4.62
CA GLN B 9 18.66 -16.48 -3.96
C GLN B 9 19.11 -15.16 -4.57
N THR B 10 18.14 -14.42 -5.10
CA THR B 10 18.31 -13.08 -5.68
C THR B 10 17.28 -12.14 -5.05
N PRO B 11 17.57 -10.82 -4.90
CA PRO B 11 18.90 -10.26 -5.13
C PRO B 11 19.85 -10.67 -4.01
N THR B 12 21.17 -10.51 -4.25
CA THR B 12 22.21 -10.74 -3.23
C THR B 12 22.19 -9.59 -2.21
N THR B 13 22.02 -8.33 -2.61
CA THR B 13 21.91 -7.15 -1.71
C THR B 13 20.81 -6.23 -2.24
N THR B 14 20.07 -5.51 -1.37
CA THR B 14 19.23 -4.37 -1.82
C THR B 14 19.23 -3.29 -0.76
N THR B 15 19.14 -2.04 -1.21
CA THR B 15 18.78 -0.86 -0.39
C THR B 15 17.36 -0.40 -0.77
N LYS B 16 16.53 -0.12 0.22
CA LYS B 16 15.12 0.32 0.11
C LYS B 16 14.87 1.48 1.10
N GLU B 17 13.90 2.34 0.76
CA GLU B 17 13.30 3.34 1.69
C GLU B 17 12.18 2.67 2.49
N THR B 18 12.13 3.00 3.80
CA THR B 18 10.99 2.76 4.72
C THR B 18 9.68 2.96 3.97
N GLY B 19 8.68 2.09 4.10
CA GLY B 19 7.40 2.21 3.40
C GLY B 19 7.34 1.46 2.08
N GLU B 20 8.47 1.22 1.40
CA GLU B 20 8.50 0.42 0.14
C GLU B 20 8.33 -1.06 0.51
N SER B 21 8.20 -1.91 -0.49
CA SER B 21 8.15 -3.37 -0.34
C SER B 21 9.34 -3.96 -1.08
N LEU B 22 9.60 -5.22 -0.81
CA LEU B 22 10.76 -5.90 -1.44
C LEU B 22 10.36 -7.33 -1.69
N THR B 23 10.90 -7.94 -2.75
CA THR B 23 10.68 -9.37 -3.05
C THR B 23 12.01 -10.10 -3.14
N ILE B 24 12.15 -11.23 -2.44
CA ILE B 24 13.33 -12.11 -2.59
C ILE B 24 12.85 -13.36 -3.28
N ASN B 25 13.55 -13.81 -4.32
CA ASN B 25 13.24 -15.03 -5.14
C ASN B 25 14.33 -16.05 -4.96
N CYS B 26 13.93 -17.29 -4.73
CA CYS B 26 14.77 -18.48 -4.55
C CYS B 26 14.33 -19.53 -5.56
N VAL B 27 15.26 -20.22 -6.21
CA VAL B 27 14.96 -21.41 -7.06
C VAL B 27 16.05 -22.47 -6.86
N LEU B 28 15.58 -23.69 -6.61
CA LEU B 28 16.39 -24.92 -6.46
C LEU B 28 16.81 -25.28 -7.88
N ARG B 29 18.08 -25.06 -8.22
CA ARG B 29 18.70 -25.17 -9.56
C ARG B 29 19.49 -26.47 -9.64
N ASP B 30 19.62 -27.01 -10.85
CA ASP B 30 20.52 -28.14 -11.18
C ASP B 30 20.20 -29.31 -10.25
N SER B 31 18.92 -29.52 -9.97
CA SER B 31 18.48 -30.64 -9.11
C SER B 31 17.42 -31.43 -9.83
N SER B 32 17.41 -32.74 -9.57
CA SER B 32 16.32 -33.67 -9.96
C SER B 32 15.28 -33.79 -8.81
N CYS B 33 15.56 -33.11 -7.73
CA CYS B 33 14.88 -33.17 -6.41
C CYS B 33 13.55 -32.37 -6.46
N ALA B 34 12.48 -32.85 -5.84
CA ALA B 34 11.22 -32.10 -5.63
C ALA B 34 11.41 -31.06 -4.52
N LEU B 35 10.72 -29.92 -4.67
CA LEU B 35 10.61 -28.90 -3.61
C LEU B 35 9.37 -29.23 -2.77
N ASP B 36 9.55 -29.73 -1.55
CA ASP B 36 8.44 -30.23 -0.70
C ASP B 36 8.06 -29.22 0.38
N SER B 37 9.00 -28.46 0.92
CA SER B 37 8.59 -27.35 1.80
C SER B 37 9.68 -26.30 1.83
N THR B 38 9.42 -25.16 2.43
CA THR B 38 10.34 -24.00 2.45
C THR B 38 10.38 -23.43 3.86
N TYR B 39 11.43 -22.67 4.18
CA TYR B 39 11.55 -21.99 5.48
C TYR B 39 12.43 -20.76 5.31
N TRP B 40 12.07 -19.70 6.02
CA TRP B 40 12.81 -18.40 5.99
C TRP B 40 13.31 -18.05 7.37
N TYR B 41 14.50 -17.48 7.42
CA TYR B 41 15.29 -17.02 8.58
C TYR B 41 15.79 -15.62 8.35
N PHE B 42 15.96 -14.85 9.42
CA PHE B 42 16.46 -13.47 9.47
C PHE B 42 17.58 -13.35 10.50
N THR B 43 18.63 -12.64 10.24
CA THR B 43 19.50 -12.13 11.31
C THR B 43 19.43 -10.64 11.19
N LYS B 44 19.16 -9.91 12.28
CA LYS B 44 19.28 -8.44 12.32
C LYS B 44 20.69 -8.05 11.89
N LYS B 45 20.78 -6.84 11.34
CA LYS B 45 22.04 -6.08 11.16
C LYS B 45 22.83 -6.13 12.47
N GLY B 46 24.07 -6.63 12.42
CA GLY B 46 25.03 -6.58 13.55
C GLY B 46 24.79 -7.68 14.56
N ALA B 47 23.85 -8.59 14.30
CA ALA B 47 23.60 -9.80 15.12
C ALA B 47 24.23 -11.01 14.42
N THR B 48 24.34 -12.15 15.10
CA THR B 48 24.80 -13.44 14.52
C THR B 48 23.71 -14.50 14.68
N LYS B 49 22.68 -14.24 15.48
CA LYS B 49 21.66 -15.28 15.73
C LYS B 49 20.80 -15.41 14.47
N LYS B 50 20.71 -16.60 13.86
CA LYS B 50 19.68 -16.92 12.83
C LYS B 50 18.37 -17.26 13.56
N GLU B 51 17.32 -16.47 13.34
CA GLU B 51 15.96 -16.64 13.95
C GLU B 51 14.89 -16.81 12.84
N SER B 52 13.84 -17.54 13.23
CA SER B 52 12.69 -17.93 12.37
C SER B 52 11.92 -16.68 11.92
N LEU B 53 11.52 -16.62 10.68
CA LEU B 53 10.59 -15.53 10.24
C LEU B 53 9.19 -15.98 10.67
N SER B 54 8.25 -15.08 11.03
CA SER B 54 6.80 -15.48 11.06
C SER B 54 6.26 -15.31 9.65
N ASN B 55 5.27 -16.11 9.28
CA ASN B 55 4.69 -15.94 7.93
C ASN B 55 3.49 -14.99 8.03
N GLY B 56 3.59 -13.91 8.85
CA GLY B 56 2.46 -13.07 9.30
C GLY B 56 2.21 -11.83 8.45
N GLY B 57 1.80 -10.72 9.03
CA GLY B 57 1.06 -9.65 8.32
C GLY B 57 1.86 -8.97 7.21
N ARG B 58 3.11 -8.60 7.47
CA ARG B 58 3.92 -7.84 6.43
C ARG B 58 4.64 -8.83 5.51
N TYR B 59 4.67 -10.11 5.84
CA TYR B 59 5.51 -11.16 5.19
C TYR B 59 4.58 -12.10 4.45
N ALA B 60 4.75 -12.24 3.13
CA ALA B 60 3.87 -13.07 2.29
C ALA B 60 4.77 -13.99 1.48
N GLU B 61 4.37 -15.25 1.37
CA GLU B 61 5.12 -16.34 0.71
C GLU B 61 4.39 -16.80 -0.55
N THR B 62 5.14 -17.11 -1.55
CA THR B 62 4.63 -17.75 -2.81
C THR B 62 5.45 -19.01 -3.05
N VAL B 63 4.90 -20.07 -3.61
CA VAL B 63 5.70 -21.28 -3.98
C VAL B 63 5.17 -21.80 -5.31
N ASN B 64 6.06 -22.13 -6.24
CA ASN B 64 5.67 -22.94 -7.41
C ASN B 64 6.45 -24.24 -7.32
N LYS B 65 5.79 -25.31 -6.91
CA LYS B 65 6.51 -26.58 -6.70
C LYS B 65 7.02 -27.14 -8.03
N ALA B 66 6.25 -27.10 -9.11
CA ALA B 66 6.69 -27.59 -10.44
C ALA B 66 8.01 -26.93 -10.85
N SER B 67 8.16 -25.62 -10.70
CA SER B 67 9.34 -24.84 -11.17
C SER B 67 10.41 -24.81 -10.08
N LYS B 68 10.04 -25.29 -8.90
CA LYS B 68 10.91 -25.37 -7.70
C LYS B 68 11.42 -23.99 -7.32
N SER B 69 10.54 -23.01 -7.38
CA SER B 69 10.84 -21.61 -7.06
C SER B 69 9.93 -21.14 -5.93
N PHE B 70 10.38 -20.17 -5.14
CA PHE B 70 9.52 -19.55 -4.11
C PHE B 70 10.00 -18.16 -3.82
N SER B 71 9.19 -17.33 -3.17
CA SER B 71 9.47 -15.92 -2.87
C SER B 71 8.89 -15.51 -1.52
N LEU B 72 9.59 -14.57 -0.91
CA LEU B 72 9.19 -13.80 0.27
C LEU B 72 9.06 -12.36 -0.19
N ARG B 73 7.88 -11.78 0.02
CA ARG B 73 7.62 -10.35 -0.16
C ARG B 73 7.41 -9.75 1.23
N ILE B 74 8.13 -8.68 1.54
CA ILE B 74 7.99 -7.91 2.79
C ILE B 74 7.46 -6.54 2.41
N SER B 75 6.29 -6.19 2.95
CA SER B 75 5.54 -4.97 2.61
C SER B 75 5.77 -3.97 3.74
N ASP B 76 5.69 -2.69 3.42
CA ASP B 76 5.83 -1.59 4.40
C ASP B 76 7.12 -1.73 5.21
N LEU B 77 8.28 -1.77 4.56
CA LEU B 77 9.61 -1.93 5.21
C LEU B 77 9.81 -0.84 6.28
N ARG B 78 10.55 -1.21 7.34
CA ARG B 78 11.01 -0.36 8.45
C ARG B 78 12.53 -0.53 8.53
N VAL B 79 13.20 0.10 9.49
CA VAL B 79 14.70 0.07 9.60
C VAL B 79 15.09 -1.20 10.34
N GLU B 80 14.23 -1.70 11.24
CA GLU B 80 14.45 -2.97 12.00
C GLU B 80 14.50 -4.22 11.12
N ASP B 81 13.83 -4.16 9.96
CA ASP B 81 13.94 -5.18 8.89
C ASP B 81 15.38 -5.33 8.35
N SER B 82 16.26 -4.34 8.54
CA SER B 82 17.66 -4.35 8.00
C SER B 82 18.40 -5.58 8.56
N GLY B 83 19.00 -6.38 7.67
CA GLY B 83 19.73 -7.61 8.07
C GLY B 83 19.84 -8.61 6.92
N THR B 84 20.06 -9.89 7.21
CA THR B 84 20.29 -10.93 6.18
C THR B 84 19.15 -11.93 6.27
N TYR B 85 18.48 -12.15 5.13
CA TYR B 85 17.39 -13.12 4.91
C TYR B 85 17.95 -14.35 4.25
N HIS B 86 17.58 -15.53 4.77
CA HIS B 86 18.00 -16.82 4.21
C HIS B 86 16.76 -17.64 3.94
N CYS B 87 16.73 -18.26 2.76
CA CYS B 87 15.70 -19.23 2.40
C CYS B 87 16.27 -20.64 2.44
N ARG B 88 15.50 -21.57 3.00
CA ARG B 88 15.85 -23.01 3.07
C ARG B 88 14.81 -23.84 2.31
N ALA B 89 15.25 -24.64 1.37
CA ALA B 89 14.37 -25.44 0.50
C ALA B 89 14.48 -26.90 0.95
N TYR B 90 13.38 -27.56 1.24
CA TYR B 90 13.38 -28.94 1.78
C TYR B 90 12.94 -29.83 0.65
N SER B 91 13.66 -30.96 0.48
CA SER B 91 13.20 -32.12 -0.31
C SER B 91 13.09 -33.32 0.65
N LEU B 92 11.88 -33.86 0.80
CA LEU B 92 11.52 -34.87 1.83
C LEU B 92 10.98 -36.15 1.18
N SER B 93 10.36 -36.06 -0.01
CA SER B 93 10.20 -37.18 -0.98
C SER B 93 11.59 -37.66 -1.43
N ALA B 94 11.69 -38.90 -1.86
CA ALA B 94 13.00 -39.57 -2.08
C ALA B 94 12.94 -40.38 -3.40
N GLY B 95 12.30 -39.78 -4.40
CA GLY B 95 12.08 -40.46 -5.69
C GLY B 95 13.23 -40.15 -6.58
N MET B 96 13.08 -39.09 -7.35
CA MET B 96 14.08 -38.59 -8.30
C MET B 96 15.23 -37.96 -7.52
N CYS B 97 15.13 -37.82 -6.19
CA CYS B 97 16.24 -37.27 -5.41
C CYS B 97 16.95 -38.42 -4.71
N ALA B 98 18.28 -38.40 -4.74
CA ALA B 98 19.18 -39.32 -3.98
C ALA B 98 19.09 -39.05 -2.48
N TRP B 99 18.68 -37.84 -2.11
CA TRP B 99 18.76 -37.37 -0.70
C TRP B 99 17.43 -36.81 -0.25
N MET B 100 17.35 -36.74 1.08
CA MET B 100 16.30 -36.06 1.87
C MET B 100 16.91 -35.11 2.90
N GLY B 101 16.33 -33.90 2.97
CA GLY B 101 16.83 -32.83 3.85
C GLY B 101 16.72 -31.46 3.20
N TYR B 102 17.68 -30.59 3.45
CA TYR B 102 17.58 -29.21 2.95
C TYR B 102 18.90 -28.63 2.43
N ILE B 103 18.73 -27.74 1.45
CA ILE B 103 19.81 -26.80 1.00
C ILE B 103 19.27 -25.38 1.02
N GLU B 104 20.16 -24.39 1.17
CA GLU B 104 19.85 -23.01 1.60
C GLU B 104 20.47 -22.00 0.64
N GLY B 105 19.78 -20.88 0.49
CA GLY B 105 20.29 -19.77 -0.32
C GLY B 105 21.52 -19.13 0.29
N GLY B 106 22.22 -18.32 -0.53
CA GLY B 106 23.41 -17.57 -0.13
C GLY B 106 23.08 -16.37 0.76
N GLY B 107 21.83 -15.94 0.75
CA GLY B 107 21.32 -14.82 1.58
C GLY B 107 21.03 -13.62 0.74
N THR B 108 20.24 -12.68 1.26
CA THR B 108 20.01 -11.32 0.72
C THR B 108 20.32 -10.34 1.85
N ILE B 109 21.25 -9.43 1.63
CA ILE B 109 21.57 -8.39 2.63
C ILE B 109 20.70 -7.16 2.33
N VAL B 110 19.76 -6.88 3.23
CA VAL B 110 18.76 -5.79 3.07
C VAL B 110 19.18 -4.60 3.94
N THR B 111 19.27 -3.40 3.36
CA THR B 111 19.44 -2.11 4.09
C THR B 111 18.18 -1.26 3.86
N VAL B 112 17.51 -0.84 4.92
CA VAL B 112 16.32 0.07 4.81
C VAL B 112 16.68 1.42 5.42
N ASN B 113 16.55 2.53 4.69
CA ASN B 113 16.89 3.91 5.13
C ASN B 113 15.60 4.67 5.49
N SER B 114 15.73 5.82 6.19
CA SER B 114 14.72 6.93 6.24
C SER B 114 15.38 8.24 6.71
N THR C 8 -47.91 -22.96 -9.96
CA THR C 8 -48.26 -23.20 -11.39
C THR C 8 -47.21 -22.52 -12.28
N ASN C 9 -45.97 -23.00 -12.20
CA ASN C 9 -44.84 -22.67 -13.10
C ASN C 9 -44.25 -24.01 -13.56
N LEU C 10 -43.51 -23.96 -14.66
CA LEU C 10 -43.00 -25.17 -15.37
C LEU C 10 -42.09 -26.02 -14.45
N CYS C 11 -42.27 -27.34 -14.47
CA CYS C 11 -41.41 -28.31 -13.76
C CYS C 11 -39.98 -28.20 -14.27
N PRO C 12 -38.97 -28.25 -13.38
CA PRO C 12 -37.57 -28.07 -13.78
C PRO C 12 -36.93 -29.32 -14.42
N PHE C 13 -37.50 -29.81 -15.52
CA PHE C 13 -37.07 -31.05 -16.24
C PHE C 13 -35.70 -30.80 -16.91
N GLY C 14 -35.48 -29.55 -17.31
CA GLY C 14 -34.20 -29.05 -17.82
C GLY C 14 -33.03 -29.41 -16.92
N GLU C 15 -33.19 -29.29 -15.61
CA GLU C 15 -32.10 -29.57 -14.62
C GLU C 15 -31.75 -31.07 -14.67
N VAL C 16 -32.71 -31.95 -14.99
CA VAL C 16 -32.51 -33.41 -15.04
C VAL C 16 -31.96 -33.79 -16.41
N PHE C 17 -32.70 -33.47 -17.48
CA PHE C 17 -32.35 -33.98 -18.84
C PHE C 17 -31.05 -33.37 -19.39
N ASN C 18 -30.74 -32.11 -19.07
CA ASN C 18 -29.61 -31.35 -19.66
C ASN C 18 -28.52 -31.14 -18.61
N ALA C 19 -28.63 -31.73 -17.41
CA ALA C 19 -27.54 -31.69 -16.41
C ALA C 19 -26.20 -31.94 -17.08
N THR C 20 -25.14 -31.21 -16.69
CA THR C 20 -23.77 -31.43 -17.21
C THR C 20 -23.28 -32.83 -16.83
N ARG C 21 -23.41 -33.17 -15.54
CA ARG C 21 -22.98 -34.45 -14.90
C ARG C 21 -24.15 -35.43 -14.78
N PHE C 22 -23.96 -36.67 -15.21
CA PHE C 22 -24.89 -37.80 -14.93
C PHE C 22 -24.17 -38.80 -14.05
N ALA C 23 -24.95 -39.44 -13.17
CA ALA C 23 -24.45 -40.48 -12.24
C ALA C 23 -24.06 -41.76 -12.97
N SER C 24 -23.12 -42.49 -12.36
CA SER C 24 -22.91 -43.94 -12.55
C SER C 24 -24.20 -44.65 -12.14
N VAL C 25 -24.53 -45.73 -12.86
CA VAL C 25 -25.79 -46.47 -12.65
C VAL C 25 -25.88 -46.99 -11.20
N TYR C 26 -24.79 -47.51 -10.61
CA TYR C 26 -24.81 -48.09 -9.25
C TYR C 26 -25.20 -47.01 -8.23
N ALA C 27 -24.82 -45.75 -8.50
CA ALA C 27 -25.02 -44.55 -7.66
C ALA C 27 -26.05 -43.60 -8.29
N TRP C 28 -27.12 -44.14 -8.84
CA TRP C 28 -28.09 -43.44 -9.70
C TRP C 28 -28.72 -42.26 -8.90
N ASN C 29 -28.86 -41.12 -9.58
CA ASN C 29 -29.56 -39.92 -9.02
C ASN C 29 -31.07 -40.12 -8.99
N ARG C 30 -31.70 -39.53 -7.97
CA ARG C 30 -33.17 -39.35 -7.89
C ARG C 30 -33.51 -37.90 -7.56
N LYS C 31 -34.30 -37.26 -8.41
CA LYS C 31 -34.75 -35.87 -8.22
C LYS C 31 -36.25 -35.94 -8.01
N ARG C 32 -36.75 -35.38 -6.89
CA ARG C 32 -38.19 -35.33 -6.60
C ARG C 32 -38.79 -34.16 -7.37
N ILE C 33 -39.86 -34.38 -8.12
CA ILE C 33 -40.55 -33.27 -8.85
C ILE C 33 -41.89 -33.03 -8.20
N SER C 34 -42.20 -31.80 -7.75
CA SER C 34 -43.56 -31.52 -7.23
C SER C 34 -43.92 -30.03 -7.40
N ASN C 35 -45.21 -29.76 -7.35
CA ASN C 35 -45.82 -28.40 -7.25
C ASN C 35 -45.39 -27.60 -8.49
N CYS C 36 -45.76 -28.12 -9.64
CA CYS C 36 -45.33 -27.58 -10.94
C CYS C 36 -46.19 -28.21 -12.02
N VAL C 37 -46.16 -27.53 -13.18
CA VAL C 37 -46.82 -27.96 -14.44
C VAL C 37 -45.77 -28.52 -15.40
N ALA C 38 -46.06 -29.66 -16.03
CA ALA C 38 -45.11 -30.51 -16.79
C ALA C 38 -45.64 -30.79 -18.21
N ASP C 39 -44.94 -30.25 -19.22
CA ASP C 39 -45.25 -30.58 -20.65
C ASP C 39 -44.52 -31.87 -21.00
N TYR C 40 -45.15 -33.04 -20.77
CA TYR C 40 -44.56 -34.36 -21.09
C TYR C 40 -44.52 -34.52 -22.61
N SER C 41 -45.50 -33.94 -23.30
CA SER C 41 -45.59 -34.00 -24.75
C SER C 41 -44.38 -33.40 -25.43
N VAL C 42 -43.81 -32.30 -24.97
CA VAL C 42 -42.60 -31.73 -25.62
C VAL C 42 -41.44 -32.76 -25.47
N LEU C 43 -41.33 -33.45 -24.34
CA LEU C 43 -40.31 -34.53 -24.18
C LEU C 43 -40.60 -35.66 -25.16
N TYR C 44 -41.82 -36.18 -25.12
CA TYR C 44 -42.23 -37.34 -25.96
C TYR C 44 -42.00 -37.01 -27.44
N ASN C 45 -42.38 -35.82 -27.91
CA ASN C 45 -42.27 -35.40 -29.33
C ASN C 45 -40.86 -34.94 -29.70
N SER C 46 -39.97 -34.73 -28.72
CA SER C 46 -38.55 -34.37 -29.01
C SER C 46 -37.89 -35.44 -29.89
N ALA C 47 -36.94 -35.03 -30.72
CA ALA C 47 -36.24 -35.92 -31.67
C ALA C 47 -34.96 -36.53 -31.05
N SER C 48 -34.56 -36.06 -29.87
CA SER C 48 -33.28 -36.42 -29.21
C SER C 48 -33.33 -37.88 -28.64
N PHE C 49 -34.50 -38.39 -28.26
CA PHE C 49 -34.56 -39.70 -27.54
C PHE C 49 -34.57 -40.87 -28.50
N SER C 50 -33.93 -41.98 -28.12
CA SER C 50 -33.88 -43.26 -28.86
C SER C 50 -34.84 -44.27 -28.21
N THR C 51 -35.13 -44.10 -26.93
CA THR C 51 -36.06 -44.95 -26.16
C THR C 51 -37.04 -44.06 -25.39
N PHE C 52 -38.33 -44.35 -25.50
CA PHE C 52 -39.37 -43.66 -24.72
C PHE C 52 -40.51 -44.65 -24.53
N LYS C 53 -40.47 -45.39 -23.41
CA LYS C 53 -41.40 -46.51 -23.13
C LYS C 53 -42.13 -46.20 -21.84
N CYS C 54 -43.45 -46.09 -21.92
CA CYS C 54 -44.33 -45.76 -20.79
C CYS C 54 -45.15 -46.99 -20.38
N TYR C 55 -45.08 -47.32 -19.09
CA TYR C 55 -45.65 -48.56 -18.50
C TYR C 55 -46.87 -48.14 -17.67
N GLY C 56 -48.03 -48.76 -17.95
CA GLY C 56 -49.31 -48.54 -17.24
C GLY C 56 -49.91 -47.16 -17.48
N VAL C 57 -49.44 -46.44 -18.50
CA VAL C 57 -49.99 -45.12 -18.93
C VAL C 57 -49.50 -44.84 -20.35
N SER C 58 -50.32 -44.18 -21.18
CA SER C 58 -50.01 -43.81 -22.58
C SER C 58 -49.27 -42.49 -22.62
N PRO C 59 -48.18 -42.37 -23.40
CA PRO C 59 -47.42 -41.14 -23.42
C PRO C 59 -48.26 -39.96 -23.91
N THR C 60 -49.24 -40.19 -24.80
CA THR C 60 -50.08 -39.13 -25.41
C THR C 60 -51.19 -38.69 -24.42
N LYS C 61 -51.32 -39.30 -23.24
CA LYS C 61 -52.28 -38.87 -22.21
C LYS C 61 -51.61 -38.18 -21.03
N LEU C 62 -50.27 -38.06 -21.02
CA LEU C 62 -49.56 -37.64 -19.77
C LEU C 62 -49.95 -36.20 -19.39
N ASN C 63 -50.14 -35.33 -20.39
CA ASN C 63 -50.48 -33.90 -20.20
C ASN C 63 -51.88 -33.80 -19.56
N ASP C 64 -52.67 -34.87 -19.55
CA ASP C 64 -54.08 -34.86 -19.08
C ASP C 64 -54.19 -35.36 -17.64
N LEU C 65 -53.10 -35.89 -17.08
CA LEU C 65 -53.11 -36.54 -15.74
C LEU C 65 -52.40 -35.66 -14.70
N CYS C 66 -52.81 -35.80 -13.44
CA CYS C 66 -52.16 -35.24 -12.23
C CYS C 66 -51.67 -36.39 -11.33
N PHE C 67 -50.53 -36.20 -10.67
CA PHE C 67 -49.87 -37.18 -9.77
C PHE C 67 -49.43 -36.50 -8.46
N THR C 68 -49.50 -37.26 -7.35
CA THR C 68 -49.02 -36.91 -6.00
C THR C 68 -47.54 -36.55 -6.06
N ASN C 69 -46.73 -37.50 -6.55
CA ASN C 69 -45.27 -37.31 -6.72
C ASN C 69 -44.83 -37.92 -8.06
N VAL C 70 -43.84 -37.24 -8.65
CA VAL C 70 -43.03 -37.65 -9.83
C VAL C 70 -41.58 -37.75 -9.33
N TYR C 71 -40.91 -38.84 -9.63
CA TYR C 71 -39.44 -38.97 -9.45
C TYR C 71 -38.79 -39.13 -10.80
N ALA C 72 -37.70 -38.43 -10.99
CA ALA C 72 -36.81 -38.55 -12.16
C ALA C 72 -35.48 -39.13 -11.67
N ASP C 73 -35.34 -40.42 -11.96
CA ASP C 73 -34.04 -41.14 -11.74
C ASP C 73 -33.16 -41.00 -12.99
N SER C 74 -31.85 -40.82 -12.82
CA SER C 74 -30.95 -40.63 -13.98
C SER C 74 -29.58 -41.25 -13.75
N PHE C 75 -29.01 -41.80 -14.83
CA PHE C 75 -27.75 -42.56 -14.83
C PHE C 75 -27.33 -42.82 -16.26
N VAL C 76 -26.11 -43.37 -16.41
CA VAL C 76 -25.51 -43.80 -17.71
C VAL C 76 -25.25 -45.32 -17.67
N ILE C 77 -25.58 -45.94 -18.78
CA ILE C 77 -25.34 -47.39 -19.05
C ILE C 77 -24.95 -47.50 -20.52
N ARG C 78 -24.57 -48.70 -20.98
CA ARG C 78 -24.29 -48.99 -22.41
C ARG C 78 -25.60 -49.20 -23.15
N GLY C 79 -25.65 -48.92 -24.44
CA GLY C 79 -26.88 -49.06 -25.27
C GLY C 79 -27.50 -50.43 -25.13
N ASP C 80 -26.74 -51.52 -25.06
CA ASP C 80 -27.36 -52.86 -25.04
C ASP C 80 -27.83 -53.25 -23.62
N GLU C 81 -27.74 -52.33 -22.66
CA GLU C 81 -28.27 -52.48 -21.29
C GLU C 81 -29.59 -51.74 -21.12
N VAL C 82 -29.95 -50.90 -22.06
CA VAL C 82 -31.19 -50.07 -21.95
C VAL C 82 -32.39 -51.01 -21.81
N ARG C 83 -32.37 -52.18 -22.43
CA ARG C 83 -33.45 -53.18 -22.34
C ARG C 83 -33.63 -53.66 -20.89
N GLN C 84 -32.60 -53.57 -20.05
CA GLN C 84 -32.66 -54.03 -18.64
C GLN C 84 -33.41 -53.02 -17.77
N ILE C 85 -33.68 -51.81 -18.26
CA ILE C 85 -34.39 -50.77 -17.46
C ILE C 85 -35.87 -50.92 -17.77
N ALA C 86 -36.48 -51.99 -17.29
CA ALA C 86 -37.87 -52.39 -17.50
C ALA C 86 -38.26 -53.37 -16.38
N PRO C 87 -39.57 -53.42 -16.04
CA PRO C 87 -40.03 -54.34 -15.01
C PRO C 87 -39.78 -55.78 -15.50
N GLY C 88 -39.31 -56.67 -14.62
CA GLY C 88 -39.26 -58.11 -14.90
C GLY C 88 -37.96 -58.53 -15.51
N GLN C 89 -37.04 -57.60 -15.79
CA GLN C 89 -35.78 -57.87 -16.49
C GLN C 89 -34.73 -58.43 -15.54
N THR C 90 -33.74 -59.13 -16.08
CA THR C 90 -32.63 -59.67 -15.27
C THR C 90 -31.32 -59.29 -15.95
N GLY C 91 -30.19 -59.45 -15.27
CA GLY C 91 -28.89 -59.00 -15.76
C GLY C 91 -28.24 -58.14 -14.70
N LYS C 92 -26.95 -57.81 -14.89
CA LYS C 92 -26.18 -57.13 -13.81
C LYS C 92 -26.83 -55.78 -13.48
N ILE C 93 -27.33 -55.04 -14.46
CA ILE C 93 -27.93 -53.69 -14.21
C ILE C 93 -29.23 -53.83 -13.42
N ALA C 94 -30.17 -54.61 -13.93
CA ALA C 94 -31.48 -54.82 -13.30
C ALA C 94 -31.35 -55.49 -11.93
N ASP C 95 -30.42 -56.45 -11.78
CA ASP C 95 -30.26 -57.19 -10.50
C ASP C 95 -29.48 -56.35 -9.48
N TYR C 96 -28.37 -55.70 -9.87
CA TYR C 96 -27.40 -55.19 -8.89
C TYR C 96 -27.27 -53.66 -8.91
N ASN C 97 -27.89 -52.92 -9.83
CA ASN C 97 -27.65 -51.46 -9.97
C ASN C 97 -28.93 -50.65 -9.88
N TYR C 98 -29.92 -50.97 -10.72
CA TYR C 98 -31.18 -50.20 -10.74
C TYR C 98 -32.32 -51.09 -11.18
N LYS C 99 -33.26 -51.28 -10.28
CA LYS C 99 -34.37 -52.24 -10.39
C LYS C 99 -35.68 -51.50 -10.32
N LEU C 100 -36.56 -51.77 -11.29
CA LEU C 100 -37.94 -51.24 -11.37
C LEU C 100 -38.89 -52.21 -10.68
N PRO C 101 -39.95 -51.71 -10.01
CA PRO C 101 -40.96 -52.56 -9.40
C PRO C 101 -41.79 -53.28 -10.47
N ASP C 102 -42.39 -54.42 -10.08
CA ASP C 102 -43.25 -55.25 -10.94
C ASP C 102 -44.47 -54.38 -11.32
N ASP C 103 -44.96 -53.53 -10.41
CA ASP C 103 -46.15 -52.67 -10.67
C ASP C 103 -45.71 -51.29 -11.21
N PHE C 104 -44.60 -51.19 -11.95
CA PHE C 104 -44.03 -49.88 -12.38
C PHE C 104 -45.05 -49.05 -13.20
N THR C 105 -45.28 -47.80 -12.80
CA THR C 105 -46.01 -46.80 -13.59
C THR C 105 -45.05 -45.65 -13.88
N GLY C 106 -44.75 -45.42 -15.16
CA GLY C 106 -43.80 -44.38 -15.54
C GLY C 106 -43.21 -44.63 -16.92
N CYS C 107 -42.26 -43.81 -17.28
CA CYS C 107 -41.63 -43.86 -18.62
C CYS C 107 -40.13 -44.06 -18.43
N VAL C 108 -39.54 -44.91 -19.25
CA VAL C 108 -38.07 -45.10 -19.37
C VAL C 108 -37.65 -44.33 -20.63
N ILE C 109 -36.74 -43.38 -20.48
CA ILE C 109 -36.32 -42.48 -21.60
C ILE C 109 -34.80 -42.56 -21.71
N ALA C 110 -34.28 -42.76 -22.89
CA ALA C 110 -32.82 -42.87 -23.09
C ALA C 110 -32.41 -42.19 -24.38
N TRP C 111 -31.16 -41.73 -24.44
CA TRP C 111 -30.54 -41.20 -25.67
C TRP C 111 -29.04 -41.52 -25.69
N ASN C 112 -28.53 -41.67 -26.91
CA ASN C 112 -27.09 -41.89 -27.17
C ASN C 112 -26.35 -40.65 -26.68
N SER C 113 -25.31 -40.83 -25.88
CA SER C 113 -24.52 -39.76 -25.24
C SER C 113 -23.06 -39.94 -25.60
N ASN C 114 -22.77 -40.62 -26.70
CA ASN C 114 -21.37 -40.88 -27.16
C ASN C 114 -20.57 -39.57 -27.21
N ASN C 115 -21.14 -38.50 -27.74
CA ASN C 115 -20.54 -37.14 -27.84
C ASN C 115 -20.24 -36.50 -26.48
N LEU C 116 -20.90 -36.88 -25.40
CA LEU C 116 -20.66 -36.28 -24.05
C LEU C 116 -19.83 -37.20 -23.15
N ASP C 117 -19.99 -38.52 -23.26
CA ASP C 117 -19.51 -39.50 -22.28
C ASP C 117 -18.54 -40.50 -22.95
N SER C 118 -17.97 -40.21 -24.11
CA SER C 118 -16.71 -40.85 -24.58
C SER C 118 -15.60 -39.79 -24.82
N LYS C 119 -14.37 -40.06 -24.37
CA LYS C 119 -13.17 -39.24 -24.65
C LYS C 119 -12.54 -39.86 -25.91
N VAL C 120 -11.51 -39.23 -26.44
CA VAL C 120 -10.50 -39.91 -27.31
C VAL C 120 -9.65 -40.66 -26.27
N GLY C 121 -9.31 -41.92 -26.53
CA GLY C 121 -8.61 -42.78 -25.55
C GLY C 121 -9.57 -43.42 -24.57
N GLY C 122 -10.87 -43.04 -24.59
CA GLY C 122 -11.93 -43.74 -23.86
C GLY C 122 -12.23 -43.05 -22.54
N ASN C 123 -13.49 -43.05 -22.18
CA ASN C 123 -14.03 -42.50 -20.89
C ASN C 123 -14.19 -43.62 -19.86
N TYR C 124 -13.52 -43.45 -18.71
CA TYR C 124 -13.42 -44.47 -17.64
C TYR C 124 -14.07 -44.01 -16.34
N ASN C 125 -14.88 -42.95 -16.40
CA ASN C 125 -15.41 -42.31 -15.18
C ASN C 125 -16.66 -43.03 -14.68
N TYR C 126 -17.33 -43.81 -15.49
CA TYR C 126 -18.58 -44.55 -15.14
C TYR C 126 -18.26 -45.96 -14.63
N LEU C 127 -18.93 -46.31 -13.55
CA LEU C 127 -18.87 -47.66 -12.88
C LEU C 127 -20.22 -48.37 -12.83
N TYR C 128 -20.18 -49.67 -12.67
CA TYR C 128 -21.40 -50.46 -12.39
C TYR C 128 -21.04 -51.55 -11.36
N ARG C 129 -22.02 -51.97 -10.56
CA ARG C 129 -21.86 -53.07 -9.59
C ARG C 129 -21.97 -54.40 -10.34
N LEU C 130 -20.98 -55.24 -10.16
CA LEU C 130 -20.83 -56.53 -10.89
C LEU C 130 -21.26 -57.68 -9.95
N PHE C 131 -21.21 -57.52 -8.64
CA PHE C 131 -21.36 -58.60 -7.63
C PHE C 131 -22.24 -58.15 -6.48
N ARG C 132 -23.09 -59.04 -5.98
CA ARG C 132 -23.88 -58.72 -4.77
C ARG C 132 -24.47 -59.99 -4.18
N LYS C 133 -24.73 -59.96 -2.87
CA LYS C 133 -25.24 -61.10 -2.06
C LYS C 133 -26.68 -61.45 -2.49
N SER C 134 -27.46 -60.44 -2.87
CA SER C 134 -28.85 -60.64 -3.38
C SER C 134 -29.18 -59.51 -4.33
N ASN C 135 -30.34 -59.60 -4.98
CA ASN C 135 -30.81 -58.60 -5.99
C ASN C 135 -31.33 -57.38 -5.24
N LEU C 136 -31.16 -56.19 -5.82
CA LEU C 136 -31.78 -54.97 -5.29
C LEU C 136 -33.29 -55.18 -5.20
N LYS C 137 -33.91 -54.54 -4.22
CA LYS C 137 -35.39 -54.35 -4.23
C LYS C 137 -35.71 -53.18 -5.15
N PRO C 138 -36.93 -53.07 -5.68
CA PRO C 138 -37.30 -51.92 -6.50
C PRO C 138 -36.86 -50.58 -5.87
N PHE C 139 -36.16 -49.77 -6.65
CA PHE C 139 -35.65 -48.42 -6.31
C PHE C 139 -34.70 -48.47 -5.12
N GLU C 140 -34.04 -49.60 -4.91
CA GLU C 140 -32.95 -49.67 -3.94
C GLU C 140 -31.67 -49.12 -4.58
N ARG C 141 -30.82 -48.52 -3.77
CA ARG C 141 -29.54 -47.93 -4.21
C ARG C 141 -28.44 -48.45 -3.29
N ASP C 142 -27.41 -49.07 -3.84
CA ASP C 142 -26.28 -49.63 -3.04
C ASP C 142 -25.01 -48.95 -3.52
N ILE C 143 -24.37 -48.13 -2.67
CA ILE C 143 -23.12 -47.44 -3.06
C ILE C 143 -21.95 -48.00 -2.25
N SER C 144 -22.12 -49.14 -1.58
CA SER C 144 -21.04 -49.79 -0.77
C SER C 144 -19.91 -50.30 -1.67
N THR C 145 -18.68 -50.30 -1.16
CA THR C 145 -17.47 -50.89 -1.81
C THR C 145 -16.91 -52.01 -0.90
N GLU C 146 -17.80 -52.67 -0.16
CA GLU C 146 -17.47 -53.87 0.65
C GLU C 146 -16.99 -54.95 -0.31
N ILE C 147 -15.81 -55.51 -0.06
CA ILE C 147 -15.29 -56.66 -0.83
C ILE C 147 -16.29 -57.83 -0.75
N TYR C 148 -16.68 -58.37 -1.92
CA TYR C 148 -17.76 -59.38 -2.03
C TYR C 148 -17.21 -60.78 -1.81
N GLN C 149 -17.84 -61.46 -0.88
CA GLN C 149 -17.48 -62.82 -0.41
C GLN C 149 -18.26 -63.76 -1.32
N ALA C 150 -17.57 -64.41 -2.26
CA ALA C 150 -18.22 -65.32 -3.22
C ALA C 150 -18.12 -66.78 -2.77
N GLY C 151 -17.44 -67.08 -1.67
CA GLY C 151 -17.24 -68.45 -1.19
C GLY C 151 -17.65 -68.60 0.27
N SER C 152 -17.49 -69.81 0.78
CA SER C 152 -17.60 -70.18 2.23
C SER C 152 -16.55 -69.46 3.08
N THR C 153 -15.31 -69.43 2.58
CA THR C 153 -14.16 -68.78 3.24
C THR C 153 -14.41 -67.29 3.58
N PRO C 154 -14.37 -66.90 4.88
CA PRO C 154 -14.47 -65.51 5.27
C PRO C 154 -13.46 -64.64 4.52
N CYS C 155 -13.86 -63.38 4.40
CA CYS C 155 -13.26 -62.28 3.60
C CYS C 155 -13.03 -61.10 4.57
N ASN C 156 -11.82 -60.54 4.67
CA ASN C 156 -11.47 -59.61 5.77
C ASN C 156 -11.14 -58.23 5.19
N GLY C 157 -11.95 -57.70 4.26
CA GLY C 157 -11.63 -56.43 3.57
C GLY C 157 -10.50 -56.64 2.55
N VAL C 158 -10.12 -57.89 2.26
CA VAL C 158 -8.90 -58.23 1.45
C VAL C 158 -9.31 -58.95 0.16
N GLU C 159 -8.84 -58.46 -0.98
CA GLU C 159 -9.13 -59.05 -2.33
C GLU C 159 -8.36 -60.38 -2.47
N GLY C 160 -9.02 -61.46 -2.84
CA GLY C 160 -8.40 -62.73 -3.18
C GLY C 160 -9.30 -63.61 -4.02
N PHE C 161 -9.06 -64.92 -4.05
CA PHE C 161 -9.54 -65.84 -5.12
C PHE C 161 -11.06 -66.02 -5.14
N ASN C 162 -11.76 -65.77 -4.02
CA ASN C 162 -13.25 -65.74 -3.98
C ASN C 162 -13.74 -64.45 -3.26
N CYS C 163 -12.90 -63.42 -3.33
CA CYS C 163 -13.07 -62.15 -2.57
C CYS C 163 -12.87 -60.99 -3.55
N TYR C 164 -13.93 -60.45 -4.15
CA TYR C 164 -13.87 -59.49 -5.29
C TYR C 164 -14.29 -58.07 -4.89
N PHE C 165 -13.56 -57.08 -5.42
CA PHE C 165 -14.06 -55.69 -5.47
C PHE C 165 -15.34 -55.71 -6.26
N PRO C 166 -16.43 -55.15 -5.72
CA PRO C 166 -17.73 -55.27 -6.39
C PRO C 166 -18.01 -54.34 -7.60
N LEU C 167 -17.20 -53.33 -7.85
CA LEU C 167 -17.51 -52.34 -8.93
C LEU C 167 -16.52 -52.56 -10.09
N GLN C 168 -16.98 -52.32 -11.29
CA GLN C 168 -16.10 -52.32 -12.49
C GLN C 168 -16.36 -51.07 -13.36
N SER C 169 -15.38 -50.73 -14.18
CA SER C 169 -15.38 -49.53 -15.06
C SER C 169 -15.94 -49.88 -16.46
N TYR C 170 -16.96 -49.16 -16.92
CA TYR C 170 -17.29 -49.02 -18.38
C TYR C 170 -16.10 -48.28 -19.01
N GLY C 171 -15.53 -48.83 -20.08
CA GLY C 171 -14.67 -48.09 -21.05
C GLY C 171 -15.46 -47.60 -22.25
N PHE C 172 -15.82 -46.33 -22.31
CA PHE C 172 -16.60 -45.77 -23.45
C PHE C 172 -15.65 -45.28 -24.55
N GLN C 173 -15.32 -46.22 -25.45
CA GLN C 173 -14.57 -45.94 -26.72
C GLN C 173 -15.47 -45.31 -27.80
N PRO C 174 -15.06 -44.16 -28.40
CA PRO C 174 -15.97 -43.41 -29.25
C PRO C 174 -16.26 -44.06 -30.61
N THR C 175 -15.36 -44.96 -31.09
CA THR C 175 -15.49 -45.63 -32.41
C THR C 175 -16.23 -46.97 -32.26
N ASN C 176 -16.61 -47.36 -31.04
CA ASN C 176 -17.37 -48.62 -30.82
C ASN C 176 -18.79 -48.55 -31.41
N GLY C 177 -19.34 -49.73 -31.70
CA GLY C 177 -20.77 -49.99 -31.97
C GLY C 177 -21.70 -49.34 -30.93
N VAL C 178 -22.90 -49.01 -31.40
CA VAL C 178 -23.89 -48.27 -30.55
C VAL C 178 -24.22 -49.12 -29.32
N GLY C 179 -24.13 -50.45 -29.41
CA GLY C 179 -24.37 -51.37 -28.28
C GLY C 179 -23.45 -51.07 -27.11
N TYR C 180 -22.24 -50.59 -27.44
CA TYR C 180 -21.14 -50.33 -26.47
C TYR C 180 -21.06 -48.84 -26.14
N GLN C 181 -21.87 -48.00 -26.76
CA GLN C 181 -21.82 -46.54 -26.55
C GLN C 181 -22.54 -46.22 -25.26
N PRO C 182 -22.22 -45.11 -24.60
CA PRO C 182 -23.01 -44.63 -23.48
C PRO C 182 -24.37 -44.09 -23.94
N TYR C 183 -25.34 -44.43 -23.13
CA TYR C 183 -26.72 -43.90 -23.16
C TYR C 183 -27.02 -43.24 -21.81
N ARG C 184 -27.48 -42.00 -21.88
CA ARG C 184 -28.10 -41.35 -20.70
C ARG C 184 -29.56 -41.82 -20.60
N VAL C 185 -29.97 -42.07 -19.38
CA VAL C 185 -31.33 -42.64 -19.10
C VAL C 185 -31.97 -41.77 -18.02
N VAL C 186 -33.25 -41.49 -18.17
CA VAL C 186 -34.12 -40.84 -17.16
C VAL C 186 -35.35 -41.72 -17.01
N VAL C 187 -35.65 -42.13 -15.81
CA VAL C 187 -36.88 -42.93 -15.53
C VAL C 187 -37.80 -42.03 -14.72
N LEU C 188 -38.99 -41.74 -15.27
CA LEU C 188 -40.02 -40.95 -14.56
C LEU C 188 -40.97 -41.95 -13.90
N SER C 189 -41.07 -41.92 -12.57
CA SER C 189 -42.09 -42.69 -11.83
C SER C 189 -43.24 -41.74 -11.51
N PHE C 190 -44.45 -42.21 -11.78
CA PHE C 190 -45.72 -41.50 -11.42
C PHE C 190 -46.32 -42.20 -10.20
N GLU C 191 -46.45 -41.51 -9.08
CA GLU C 191 -47.13 -41.99 -7.85
C GLU C 191 -48.49 -41.31 -7.80
N LEU C 192 -49.56 -42.09 -7.63
CA LEU C 192 -50.92 -41.61 -7.25
C LEU C 192 -51.27 -42.23 -5.87
N LEU C 193 -51.10 -41.44 -4.80
CA LEU C 193 -51.31 -41.82 -3.39
C LEU C 193 -52.53 -41.09 -2.83
N HIS C 194 -52.79 -41.28 -1.53
CA HIS C 194 -53.88 -40.64 -0.72
C HIS C 194 -53.39 -39.24 -0.29
N ALA C 195 -53.30 -38.29 -1.23
CA ALA C 195 -52.69 -36.95 -1.02
C ALA C 195 -53.13 -35.99 -2.13
N PRO C 196 -52.91 -34.67 -1.97
CA PRO C 196 -53.23 -33.71 -3.02
C PRO C 196 -52.27 -33.90 -4.21
N ALA C 197 -52.82 -33.98 -5.42
CA ALA C 197 -52.04 -34.11 -6.68
C ALA C 197 -51.39 -32.78 -7.05
N THR C 198 -50.05 -32.69 -6.97
CA THR C 198 -49.26 -31.43 -7.10
C THR C 198 -48.60 -31.33 -8.49
N VAL C 199 -48.40 -32.44 -9.19
CA VAL C 199 -47.75 -32.43 -10.54
C VAL C 199 -48.78 -32.74 -11.62
N CYS C 200 -49.13 -31.75 -12.42
CA CYS C 200 -50.17 -31.84 -13.45
C CYS C 200 -49.58 -31.42 -14.79
N GLY C 201 -50.19 -31.91 -15.86
CA GLY C 201 -49.96 -31.43 -17.23
C GLY C 201 -50.56 -30.04 -17.39
N PRO C 202 -50.29 -29.34 -18.52
CA PRO C 202 -50.96 -28.07 -18.84
C PRO C 202 -52.49 -28.15 -18.99
N ALA C 203 -53.00 -29.34 -19.35
CA ALA C 203 -54.37 -29.59 -19.86
C ALA C 203 -55.31 -30.08 -18.74
N ALA C 204 -54.90 -29.89 -17.46
CA ALA C 204 -55.71 -29.99 -16.22
C ALA C 204 -54.78 -29.89 -15.00
N ALA D 4 -33.59 -59.40 -25.82
CA ALA D 4 -33.05 -58.05 -26.11
C ALA D 4 -33.93 -57.31 -27.12
N GLU D 5 -35.06 -56.76 -26.65
CA GLU D 5 -35.99 -55.86 -27.39
C GLU D 5 -35.24 -54.65 -27.96
N ARG D 6 -35.16 -54.53 -29.27
CA ARG D 6 -34.42 -53.42 -29.95
C ARG D 6 -35.00 -53.21 -31.35
N VAL D 7 -34.63 -52.10 -31.98
CA VAL D 7 -34.80 -51.94 -33.45
C VAL D 7 -33.43 -52.10 -34.11
N GLU D 8 -33.33 -53.07 -35.01
CA GLU D 8 -32.09 -53.37 -35.76
C GLU D 8 -32.16 -52.67 -37.09
N GLN D 9 -31.31 -51.71 -37.28
CA GLN D 9 -31.18 -50.95 -38.52
C GLN D 9 -29.93 -51.41 -39.23
N THR D 10 -30.12 -51.84 -40.48
CA THR D 10 -29.07 -52.32 -41.39
C THR D 10 -29.21 -51.59 -42.73
N PRO D 11 -28.09 -51.27 -43.45
CA PRO D 11 -26.73 -51.47 -42.93
C PRO D 11 -26.42 -50.42 -41.86
N THR D 12 -25.35 -50.68 -41.09
CA THR D 12 -24.81 -49.71 -40.11
C THR D 12 -24.09 -48.56 -40.84
N THR D 13 -23.34 -48.83 -41.91
CA THR D 13 -22.66 -47.78 -42.74
C THR D 13 -22.79 -48.16 -44.21
N THR D 14 -22.90 -47.21 -45.15
CA THR D 14 -22.71 -47.48 -46.59
C THR D 14 -22.04 -46.30 -47.27
N THR D 15 -21.22 -46.61 -48.25
CA THR D 15 -20.68 -45.65 -49.27
C THR D 15 -21.35 -45.94 -50.61
N LYS D 16 -21.82 -44.89 -51.29
CA LYS D 16 -22.52 -44.93 -52.59
C LYS D 16 -22.00 -43.81 -53.49
N GLU D 17 -22.08 -44.03 -54.81
CA GLU D 17 -21.88 -42.96 -55.84
C GLU D 17 -23.19 -42.20 -56.05
N THR D 18 -23.09 -40.88 -56.19
CA THR D 18 -24.13 -39.97 -56.72
C THR D 18 -24.90 -40.66 -57.84
N GLY D 19 -26.23 -40.60 -57.89
CA GLY D 19 -27.04 -41.25 -58.94
C GLY D 19 -27.52 -42.64 -58.57
N GLU D 20 -26.82 -43.37 -57.67
CA GLU D 20 -27.27 -44.72 -57.21
C GLU D 20 -28.44 -44.52 -56.24
N SER D 21 -29.05 -45.62 -55.82
CA SER D 21 -30.12 -45.63 -54.79
C SER D 21 -29.63 -46.46 -53.63
N LEU D 22 -30.32 -46.36 -52.52
CA LEU D 22 -29.90 -47.09 -51.30
C LEU D 22 -31.17 -47.50 -50.58
N THR D 23 -31.14 -48.64 -49.89
CA THR D 23 -32.26 -49.09 -49.03
C THR D 23 -31.78 -49.31 -47.61
N ILE D 24 -32.48 -48.75 -46.62
CA ILE D 24 -32.21 -49.03 -45.19
C ILE D 24 -33.38 -49.86 -44.70
N ASN D 25 -33.11 -50.96 -44.00
CA ASN D 25 -34.12 -51.86 -43.38
C ASN D 25 -34.01 -51.79 -41.87
N CYS D 26 -35.16 -51.66 -41.22
CA CYS D 26 -35.36 -51.66 -39.77
C CYS D 26 -36.34 -52.77 -39.41
N VAL D 27 -36.07 -53.52 -38.34
CA VAL D 27 -37.02 -54.51 -37.79
C VAL D 27 -36.97 -54.47 -36.26
N LEU D 28 -38.17 -54.37 -35.68
CA LEU D 28 -38.42 -54.40 -34.22
C LEU D 28 -38.26 -55.87 -33.82
N ARG D 29 -37.15 -56.21 -33.17
CA ARG D 29 -36.68 -57.58 -32.86
C ARG D 29 -36.93 -57.88 -31.39
N ASP D 30 -37.13 -59.15 -31.06
CA ASP D 30 -37.24 -59.65 -29.68
C ASP D 30 -38.34 -58.88 -28.96
N SER D 31 -39.42 -58.59 -29.65
CA SER D 31 -40.56 -57.86 -29.08
C SER D 31 -41.83 -58.64 -29.33
N SER D 32 -42.73 -58.58 -28.35
CA SER D 32 -44.13 -59.05 -28.47
C SER D 32 -45.04 -57.88 -28.89
N CYS D 33 -44.45 -56.71 -29.05
CA CYS D 33 -45.08 -55.39 -29.30
C CYS D 33 -45.54 -55.28 -30.76
N ALA D 34 -46.71 -54.68 -31.03
CA ALA D 34 -47.17 -54.36 -32.40
C ALA D 34 -46.43 -53.13 -32.93
N LEU D 35 -46.17 -53.11 -34.24
CA LEU D 35 -45.59 -51.94 -34.91
C LEU D 35 -46.76 -51.09 -35.42
N ASP D 36 -47.04 -49.94 -34.79
CA ASP D 36 -48.25 -49.13 -35.09
C ASP D 36 -47.90 -47.93 -35.96
N SER D 37 -46.73 -47.33 -35.82
CA SER D 37 -46.31 -46.32 -36.83
C SER D 37 -44.79 -46.22 -36.83
N THR D 38 -44.25 -45.48 -37.78
CA THR D 38 -42.79 -45.33 -37.99
C THR D 38 -42.48 -43.86 -38.23
N TYR D 39 -41.21 -43.48 -38.04
CA TYR D 39 -40.75 -42.11 -38.30
C TYR D 39 -39.26 -42.16 -38.63
N TRP D 40 -38.84 -41.33 -39.56
CA TRP D 40 -37.42 -41.22 -39.99
C TRP D 40 -36.91 -39.81 -39.77
N TYR D 41 -35.66 -39.71 -39.33
CA TYR D 41 -34.86 -38.52 -39.03
C TYR D 41 -33.51 -38.59 -39.71
N PHE D 42 -32.93 -37.45 -40.06
CA PHE D 42 -31.63 -37.26 -40.73
C PHE D 42 -30.80 -36.23 -39.96
N THR D 43 -29.52 -36.43 -39.77
CA THR D 43 -28.62 -35.33 -39.44
C THR D 43 -27.65 -35.29 -40.59
N LYS D 44 -27.41 -34.12 -41.19
CA LYS D 44 -26.31 -33.93 -42.17
C LYS D 44 -24.99 -34.34 -41.52
N LYS D 45 -24.07 -34.76 -42.37
CA LYS D 45 -22.63 -34.91 -42.02
C LYS D 45 -22.14 -33.66 -41.31
N GLY D 46 -21.63 -33.80 -40.08
CA GLY D 46 -20.95 -32.72 -39.34
C GLY D 46 -21.93 -31.79 -38.63
N ALA D 47 -23.23 -32.07 -38.71
CA ALA D 47 -24.30 -31.32 -38.01
C ALA D 47 -24.73 -32.11 -36.76
N THR D 48 -25.46 -31.47 -35.84
CA THR D 48 -25.94 -32.10 -34.57
C THR D 48 -27.47 -32.01 -34.49
N LYS D 49 -28.10 -31.27 -35.39
CA LYS D 49 -29.59 -31.19 -35.37
C LYS D 49 -30.12 -32.53 -35.89
N LYS D 50 -30.93 -33.28 -35.14
CA LYS D 50 -31.83 -34.34 -35.69
C LYS D 50 -33.06 -33.63 -36.27
N GLU D 51 -33.29 -33.75 -37.59
CA GLU D 51 -34.45 -33.16 -38.32
C GLU D 51 -35.26 -34.26 -39.05
N SER D 52 -36.55 -33.94 -39.19
CA SER D 52 -37.60 -34.81 -39.78
C SER D 52 -37.27 -35.08 -41.26
N LEU D 53 -37.42 -36.31 -41.71
CA LEU D 53 -37.32 -36.60 -43.18
C LEU D 53 -38.66 -36.18 -43.79
N SER D 54 -38.75 -35.66 -45.04
CA SER D 54 -40.07 -35.65 -45.74
C SER D 54 -40.24 -36.98 -46.42
N ASN D 55 -41.49 -37.39 -46.62
CA ASN D 55 -41.74 -38.66 -47.34
C ASN D 55 -41.87 -38.35 -48.84
N GLY D 56 -41.07 -37.42 -49.40
CA GLY D 56 -41.33 -36.72 -50.69
C GLY D 56 -40.35 -37.13 -51.77
N GLY D 57 -40.82 -37.25 -53.02
CA GLY D 57 -39.96 -37.34 -54.21
C GLY D 57 -38.96 -38.50 -54.21
N ARG D 58 -37.75 -38.30 -53.68
CA ARG D 58 -36.65 -39.29 -53.78
C ARG D 58 -36.73 -40.31 -52.63
N TYR D 59 -37.60 -40.09 -51.65
CA TYR D 59 -37.69 -40.89 -50.41
C TYR D 59 -38.97 -41.71 -50.44
N ALA D 60 -38.86 -43.04 -50.33
CA ALA D 60 -40.03 -43.93 -50.38
C ALA D 60 -39.96 -44.86 -49.17
N GLU D 61 -41.10 -45.06 -48.53
CA GLU D 61 -41.25 -45.84 -47.28
C GLU D 61 -42.08 -47.10 -47.55
N THR D 62 -41.70 -48.17 -46.92
CA THR D 62 -42.42 -49.49 -47.00
C THR D 62 -42.66 -49.96 -45.58
N VAL D 63 -43.72 -50.70 -45.27
CA VAL D 63 -43.92 -51.27 -43.91
C VAL D 63 -44.53 -52.66 -44.06
N ASN D 64 -44.04 -53.65 -43.33
CA ASN D 64 -44.78 -54.91 -43.13
C ASN D 64 -45.11 -55.01 -41.66
N LYS D 65 -46.36 -54.72 -41.30
CA LYS D 65 -46.70 -54.67 -39.86
C LYS D 65 -46.61 -56.05 -39.22
N ALA D 66 -47.06 -57.12 -39.88
CA ALA D 66 -46.98 -58.49 -39.35
C ALA D 66 -45.54 -58.83 -38.95
N SER D 67 -44.54 -58.53 -39.79
CA SER D 67 -43.11 -58.93 -39.59
C SER D 67 -42.40 -57.85 -38.79
N LYS D 68 -43.09 -56.73 -38.57
CA LYS D 68 -42.60 -55.55 -37.81
C LYS D 68 -41.32 -55.02 -38.40
N SER D 69 -41.30 -54.95 -39.72
CA SER D 69 -40.13 -54.47 -40.50
C SER D 69 -40.59 -53.28 -41.33
N PHE D 70 -39.66 -52.37 -41.64
CA PHE D 70 -39.96 -51.24 -42.54
C PHE D 70 -38.67 -50.78 -43.20
N SER D 71 -38.77 -50.01 -44.28
CA SER D 71 -37.62 -49.57 -45.08
C SER D 71 -37.83 -48.15 -45.62
N LEU D 72 -36.70 -47.48 -45.74
CA LEU D 72 -36.52 -46.21 -46.46
C LEU D 72 -35.63 -46.52 -47.65
N ARG D 73 -36.11 -46.19 -48.83
CA ARG D 73 -35.32 -46.21 -50.09
C ARG D 73 -35.13 -44.76 -50.52
N ILE D 74 -33.89 -44.37 -50.79
CA ILE D 74 -33.53 -43.03 -51.30
C ILE D 74 -32.96 -43.24 -52.70
N SER D 75 -33.60 -42.64 -53.70
CA SER D 75 -33.29 -42.80 -55.11
C SER D 75 -32.49 -41.58 -55.55
N ASP D 76 -31.66 -41.75 -56.57
CA ASP D 76 -30.86 -40.67 -57.19
C ASP D 76 -30.06 -39.91 -56.12
N LEU D 77 -29.21 -40.59 -55.36
CA LEU D 77 -28.40 -39.99 -54.27
C LEU D 77 -27.56 -38.82 -54.78
N ARG D 78 -27.36 -37.82 -53.90
CA ARG D 78 -26.51 -36.62 -54.07
C ARG D 78 -25.54 -36.60 -52.89
N VAL D 79 -24.69 -35.59 -52.77
CA VAL D 79 -23.64 -35.52 -51.72
C VAL D 79 -24.27 -34.93 -50.45
N GLU D 80 -25.30 -34.09 -50.60
CA GLU D 80 -26.05 -33.48 -49.46
C GLU D 80 -26.83 -34.50 -48.62
N ASP D 81 -27.20 -35.63 -49.24
CA ASP D 81 -27.76 -36.83 -48.54
C ASP D 81 -26.77 -37.40 -47.47
N SER D 82 -25.47 -37.11 -47.56
CA SER D 82 -24.44 -37.68 -46.66
C SER D 82 -24.76 -37.30 -45.21
N GLY D 83 -24.82 -38.29 -44.31
CA GLY D 83 -25.18 -38.06 -42.90
C GLY D 83 -25.69 -39.31 -42.21
N THR D 84 -26.42 -39.17 -41.10
CA THR D 84 -26.89 -40.33 -40.29
C THR D 84 -28.42 -40.32 -40.35
N TYR D 85 -28.98 -41.46 -40.75
CA TYR D 85 -30.42 -41.76 -40.82
C TYR D 85 -30.81 -42.56 -39.60
N HIS D 86 -31.91 -42.18 -38.94
CA HIS D 86 -32.45 -42.90 -37.78
C HIS D 86 -33.89 -43.23 -38.04
N CYS D 87 -34.25 -44.48 -37.73
CA CYS D 87 -35.64 -44.94 -37.78
C CYS D 87 -36.20 -45.08 -36.38
N ARG D 88 -37.43 -44.62 -36.19
CA ARG D 88 -38.14 -44.72 -34.88
C ARG D 88 -39.42 -45.55 -35.07
N ALA D 89 -39.58 -46.60 -34.27
CA ALA D 89 -40.70 -47.54 -34.39
C ALA D 89 -41.64 -47.27 -33.21
N TYR D 90 -42.92 -47.03 -33.45
CA TYR D 90 -43.89 -46.66 -32.40
C TYR D 90 -44.75 -47.87 -32.17
N SER D 91 -44.97 -48.21 -30.90
CA SER D 91 -46.03 -49.14 -30.45
C SER D 91 -46.97 -48.35 -29.52
N LEU D 92 -48.25 -48.23 -29.91
CA LEU D 92 -49.25 -47.33 -29.27
C LEU D 92 -50.46 -48.14 -28.78
N SER D 93 -50.78 -49.29 -29.39
CA SER D 93 -51.56 -50.40 -28.77
C SER D 93 -50.78 -50.95 -27.56
N ALA D 94 -51.47 -51.53 -26.61
CA ALA D 94 -50.91 -51.86 -25.26
C ALA D 94 -51.39 -53.26 -24.83
N GLY D 95 -51.48 -54.17 -25.80
CA GLY D 95 -52.01 -55.52 -25.58
C GLY D 95 -50.86 -56.40 -25.22
N MET D 96 -50.27 -57.01 -26.23
CA MET D 96 -49.12 -57.91 -26.09
C MET D 96 -47.89 -57.11 -25.71
N CYS D 97 -47.94 -55.78 -25.67
CA CYS D 97 -46.78 -54.99 -25.25
C CYS D 97 -47.02 -54.49 -23.83
N ALA D 98 -46.00 -54.56 -22.99
CA ALA D 98 -45.96 -53.97 -21.61
C ALA D 98 -45.96 -52.45 -21.68
N TRP D 99 -45.54 -51.88 -22.80
CA TRP D 99 -45.28 -50.43 -22.92
C TRP D 99 -45.97 -49.88 -24.16
N MET D 100 -46.08 -48.55 -24.09
CA MET D 100 -46.47 -47.65 -25.21
C MET D 100 -45.45 -46.51 -25.38
N GLY D 101 -45.11 -46.25 -26.63
CA GLY D 101 -44.09 -45.25 -26.98
C GLY D 101 -43.22 -45.68 -28.14
N TYR D 102 -41.95 -45.33 -28.10
CA TYR D 102 -41.05 -45.65 -29.22
C TYR D 102 -39.66 -46.14 -28.79
N ILE D 103 -39.11 -47.00 -29.66
CA ILE D 103 -37.64 -47.33 -29.65
C ILE D 103 -37.09 -47.11 -31.06
N GLU D 104 -35.78 -46.86 -31.14
CA GLU D 104 -35.10 -46.26 -32.32
C GLU D 104 -33.90 -47.09 -32.72
N GLY D 105 -33.63 -47.09 -34.02
CA GLY D 105 -32.44 -47.76 -34.55
C GLY D 105 -31.15 -47.08 -34.09
N GLY D 106 -30.03 -47.80 -34.25
CA GLY D 106 -28.68 -47.31 -33.94
C GLY D 106 -28.17 -46.34 -35.01
N GLY D 107 -28.82 -46.29 -36.17
CA GLY D 107 -28.49 -45.33 -37.25
C GLY D 107 -27.84 -46.04 -38.41
N THR D 108 -27.83 -45.39 -39.58
CA THR D 108 -27.04 -45.79 -40.77
C THR D 108 -26.21 -44.57 -41.15
N ILE D 109 -24.89 -44.70 -41.21
CA ILE D 109 -24.01 -43.60 -41.63
C ILE D 109 -23.80 -43.73 -43.15
N VAL D 110 -24.35 -42.78 -43.89
CA VAL D 110 -24.32 -42.80 -45.39
C VAL D 110 -23.27 -41.80 -45.87
N THR D 111 -22.33 -42.24 -46.72
CA THR D 111 -21.37 -41.36 -47.46
C THR D 111 -21.67 -41.47 -48.96
N VAL D 112 -21.94 -40.35 -49.63
CA VAL D 112 -22.16 -40.31 -51.09
C VAL D 112 -21.01 -39.55 -51.75
N ASN D 113 -20.29 -40.16 -52.70
CA ASN D 113 -19.13 -39.56 -53.41
C ASN D 113 -19.56 -39.08 -54.81
N SER D 114 -18.74 -38.25 -55.46
CA SER D 114 -19.00 -37.71 -56.82
C SER D 114 -17.71 -37.64 -57.65
N SER D 115 -17.26 -38.76 -58.22
CA SER D 115 -16.00 -38.88 -59.01
C SER D 115 -16.15 -38.20 -60.38
N THR E 8 54.33 33.92 -17.80
CA THR E 8 54.45 35.28 -17.18
C THR E 8 53.16 36.06 -17.44
N ASN E 9 52.04 35.57 -16.90
CA ASN E 9 50.75 36.30 -16.78
C ASN E 9 50.32 36.22 -15.31
N LEU E 10 49.41 37.10 -14.92
CA LEU E 10 49.05 37.32 -13.49
C LEU E 10 48.39 36.07 -12.91
N CYS E 11 48.76 35.72 -11.68
CA CYS E 11 48.14 34.62 -10.92
C CYS E 11 46.67 34.95 -10.70
N PRO E 12 45.77 33.96 -10.91
CA PRO E 12 44.33 34.18 -10.74
C PRO E 12 43.84 34.24 -9.29
N PHE E 13 44.37 35.19 -8.51
CA PHE E 13 44.05 35.42 -7.09
C PHE E 13 42.61 35.91 -6.95
N GLY E 14 42.14 36.68 -7.92
CA GLY E 14 40.74 37.12 -8.01
C GLY E 14 39.73 35.99 -7.86
N GLU E 15 40.02 34.84 -8.47
CA GLU E 15 39.11 33.66 -8.43
C GLU E 15 38.95 33.19 -6.97
N VAL E 16 39.96 33.34 -6.11
CA VAL E 16 39.97 32.86 -4.70
C VAL E 16 39.28 33.91 -3.82
N PHE E 17 39.82 35.13 -3.85
CA PHE E 17 39.41 36.20 -2.90
C PHE E 17 37.99 36.72 -3.21
N ASN E 18 37.57 36.78 -4.48
CA ASN E 18 36.30 37.41 -4.90
C ASN E 18 35.30 36.34 -5.33
N ALA E 19 35.60 35.05 -5.14
CA ALA E 19 34.65 33.96 -5.45
C ALA E 19 33.31 34.34 -4.84
N THR E 20 32.19 34.06 -5.51
CA THR E 20 30.83 34.30 -4.99
C THR E 20 30.56 33.45 -3.75
N ARG E 21 30.88 32.15 -3.84
CA ARG E 21 30.73 31.10 -2.77
C ARG E 21 32.05 30.84 -2.04
N PHE E 22 32.00 30.80 -0.70
CA PHE E 22 33.12 30.32 0.13
C PHE E 22 32.67 29.06 0.86
N ALA E 23 33.60 28.15 1.08
CA ALA E 23 33.36 26.84 1.73
C ALA E 23 33.11 27.06 3.22
N SER E 24 32.41 26.12 3.83
CA SER E 24 32.40 25.84 5.30
C SER E 24 33.83 25.44 5.71
N VAL E 25 34.24 25.86 6.90
CA VAL E 25 35.62 25.59 7.41
C VAL E 25 35.90 24.08 7.42
N TYR E 26 34.95 23.24 7.81
CA TYR E 26 35.21 21.76 7.88
C TYR E 26 35.54 21.21 6.48
N ALA E 27 34.94 21.83 5.44
CA ALA E 27 35.04 21.42 4.01
C ALA E 27 35.89 22.45 3.22
N TRP E 28 36.93 22.99 3.83
CA TRP E 28 37.70 24.14 3.34
C TRP E 28 38.25 23.87 1.91
N ASN E 29 38.14 24.86 1.04
CA ASN E 29 38.70 24.81 -0.34
C ASN E 29 40.22 24.92 -0.32
N ARG E 30 40.85 24.24 -1.27
CA ARG E 30 42.29 24.41 -1.62
C ARG E 30 42.42 24.61 -3.12
N LYS E 31 43.01 25.73 -3.49
CA LYS E 31 43.31 26.06 -4.90
C LYS E 31 44.82 26.08 -5.05
N ARG E 32 45.34 25.23 -5.93
CA ARG E 32 46.79 25.23 -6.25
C ARG E 32 47.11 26.38 -7.23
N ILE E 33 48.12 27.18 -6.95
CA ILE E 33 48.56 28.31 -7.83
C ILE E 33 49.94 27.98 -8.41
N SER E 34 50.13 28.00 -9.72
CA SER E 34 51.48 27.82 -10.31
C SER E 34 51.57 28.51 -11.68
N ASN E 35 52.82 28.74 -12.07
CA ASN E 35 53.20 29.18 -13.43
C ASN E 35 52.54 30.52 -13.70
N CYS E 36 52.87 31.49 -12.86
CA CYS E 36 52.23 32.82 -12.90
C CYS E 36 53.02 33.79 -12.05
N VAL E 37 52.78 35.07 -12.33
CA VAL E 37 53.31 36.22 -11.56
C VAL E 37 52.25 36.79 -10.62
N ALA E 38 52.66 37.05 -9.37
CA ALA E 38 51.78 37.33 -8.22
C ALA E 38 52.19 38.66 -7.56
N ASP E 39 51.30 39.66 -7.63
CA ASP E 39 51.46 40.95 -6.94
C ASP E 39 50.89 40.75 -5.53
N TYR E 40 51.70 40.25 -4.58
CA TYR E 40 51.29 40.09 -3.15
C TYR E 40 51.09 41.48 -2.52
N SER E 41 51.92 42.45 -2.88
CA SER E 41 51.84 43.82 -2.35
C SER E 41 50.44 44.46 -2.55
N VAL E 42 49.80 44.28 -3.70
CA VAL E 42 48.44 44.85 -3.93
C VAL E 42 47.50 44.21 -2.89
N LEU E 43 47.65 42.92 -2.56
CA LEU E 43 46.79 42.31 -1.49
C LEU E 43 47.13 42.97 -0.15
N TYR E 44 48.40 42.97 0.19
CA TYR E 44 48.89 43.44 1.51
C TYR E 44 48.49 44.89 1.72
N ASN E 45 48.64 45.72 0.69
CA ASN E 45 48.31 47.16 0.76
C ASN E 45 46.83 47.44 0.51
N SER E 46 46.03 46.44 0.12
CA SER E 46 44.55 46.64 -0.02
C SER E 46 43.95 47.11 1.32
N ALA E 47 42.83 47.85 1.29
CA ALA E 47 42.19 48.39 2.51
C ALA E 47 41.10 47.44 3.08
N SER E 48 40.79 46.35 2.37
CA SER E 48 39.67 45.42 2.65
C SER E 48 39.97 44.47 3.81
N PHE E 49 41.22 44.10 4.06
CA PHE E 49 41.55 43.04 5.07
C PHE E 49 41.64 43.62 6.48
N SER E 50 41.21 42.84 7.47
CA SER E 50 41.25 43.12 8.91
C SER E 50 42.40 42.30 9.54
N THR E 51 42.81 41.21 8.90
CA THR E 51 43.93 40.36 9.34
C THR E 51 44.85 40.12 8.16
N PHE E 52 46.15 40.29 8.34
CA PHE E 52 47.16 39.86 7.35
C PHE E 52 48.46 39.54 8.06
N LYS E 53 48.66 38.27 8.40
CA LYS E 53 49.79 37.80 9.23
C LYS E 53 50.59 36.79 8.40
N CYS E 54 51.87 37.08 8.19
CA CYS E 54 52.78 36.25 7.40
C CYS E 54 53.82 35.62 8.33
N TYR E 55 53.93 34.30 8.26
CA TYR E 55 54.73 33.46 9.17
C TYR E 55 55.94 32.99 8.36
N GLY E 56 57.14 33.24 8.87
CA GLY E 56 58.42 32.84 8.25
C GLY E 56 58.75 33.65 7.01
N VAL E 57 58.04 34.72 6.72
CA VAL E 57 58.36 35.61 5.57
C VAL E 57 57.69 36.94 5.82
N SER E 58 58.38 38.04 5.50
CA SER E 58 57.88 39.43 5.66
C SER E 58 56.91 39.73 4.53
N PRO E 59 55.74 40.31 4.80
CA PRO E 59 54.80 40.63 3.74
C PRO E 59 55.38 41.57 2.67
N THR E 60 56.30 42.46 3.06
CA THR E 60 56.90 43.46 2.15
C THR E 60 58.03 42.85 1.30
N LYS E 61 58.39 41.57 1.48
CA LYS E 61 59.43 40.92 0.64
C LYS E 61 58.81 39.85 -0.27
N LEU E 62 57.48 39.68 -0.25
CA LEU E 62 56.81 38.59 -1.00
C LEU E 62 57.03 38.77 -2.51
N ASN E 63 56.99 40.02 -2.99
CA ASN E 63 57.15 40.35 -4.44
C ASN E 63 58.57 39.99 -4.90
N ASP E 64 59.49 39.74 -3.95
CA ASP E 64 60.93 39.53 -4.26
C ASP E 64 61.32 38.04 -4.28
N LEU E 65 60.41 37.17 -3.91
CA LEU E 65 60.63 35.71 -3.75
C LEU E 65 59.93 34.94 -4.88
N CYS E 66 60.48 33.76 -5.21
CA CYS E 66 59.87 32.72 -6.07
C CYS E 66 59.63 31.45 -5.25
N PHE E 67 58.56 30.70 -5.54
CA PHE E 67 58.17 29.43 -4.85
C PHE E 67 57.80 28.33 -5.86
N THR E 68 58.12 27.07 -5.51
CA THR E 68 57.78 25.82 -6.23
C THR E 68 56.26 25.74 -6.38
N ASN E 69 55.55 25.77 -5.25
CA ASN E 69 54.07 25.78 -5.22
C ASN E 69 53.58 26.79 -4.18
N VAL E 70 52.43 27.40 -4.52
CA VAL E 70 51.55 28.22 -3.65
C VAL E 70 50.21 27.51 -3.60
N TYR E 71 49.64 27.36 -2.42
CA TYR E 71 48.23 26.96 -2.20
C TYR E 71 47.49 28.10 -1.54
N ALA E 72 46.25 28.29 -1.94
CA ALA E 72 45.29 29.21 -1.34
C ALA E 72 44.14 28.39 -0.80
N ASP E 73 44.08 28.27 0.53
CA ASP E 73 42.98 27.61 1.26
C ASP E 73 42.00 28.70 1.65
N SER E 74 40.70 28.45 1.57
CA SER E 74 39.68 29.48 1.85
C SER E 74 38.43 28.86 2.47
N PHE E 75 37.84 29.61 3.40
CA PHE E 75 36.71 29.18 4.25
C PHE E 75 36.16 30.36 5.04
N VAL E 76 35.03 30.15 5.70
CA VAL E 76 34.33 31.12 6.59
C VAL E 76 34.33 30.60 8.02
N ILE E 77 34.61 31.49 8.97
CA ILE E 77 34.57 31.23 10.43
C ILE E 77 34.01 32.50 11.04
N ARG E 78 33.82 32.53 12.37
CA ARG E 78 33.40 33.73 13.13
C ARG E 78 34.63 34.57 13.43
N GLY E 79 34.45 35.88 13.64
CA GLY E 79 35.56 36.80 13.87
C GLY E 79 36.48 36.34 15.02
N ASP E 80 35.93 35.80 16.10
CA ASP E 80 36.74 35.47 17.31
C ASP E 80 37.41 34.10 17.17
N GLU E 81 37.25 33.44 16.00
CA GLU E 81 37.95 32.20 15.64
C GLU E 81 39.13 32.53 14.71
N VAL E 82 39.25 33.74 14.22
CA VAL E 82 40.36 34.04 13.26
C VAL E 82 41.71 33.80 13.93
N ARG E 83 41.81 34.00 15.24
CA ARG E 83 43.05 33.83 16.02
C ARG E 83 43.46 32.33 16.00
N GLN E 84 42.53 31.41 15.74
CA GLN E 84 42.79 29.95 15.74
C GLN E 84 43.49 29.53 14.44
N ILE E 85 43.49 30.40 13.42
CA ILE E 85 44.14 30.07 12.11
C ILE E 85 45.58 30.53 12.19
N ALA E 86 46.36 29.80 13.01
CA ALA E 86 47.78 30.08 13.31
C ALA E 86 48.42 28.81 13.82
N PRO E 87 49.75 28.65 13.63
CA PRO E 87 50.44 27.48 14.13
C PRO E 87 50.35 27.48 15.66
N GLY E 88 50.20 26.31 16.26
CA GLY E 88 50.27 26.13 17.70
C GLY E 88 48.96 26.38 18.42
N GLN E 89 47.92 26.82 17.72
CA GLN E 89 46.63 27.21 18.35
C GLN E 89 45.78 25.99 18.66
N THR E 90 44.84 26.10 19.57
CA THR E 90 43.95 24.98 19.93
C THR E 90 42.52 25.53 19.92
N GLY E 91 41.50 24.69 19.96
CA GLY E 91 40.07 25.09 19.85
C GLY E 91 39.42 24.25 18.79
N LYS E 92 38.12 24.35 18.63
CA LYS E 92 37.30 23.49 17.74
C LYS E 92 37.83 23.65 16.31
N ILE E 93 38.12 24.89 15.88
CA ILE E 93 38.57 25.13 14.49
C ILE E 93 39.95 24.49 14.26
N ALA E 94 40.93 24.88 15.05
CA ALA E 94 42.34 24.48 14.84
C ALA E 94 42.52 22.96 14.99
N ASP E 95 41.73 22.33 15.86
CA ASP E 95 41.83 20.90 16.21
C ASP E 95 41.03 20.04 15.20
N TYR E 96 39.80 20.44 14.84
CA TYR E 96 38.86 19.54 14.16
C TYR E 96 38.47 20.04 12.75
N ASN E 97 38.87 21.25 12.32
CA ASN E 97 38.41 21.79 11.00
C ASN E 97 39.57 22.16 10.06
N TYR E 98 40.47 23.02 10.52
CA TYR E 98 41.62 23.48 9.72
C TYR E 98 42.82 23.78 10.61
N LYS E 99 43.89 23.00 10.38
CA LYS E 99 45.12 22.98 11.18
C LYS E 99 46.32 23.35 10.32
N LEU E 100 47.13 24.31 10.79
CA LEU E 100 48.40 24.77 10.17
C LEU E 100 49.55 23.95 10.74
N PRO E 101 50.57 23.62 9.91
CA PRO E 101 51.76 22.91 10.40
C PRO E 101 52.55 23.77 11.38
N ASP E 102 53.36 23.14 12.24
CA ASP E 102 54.26 23.79 13.21
C ASP E 102 55.22 24.67 12.40
N ASP E 103 55.68 24.19 11.24
CA ASP E 103 56.74 24.87 10.44
C ASP E 103 56.11 25.78 9.36
N PHE E 104 54.91 26.33 9.58
CA PHE E 104 54.11 27.06 8.55
C PHE E 104 54.88 28.23 7.96
N THR E 105 54.94 28.30 6.64
CA THR E 105 55.41 29.49 5.91
C THR E 105 54.26 29.98 5.03
N GLY E 106 53.80 31.21 5.26
CA GLY E 106 52.63 31.72 4.51
C GLY E 106 51.92 32.82 5.27
N CYS E 107 50.79 33.26 4.73
CA CYS E 107 50.05 34.41 5.26
C CYS E 107 48.65 33.94 5.51
N VAL E 108 48.12 34.38 6.64
CA VAL E 108 46.70 34.20 7.01
C VAL E 108 46.03 35.53 6.76
N ILE E 109 45.00 35.57 5.94
CA ILE E 109 44.36 36.83 5.49
C ILE E 109 42.87 36.70 5.80
N ALA E 110 42.25 37.68 6.40
CA ALA E 110 40.81 37.63 6.70
C ALA E 110 40.17 39.01 6.57
N TRP E 111 38.87 38.99 6.27
CA TRP E 111 38.03 40.21 6.24
C TRP E 111 36.62 39.92 6.70
N ASN E 112 36.02 40.95 7.29
CA ASN E 112 34.61 40.91 7.73
C ASN E 112 33.73 40.67 6.49
N SER E 113 32.84 39.68 6.53
CA SER E 113 31.98 39.31 5.39
C SER E 113 30.52 39.39 5.82
N ASN E 114 30.21 40.17 6.86
CA ASN E 114 28.82 40.33 7.39
C ASN E 114 27.85 40.66 6.26
N ASN E 115 28.19 41.60 5.38
CA ASN E 115 27.37 42.03 4.22
C ASN E 115 27.11 40.90 3.19
N LEU E 116 27.93 39.85 3.12
CA LEU E 116 27.76 38.74 2.13
C LEU E 116 27.19 37.48 2.80
N ASP E 117 27.58 37.18 4.03
CA ASP E 117 27.32 35.87 4.70
C ASP E 117 26.42 36.02 5.92
N SER E 118 25.71 37.12 6.14
CA SER E 118 24.51 37.17 7.02
C SER E 118 23.24 37.56 6.24
N LYS E 119 22.11 36.87 6.50
CA LYS E 119 20.77 37.20 5.94
C LYS E 119 20.12 38.09 7.01
N VAL E 120 18.96 38.64 6.72
CA VAL E 120 17.98 39.11 7.76
C VAL E 120 17.36 37.78 8.20
N GLY E 121 17.20 37.56 9.50
CA GLY E 121 16.75 36.26 10.06
C GLY E 121 17.90 35.27 10.20
N GLY E 122 19.12 35.64 9.76
CA GLY E 122 20.34 34.86 10.04
C GLY E 122 20.65 33.88 8.92
N ASN E 123 21.94 33.72 8.65
CA ASN E 123 22.51 32.78 7.65
C ASN E 123 22.95 31.49 8.33
N TYR E 124 22.40 30.37 7.88
CA TYR E 124 22.58 29.04 8.51
C TYR E 124 23.31 28.07 7.57
N ASN E 125 23.92 28.58 6.50
CA ASN E 125 24.48 27.72 5.45
C ASN E 125 25.87 27.19 5.81
N TYR E 126 26.55 27.82 6.76
CA TYR E 126 27.92 27.45 7.19
C TYR E 126 27.88 26.49 8.39
N LEU E 127 28.71 25.46 8.28
CA LEU E 127 28.94 24.40 9.35
C LEU E 127 30.38 24.32 9.86
N TYR E 128 30.56 23.77 11.05
CA TYR E 128 31.91 23.44 11.56
C TYR E 128 31.82 22.10 12.28
N ARG E 129 32.92 21.36 12.26
CA ARG E 129 33.02 20.06 12.97
C ARG E 129 33.20 20.38 14.45
N LEU E 130 32.40 19.78 15.29
CA LEU E 130 32.36 20.03 16.75
C LEU E 130 33.06 18.89 17.49
N PHE E 131 33.12 17.71 16.90
CA PHE E 131 33.56 16.47 17.57
C PHE E 131 34.49 15.66 16.69
N ARG E 132 35.50 15.03 17.28
CA ARG E 132 36.37 14.13 16.51
C ARG E 132 37.21 13.27 17.44
N LYS E 133 37.60 12.10 16.94
CA LYS E 133 38.36 11.03 17.64
C LYS E 133 39.76 11.54 18.04
N SER E 134 40.35 12.37 17.20
CA SER E 134 41.67 12.98 17.40
C SER E 134 41.73 14.27 16.57
N ASN E 135 42.82 15.03 16.71
CA ASN E 135 43.02 16.34 16.06
C ASN E 135 43.43 16.12 14.61
N LEU E 136 43.06 17.03 13.69
CA LEU E 136 43.55 16.96 12.30
C LEU E 136 45.08 17.04 12.31
N LYS E 137 45.71 16.44 11.30
CA LYS E 137 47.15 16.73 11.02
C LYS E 137 47.18 17.99 10.18
N PRO E 138 48.33 18.72 10.08
CA PRO E 138 48.39 19.89 9.21
C PRO E 138 47.80 19.66 7.82
N PHE E 139 46.94 20.58 7.39
CA PHE E 139 46.28 20.56 6.07
C PHE E 139 45.47 19.29 5.86
N GLU E 140 45.00 18.64 6.92
CA GLU E 140 44.06 17.51 6.72
C GLU E 140 42.64 18.06 6.56
N ARG E 141 41.79 17.36 5.84
CA ARG E 141 40.39 17.79 5.57
C ARG E 141 39.50 16.62 5.94
N ASP E 142 38.47 16.79 6.74
CA ASP E 142 37.57 15.69 7.14
C ASP E 142 36.16 16.14 6.79
N ILE E 143 35.52 15.51 5.80
CA ILE E 143 34.15 15.89 5.42
C ILE E 143 33.18 14.77 5.79
N SER E 144 33.58 13.81 6.60
CA SER E 144 32.70 12.70 7.08
C SER E 144 31.55 13.20 7.97
N THR E 145 30.39 12.53 7.95
CA THR E 145 29.21 12.78 8.84
C THR E 145 28.94 11.53 9.68
N GLU E 146 29.98 10.75 9.95
CA GLU E 146 29.90 9.58 10.86
C GLU E 146 29.48 10.09 12.24
N ILE E 147 28.44 9.52 12.81
CA ILE E 147 28.01 9.77 14.21
C ILE E 147 29.20 9.49 15.15
N TYR E 148 29.57 10.46 15.97
CA TYR E 148 30.76 10.42 16.86
C TYR E 148 30.41 9.71 18.17
N GLN E 149 31.24 8.72 18.46
CA GLN E 149 31.13 7.80 19.59
C GLN E 149 31.96 8.44 20.70
N ALA E 150 31.29 9.05 21.69
CA ALA E 150 31.99 9.76 22.79
C ALA E 150 32.12 8.83 24.01
N GLY E 151 31.56 7.62 23.99
CA GLY E 151 31.60 6.68 25.12
C GLY E 151 32.21 5.34 24.74
N SER E 152 32.30 4.44 25.74
CA SER E 152 32.65 2.99 25.58
C SER E 152 31.61 2.24 24.72
N THR E 153 30.33 2.54 24.94
CA THR E 153 29.17 1.93 24.23
C THR E 153 29.25 2.12 22.70
N PRO E 154 29.32 1.01 21.90
CA PRO E 154 29.28 1.07 20.44
C PRO E 154 28.04 1.86 20.01
N CYS E 155 28.25 2.49 18.88
CA CYS E 155 27.39 3.50 18.18
C CYS E 155 27.11 2.98 16.76
N ASN E 156 25.85 2.85 16.33
CA ASN E 156 25.49 2.07 15.11
C ASN E 156 24.87 3.00 14.06
N GLY E 157 25.47 4.16 13.79
CA GLY E 157 24.88 5.16 12.88
C GLY E 157 23.69 5.86 13.53
N VAL E 158 23.49 5.69 14.85
CA VAL E 158 22.26 6.14 15.57
C VAL E 158 22.64 7.19 16.62
N GLU E 159 21.96 8.34 16.60
CA GLU E 159 22.17 9.45 17.58
C GLU E 159 21.59 9.01 18.92
N GLY E 160 22.38 9.11 19.99
CA GLY E 160 21.91 8.89 21.37
C GLY E 160 22.80 9.62 22.34
N PHE E 161 22.77 9.22 23.59
CA PHE E 161 23.24 10.03 24.74
C PHE E 161 24.77 10.24 24.77
N ASN E 162 25.52 9.37 24.11
CA ASN E 162 27.02 9.55 23.91
C ASN E 162 27.39 9.38 22.41
N CYS E 163 26.40 9.62 21.55
CA CYS E 163 26.47 9.33 20.11
C CYS E 163 26.03 10.56 19.33
N TYR E 164 26.97 11.43 18.95
CA TYR E 164 26.63 12.80 18.42
C TYR E 164 26.88 12.93 16.91
N PHE E 165 25.93 13.60 16.25
CA PHE E 165 26.18 14.18 14.90
C PHE E 165 27.36 15.13 15.04
N PRO E 166 28.39 15.03 14.20
CA PRO E 166 29.62 15.78 14.43
C PRO E 166 29.61 17.25 13.94
N LEU E 167 28.67 17.70 13.15
CA LEU E 167 28.71 19.07 12.55
C LEU E 167 27.61 19.95 13.21
N GLN E 168 27.88 21.21 13.36
CA GLN E 168 26.91 22.21 13.89
C GLN E 168 26.91 23.42 12.97
N SER E 169 25.82 24.14 13.00
CA SER E 169 25.60 25.35 12.15
C SER E 169 26.04 26.62 12.90
N TYR E 170 26.87 27.44 12.28
CA TYR E 170 27.00 28.91 12.55
C TYR E 170 25.65 29.55 12.21
N GLY E 171 25.09 30.32 13.15
CA GLY E 171 24.01 31.30 12.88
C GLY E 171 24.56 32.71 12.73
N PHE E 172 24.71 33.22 11.52
CA PHE E 172 25.27 34.57 11.27
C PHE E 172 24.15 35.62 11.29
N GLN E 173 23.87 36.13 12.49
CA GLN E 173 22.94 37.29 12.76
C GLN E 173 23.61 38.64 12.42
N PRO E 174 22.97 39.49 11.57
CA PRO E 174 23.67 40.65 11.03
C PRO E 174 23.92 41.77 12.06
N THR E 175 23.12 41.84 13.13
CA THR E 175 23.22 42.89 14.18
C THR E 175 24.14 42.46 15.32
N ASN E 176 24.69 41.23 15.25
CA ASN E 176 25.65 40.76 16.26
C ASN E 176 26.97 41.53 16.20
N GLY E 177 27.63 41.55 17.34
CA GLY E 177 29.03 41.92 17.53
C GLY E 177 29.96 41.27 16.51
N VAL E 178 31.06 41.98 16.24
CA VAL E 178 32.02 41.56 15.17
C VAL E 178 32.60 40.20 15.53
N GLY E 179 32.70 39.86 16.81
CA GLY E 179 33.30 38.56 17.21
C GLY E 179 32.45 37.40 16.69
N TYR E 180 31.16 37.66 16.50
CA TYR E 180 30.14 36.67 16.04
C TYR E 180 29.84 36.84 14.56
N GLN E 181 30.40 37.84 13.89
CA GLN E 181 30.15 38.07 12.45
C GLN E 181 30.95 37.04 11.67
N PRO E 182 30.52 36.73 10.42
CA PRO E 182 31.36 35.96 9.53
C PRO E 182 32.57 36.77 9.02
N TYR E 183 33.67 36.04 8.98
CA TYR E 183 34.94 36.43 8.33
C TYR E 183 35.29 35.42 7.25
N ARG E 184 35.55 35.94 6.06
CA ARG E 184 36.20 35.12 5.00
C ARG E 184 37.68 35.08 5.29
N VAL E 185 38.31 33.94 5.03
CA VAL E 185 39.73 33.69 5.35
C VAL E 185 40.38 33.05 4.13
N VAL E 186 41.57 33.51 3.79
CA VAL E 186 42.42 32.85 2.77
C VAL E 186 43.74 32.60 3.44
N VAL E 187 44.21 31.36 3.37
CA VAL E 187 45.57 31.03 3.87
C VAL E 187 46.45 30.71 2.68
N LEU E 188 47.50 31.52 2.45
CA LEU E 188 48.48 31.23 1.39
C LEU E 188 49.62 30.46 2.02
N SER E 189 49.95 29.27 1.54
CA SER E 189 51.18 28.51 1.90
C SER E 189 52.18 28.63 0.76
N PHE E 190 53.44 28.87 1.13
CA PHE E 190 54.60 28.96 0.22
C PHE E 190 55.47 27.72 0.42
N GLU E 191 55.67 26.92 -0.63
CA GLU E 191 56.55 25.73 -0.63
C GLU E 191 57.77 26.11 -1.46
N LEU E 192 58.97 25.95 -0.91
CA LEU E 192 60.26 25.97 -1.65
C LEU E 192 60.90 24.57 -1.54
N LEU E 193 60.72 23.75 -2.59
CA LEU E 193 61.17 22.34 -2.67
C LEU E 193 62.32 22.23 -3.68
N HIS E 194 62.80 21.00 -3.93
CA HIS E 194 63.74 20.63 -5.03
C HIS E 194 62.95 20.48 -6.34
N ALA E 195 62.57 21.63 -6.93
CA ALA E 195 61.87 21.73 -8.24
C ALA E 195 62.08 23.13 -8.82
N PRO E 196 61.67 23.36 -10.10
CA PRO E 196 61.73 24.70 -10.67
C PRO E 196 60.70 25.61 -9.99
N ALA E 197 61.13 26.80 -9.57
CA ALA E 197 60.25 27.82 -8.94
C ALA E 197 59.37 28.49 -10.00
N THR E 198 58.07 28.24 -9.98
CA THR E 198 57.08 28.63 -11.03
C THR E 198 56.25 29.84 -10.57
N VAL E 199 56.15 30.12 -9.26
CA VAL E 199 55.34 31.28 -8.78
C VAL E 199 56.30 32.37 -8.25
N CYS E 200 56.39 33.52 -8.93
CA CYS E 200 57.32 34.63 -8.60
C CYS E 200 56.51 35.93 -8.50
N GLY E 201 57.01 36.86 -7.71
CA GLY E 201 56.57 38.27 -7.67
C GLY E 201 56.98 38.99 -8.97
N PRO E 202 56.72 40.32 -9.09
CA PRO E 202 57.54 41.24 -9.94
C PRO E 202 58.91 41.60 -9.35
N ALA F 4 43.75 35.08 23.07
CA ALA F 4 42.99 35.67 21.94
C ALA F 4 43.63 37.00 21.48
N GLU F 5 44.71 36.90 20.70
CA GLU F 5 45.42 38.00 19.99
C GLU F 5 44.45 38.80 19.11
N ARG F 6 44.20 40.06 19.43
CA ARG F 6 43.24 40.94 18.71
C ARG F 6 43.60 42.41 18.91
N VAL F 7 43.00 43.29 18.11
CA VAL F 7 42.99 44.74 18.42
C VAL F 7 41.60 45.10 18.93
N GLU F 8 41.54 45.63 20.15
CA GLU F 8 40.29 46.05 20.82
C GLU F 8 40.11 47.53 20.59
N GLN F 9 39.10 47.88 19.82
CA GLN F 9 38.73 49.26 19.53
C GLN F 9 37.50 49.61 20.34
N THR F 10 37.61 50.67 21.12
CA THR F 10 36.57 51.22 21.99
C THR F 10 36.44 52.72 21.74
N PRO F 11 35.23 53.33 21.80
CA PRO F 11 33.97 52.58 21.95
C PRO F 11 33.62 51.85 20.64
N THR F 12 32.69 50.89 20.75
CA THR F 12 32.13 50.18 19.57
C THR F 12 31.18 51.12 18.81
N THR F 13 30.35 51.92 19.49
CA THR F 13 29.44 52.93 18.86
C THR F 13 29.47 54.20 19.69
N THR F 14 29.33 55.39 19.08
CA THR F 14 29.02 56.64 19.84
C THR F 14 28.10 57.53 19.03
N THR F 15 27.23 58.23 19.73
CA THR F 15 26.47 59.41 19.23
C THR F 15 27.03 60.67 19.88
N LYS F 16 27.26 61.71 19.06
CA LYS F 16 27.81 63.03 19.46
C LYS F 16 27.02 64.13 18.76
N GLU F 17 26.98 65.32 19.38
CA GLU F 17 26.51 66.58 18.76
C GLU F 17 27.67 67.23 17.98
N THR F 18 27.34 67.76 16.80
CA THR F 18 28.17 68.69 16.00
C THR F 18 28.91 69.65 16.94
N GLY F 19 30.21 69.91 16.76
CA GLY F 19 30.98 70.81 17.63
C GLY F 19 31.70 70.10 18.77
N GLU F 20 31.23 68.93 19.23
CA GLU F 20 31.93 68.14 20.29
C GLU F 20 33.14 67.48 19.66
N SER F 21 33.97 66.83 20.48
CA SER F 21 35.12 66.03 20.03
C SER F 21 34.89 64.61 20.47
N LEU F 22 35.68 63.70 19.94
CA LEU F 22 35.52 62.27 20.27
C LEU F 22 36.91 61.64 20.29
N THR F 23 37.13 60.64 21.13
CA THR F 23 38.38 59.87 21.16
C THR F 23 38.10 58.40 20.94
N ILE F 24 38.82 57.76 20.02
CA ILE F 24 38.75 56.29 19.82
C ILE F 24 40.08 55.74 20.33
N ASN F 25 40.05 54.69 21.15
CA ASN F 25 41.25 53.98 21.68
C ASN F 25 41.29 52.56 21.11
N CYS F 26 42.46 52.17 20.66
CA CYS F 26 42.82 50.84 20.16
C CYS F 26 43.98 50.30 20.99
N VAL F 27 43.94 49.02 21.36
CA VAL F 27 45.09 48.35 22.01
C VAL F 27 45.20 46.91 21.47
N LEU F 28 46.42 46.58 21.06
CA LEU F 28 46.82 45.24 20.58
C LEU F 28 46.94 44.39 21.85
N ARG F 29 45.97 43.50 22.09
CA ARG F 29 45.75 42.71 23.32
C ARG F 29 46.21 41.28 23.10
N ASP F 30 46.62 40.62 24.16
CA ASP F 30 46.96 39.16 24.18
C ASP F 30 48.00 38.90 23.08
N SER F 31 48.94 39.80 22.94
CA SER F 31 50.02 39.66 21.93
C SER F 31 51.35 39.84 22.60
N SER F 32 52.33 39.07 22.13
CA SER F 32 53.77 39.24 22.45
C SER F 32 54.44 40.15 21.40
N CYS F 33 53.67 40.58 20.41
CA CYS F 33 54.05 41.30 19.19
C CYS F 33 54.34 42.78 19.52
N ALA F 34 55.37 43.39 18.91
CA ALA F 34 55.63 44.85 19.01
C ALA F 34 54.66 45.62 18.12
N LEU F 35 54.28 46.82 18.56
CA LEU F 35 53.45 47.73 17.74
C LEU F 35 54.42 48.65 16.99
N ASP F 36 54.59 48.46 15.68
CA ASP F 36 55.63 49.16 14.88
C ASP F 36 55.01 50.31 14.07
N SER F 37 53.79 50.18 13.59
CA SER F 37 53.12 51.37 13.01
C SER F 37 51.61 51.19 13.09
N THR F 38 50.87 52.24 12.77
CA THR F 38 49.39 52.26 12.86
C THR F 38 48.83 52.90 11.59
N TYR F 39 47.56 52.66 11.32
CA TYR F 39 46.85 53.27 10.16
C TYR F 39 45.38 53.34 10.49
N TRP F 40 44.73 54.42 10.06
CA TRP F 40 43.28 54.64 10.24
C TRP F 40 42.59 54.80 8.90
N TYR F 41 41.40 54.25 8.80
CA TYR F 41 40.45 54.21 7.66
C TYR F 41 39.07 54.62 8.11
N PHE F 42 38.29 55.22 7.21
CA PHE F 42 36.91 55.70 7.39
C PHE F 42 36.03 55.18 6.25
N THR F 43 34.82 54.74 6.52
CA THR F 43 33.81 54.63 5.47
C THR F 43 32.71 55.57 5.91
N LYS F 44 32.24 56.46 5.03
CA LYS F 44 31.02 57.27 5.28
C LYS F 44 29.86 56.34 5.60
N LYS F 45 28.93 56.88 6.37
CA LYS F 45 27.55 56.32 6.54
C LYS F 45 26.98 55.95 5.17
N GLY F 46 26.62 54.68 5.00
CA GLY F 46 25.88 54.18 3.81
C GLY F 46 26.79 53.91 2.63
N ALA F 47 28.11 54.07 2.79
CA ALA F 47 29.12 53.75 1.77
C ALA F 47 29.76 52.40 2.13
N THR F 48 30.49 51.78 1.20
CA THR F 48 31.24 50.51 1.42
C THR F 48 32.73 50.72 1.12
N LYS F 49 33.10 51.85 0.54
CA LYS F 49 34.53 52.11 0.23
C LYS F 49 35.27 52.35 1.55
N LYS F 50 36.29 51.57 1.90
CA LYS F 50 37.26 51.92 2.98
C LYS F 50 38.29 52.87 2.36
N GLU F 51 38.37 54.10 2.87
CA GLU F 51 39.33 55.17 2.45
C GLU F 51 40.21 55.62 3.63
N SER F 52 41.42 56.05 3.24
CA SER F 52 42.51 56.49 4.15
C SER F 52 42.07 57.74 4.93
N LEU F 53 42.35 57.80 6.23
CA LEU F 53 42.13 59.06 6.99
C LEU F 53 43.32 59.97 6.66
N SER F 54 43.21 61.31 6.58
CA SER F 54 44.43 62.17 6.64
C SER F 54 44.72 62.42 8.11
N ASN F 55 45.98 62.66 8.44
CA ASN F 55 46.34 62.99 9.83
C ASN F 55 46.27 64.52 10.00
N GLY F 56 45.27 65.20 9.40
CA GLY F 56 45.27 66.67 9.14
C GLY F 56 44.24 67.40 9.96
N GLY F 57 44.56 68.63 10.40
CA GLY F 57 43.58 69.58 10.97
C GLY F 57 42.80 69.05 12.18
N ARG F 58 41.64 68.43 11.96
CA ARG F 58 40.70 68.04 13.05
C ARG F 58 41.06 66.67 13.62
N TYR F 59 42.01 65.94 13.00
CA TYR F 59 42.34 64.54 13.33
C TYR F 59 43.72 64.51 13.97
N ALA F 60 43.82 63.98 15.21
CA ALA F 60 45.10 63.93 15.93
C ALA F 60 45.29 62.49 16.42
N GLU F 61 46.52 61.99 16.29
CA GLU F 61 46.94 60.61 16.60
C GLU F 61 47.89 60.60 17.79
N THR F 62 47.75 59.60 18.62
CA THR F 62 48.66 59.35 19.78
C THR F 62 49.12 57.91 19.70
N VAL F 63 50.31 57.54 20.16
CA VAL F 63 50.74 56.12 20.22
C VAL F 63 51.53 55.92 21.50
N ASN F 64 51.29 54.84 22.24
CA ASN F 64 52.23 54.37 23.29
C ASN F 64 52.72 53.01 22.84
N LYS F 65 53.93 52.94 22.32
CA LYS F 65 54.42 51.67 21.76
C LYS F 65 54.60 50.63 22.86
N ALA F 66 55.14 50.97 24.03
CA ALA F 66 55.32 50.04 25.15
C ALA F 66 54.00 49.33 25.50
N SER F 67 52.90 50.06 25.61
CA SER F 67 51.58 49.55 26.08
C SER F 67 50.79 49.02 24.87
N LYS F 68 51.31 49.28 23.68
CA LYS F 68 50.73 48.85 22.38
C LYS F 68 49.33 49.40 22.22
N SER F 69 49.16 50.65 22.59
CA SER F 69 47.86 51.35 22.53
C SER F 69 48.04 52.58 21.64
N PHE F 70 46.96 53.01 20.99
CA PHE F 70 46.98 54.26 20.19
C PHE F 70 45.57 54.82 20.11
N SER F 71 45.45 56.09 19.75
CA SER F 71 44.16 56.82 19.74
C SER F 71 44.09 57.80 18.56
N LEU F 72 42.87 57.96 18.10
CA LEU F 72 42.42 59.01 17.17
C LEU F 72 41.46 59.89 17.93
N ARG F 73 41.76 61.18 17.96
CA ARG F 73 40.84 62.23 18.47
C ARG F 73 40.39 63.05 17.28
N ILE F 74 39.08 63.23 17.12
CA ILE F 74 38.48 64.09 16.08
C ILE F 74 37.79 65.24 16.79
N SER F 75 38.22 66.45 16.48
CA SER F 75 37.78 67.70 17.14
C SER F 75 36.77 68.37 16.23
N ASP F 76 35.86 69.14 16.82
CA ASP F 76 34.84 69.95 16.10
C ASP F 76 34.07 69.07 15.11
N LEU F 77 33.41 68.01 15.60
CA LEU F 77 32.65 67.04 14.76
C LEU F 77 31.59 67.77 13.91
N ARG F 78 31.34 67.22 12.72
CA ARG F 78 30.31 67.63 11.73
C ARG F 78 29.49 66.38 11.43
N VAL F 79 28.51 66.46 10.53
CA VAL F 79 27.58 65.32 10.22
C VAL F 79 28.26 64.43 9.19
N GLU F 80 29.13 64.98 8.34
CA GLU F 80 29.90 64.22 7.31
C GLU F 80 30.91 63.24 7.90
N ASP F 81 31.38 63.52 9.12
CA ASP F 81 32.18 62.56 9.96
C ASP F 81 31.42 61.24 10.25
N SER F 82 30.08 61.22 10.15
CA SER F 82 29.24 60.03 10.49
C SER F 82 29.67 58.85 9.62
N GLY F 83 29.97 57.70 10.25
CA GLY F 83 30.44 56.50 9.53
C GLY F 83 31.22 55.55 10.43
N THR F 84 32.04 54.66 9.84
CA THR F 84 32.76 53.62 10.62
C THR F 84 34.25 53.90 10.46
N TYR F 85 34.93 54.00 11.61
CA TYR F 85 36.39 54.19 11.76
C TYR F 85 37.03 52.86 12.07
N HIS F 86 38.10 52.53 11.38
CA HIS F 86 38.87 51.29 11.60
C HIS F 86 40.32 51.65 11.86
N CYS F 87 40.89 51.02 12.88
CA CYS F 87 42.31 51.13 13.19
C CYS F 87 43.03 49.85 12.80
N ARG F 88 44.19 50.00 12.17
CA ARG F 88 45.05 48.86 11.77
C ARG F 88 46.40 48.96 12.47
N ALA F 89 46.80 47.91 13.18
CA ALA F 89 48.04 47.90 13.98
C ALA F 89 49.04 47.01 13.24
N TYR F 90 50.23 47.50 12.95
CA TYR F 90 51.25 46.77 12.15
C TYR F 90 52.30 46.29 13.12
N SER F 91 52.69 45.02 12.99
CA SER F 91 53.92 44.46 13.60
C SER F 91 54.83 43.98 12.45
N LEU F 92 56.02 44.58 12.33
CA LEU F 92 56.94 44.41 11.16
C LEU F 92 58.30 43.87 11.62
N SER F 93 58.74 44.13 12.86
CA SER F 93 59.73 43.32 13.61
C SER F 93 59.17 41.89 13.81
N ALA F 94 60.06 40.92 13.97
CA ALA F 94 59.71 39.47 13.90
C ALA F 94 60.45 38.71 15.01
N GLY F 95 60.57 39.37 16.17
CA GLY F 95 61.33 38.83 17.31
C GLY F 95 60.37 38.07 18.14
N MET F 96 59.76 38.76 19.11
CA MET F 96 58.79 38.20 20.05
C MET F 96 57.49 37.87 19.30
N CYS F 97 57.35 38.25 18.03
CA CYS F 97 56.13 37.93 17.28
C CYS F 97 56.44 36.78 16.33
N ALA F 98 55.55 35.82 16.25
CA ALA F 98 55.56 34.70 15.26
C ALA F 98 55.31 35.22 13.83
N TRP F 99 54.69 36.37 13.72
CA TRP F 99 54.19 36.90 12.43
C TRP F 99 54.64 38.33 12.23
N MET F 100 54.55 38.70 10.95
CA MET F 100 54.69 40.08 10.43
C MET F 100 53.50 40.44 9.54
N GLY F 101 52.98 41.65 9.74
CA GLY F 101 51.81 42.16 9.01
C GLY F 101 50.89 42.98 9.89
N TYR F 102 49.59 42.87 9.69
CA TYR F 102 48.63 43.69 10.45
C TYR F 102 47.38 42.92 10.91
N ILE F 103 46.88 43.37 12.07
CA ILE F 103 45.51 43.05 12.55
C ILE F 103 44.78 44.36 12.87
N GLU F 104 43.45 44.32 12.81
CA GLU F 104 42.57 45.51 12.70
C GLU F 104 41.46 45.45 13.74
N GLY F 105 41.05 46.63 14.19
CA GLY F 105 39.92 46.73 15.12
C GLY F 105 38.61 46.31 14.47
N GLY F 106 37.60 46.08 15.30
CA GLY F 106 36.23 45.73 14.87
C GLY F 106 35.49 46.97 14.38
N GLY F 107 36.00 48.18 14.64
CA GLY F 107 35.41 49.44 14.15
C GLY F 107 34.75 50.21 15.26
N THR F 108 34.51 51.50 15.04
CA THR F 108 33.67 52.38 15.89
C THR F 108 32.63 53.00 14.95
N ILE F 109 31.35 52.79 15.23
CA ILE F 109 30.27 53.40 14.43
C ILE F 109 29.91 54.75 15.07
N VAL F 110 30.23 55.83 14.38
CA VAL F 110 30.05 57.21 14.88
C VAL F 110 28.80 57.82 14.21
N THR F 111 27.84 58.34 15.00
CA THR F 111 26.70 59.16 14.54
C THR F 111 26.84 60.58 15.10
N VAL F 112 26.87 61.59 14.23
CA VAL F 112 26.92 63.01 14.67
C VAL F 112 25.60 63.70 14.29
N ASN F 113 24.88 64.28 15.25
CA ASN F 113 23.56 64.96 15.05
C ASN F 113 23.76 66.47 15.01
N SER F 114 22.76 67.21 14.51
CA SER F 114 22.78 68.69 14.42
C SER F 114 21.39 69.25 14.75
N SER F 115 20.99 69.23 16.02
CA SER F 115 19.84 70.01 16.55
C SER F 115 20.26 71.48 16.69
N GLY F 116 20.01 72.28 15.64
CA GLY F 116 20.33 73.71 15.54
C GLY F 116 19.08 74.54 15.34
N THR G 8 45.10 21.37 -13.77
CA THR G 8 45.37 20.32 -14.81
C THR G 8 46.83 20.43 -15.25
N ASN G 9 47.76 20.18 -14.30
CA ASN G 9 49.19 19.89 -14.55
C ASN G 9 49.50 18.58 -13.82
N LEU G 10 50.60 17.94 -14.20
CA LEU G 10 50.96 16.58 -13.72
C LEU G 10 51.22 16.57 -12.21
N CYS G 11 50.70 15.55 -11.55
CA CYS G 11 50.94 15.30 -10.11
C CYS G 11 52.44 15.08 -9.90
N PRO G 12 53.04 15.71 -8.88
CA PRO G 12 54.48 15.63 -8.66
C PRO G 12 54.94 14.32 -8.00
N PHE G 13 54.70 13.20 -8.68
CA PHE G 13 55.04 11.82 -8.23
C PHE G 13 56.56 11.64 -8.22
N GLY G 14 57.24 12.31 -9.14
CA GLY G 14 58.72 12.36 -9.19
C GLY G 14 59.35 12.73 -7.87
N GLU G 15 58.77 13.70 -7.15
CA GLU G 15 59.29 14.18 -5.85
C GLU G 15 59.30 13.02 -4.84
N VAL G 16 58.36 12.09 -4.92
CA VAL G 16 58.18 10.95 -3.95
C VAL G 16 59.12 9.83 -4.37
N PHE G 17 58.96 9.34 -5.59
CA PHE G 17 59.64 8.11 -6.10
C PHE G 17 61.15 8.33 -6.29
N ASN G 18 61.59 9.53 -6.70
CA ASN G 18 63.00 9.80 -7.09
C ASN G 18 63.68 10.67 -6.04
N ALA G 19 63.02 10.93 -4.90
CA ALA G 19 63.62 11.71 -3.79
C ALA G 19 65.01 11.14 -3.55
N THR G 20 66.01 11.98 -3.26
CA THR G 20 67.39 11.51 -2.94
C THR G 20 67.39 10.72 -1.63
N ARG G 21 66.74 11.29 -0.60
CA ARG G 21 66.56 10.70 0.78
C ARG G 21 65.20 10.02 0.96
N PHE G 22 65.21 8.79 1.49
CA PHE G 22 63.98 8.12 1.96
C PHE G 22 64.04 7.96 3.47
N ALA G 23 62.87 8.04 4.10
CA ALA G 23 62.70 7.94 5.55
C ALA G 23 62.95 6.50 6.00
N SER G 24 63.33 6.33 7.26
CA SER G 24 63.23 5.07 8.05
C SER G 24 61.75 4.73 8.19
N VAL G 25 61.43 3.44 8.16
CA VAL G 25 60.01 2.96 8.23
C VAL G 25 59.32 3.50 9.48
N TYR G 26 60.01 3.55 10.64
CA TYR G 26 59.39 4.04 11.90
C TYR G 26 58.92 5.50 11.75
N ALA G 27 59.67 6.27 10.95
CA ALA G 27 59.49 7.74 10.72
C ALA G 27 58.98 7.99 9.29
N TRP G 28 58.11 7.13 8.78
CA TRP G 28 57.70 7.08 7.37
C TRP G 28 57.12 8.46 6.91
N ASN G 29 57.52 8.88 5.72
CA ASN G 29 56.99 10.12 5.08
C ASN G 29 55.56 9.92 4.60
N ARG G 30 54.78 11.00 4.67
CA ARG G 30 53.47 11.13 3.98
C ARG G 30 53.45 12.42 3.17
N LYS G 31 53.20 12.29 1.89
CA LYS G 31 53.00 13.42 0.96
C LYS G 31 51.56 13.41 0.50
N ARG G 32 50.83 14.47 0.78
CA ARG G 32 49.44 14.62 0.26
C ARG G 32 49.47 15.08 -1.20
N ILE G 33 48.73 14.43 -2.08
CA ILE G 33 48.65 14.77 -3.53
C ILE G 33 47.25 15.29 -3.86
N SER G 34 47.10 16.48 -4.43
CA SER G 34 45.77 16.96 -4.87
C SER G 34 45.90 17.97 -6.01
N ASN G 35 44.79 18.13 -6.72
CA ASN G 35 44.57 19.20 -7.73
C ASN G 35 45.61 19.03 -8.83
N CYS G 36 45.56 17.87 -9.46
CA CYS G 36 46.58 17.46 -10.47
C CYS G 36 46.08 16.26 -11.22
N VAL G 37 46.71 16.06 -12.39
CA VAL G 37 46.54 14.89 -13.28
C VAL G 37 47.68 13.88 -13.11
N ALA G 38 47.34 12.60 -13.00
CA ALA G 38 48.22 11.50 -12.55
C ALA G 38 48.22 10.37 -13.59
N ASP G 39 49.37 10.15 -14.23
CA ASP G 39 49.58 9.01 -15.14
C ASP G 39 50.04 7.83 -14.28
N TYR G 40 49.10 7.07 -13.70
CA TYR G 40 49.41 5.84 -12.89
C TYR G 40 49.98 4.77 -13.82
N SER G 41 49.49 4.66 -15.05
CA SER G 41 49.95 3.65 -16.03
C SER G 41 51.47 3.71 -16.26
N VAL G 42 52.07 4.90 -16.37
CA VAL G 42 53.52 5.01 -16.58
C VAL G 42 54.22 4.39 -15.36
N LEU G 43 53.68 4.57 -14.14
CA LEU G 43 54.31 3.88 -12.95
C LEU G 43 54.15 2.36 -13.08
N TYR G 44 52.91 1.94 -13.32
CA TYR G 44 52.54 0.51 -13.33
C TYR G 44 53.35 -0.21 -14.40
N ASN G 45 53.45 0.40 -15.57
CA ASN G 45 54.18 -0.19 -16.73
C ASN G 45 55.68 0.08 -16.68
N SER G 46 56.17 0.89 -15.74
CA SER G 46 57.66 1.07 -15.57
C SER G 46 58.35 -0.28 -15.29
N ALA G 47 59.63 -0.44 -15.67
CA ALA G 47 60.38 -1.71 -15.49
C ALA G 47 61.15 -1.74 -14.16
N SER G 48 61.15 -0.64 -13.40
CA SER G 48 61.95 -0.44 -12.17
C SER G 48 61.35 -1.18 -10.96
N PHE G 49 60.05 -1.37 -10.89
CA PHE G 49 59.39 -1.92 -9.68
C PHE G 49 59.42 -3.46 -9.69
N SER G 50 59.59 -4.03 -8.49
CA SER G 50 59.61 -5.47 -8.19
C SER G 50 58.26 -5.86 -7.54
N THR G 51 57.58 -4.90 -6.93
CA THR G 51 56.25 -5.09 -6.32
C THR G 51 55.33 -3.99 -6.80
N PHE G 52 54.13 -4.33 -7.24
CA PHE G 52 53.05 -3.36 -7.51
C PHE G 52 51.70 -4.04 -7.30
N LYS G 53 51.13 -3.89 -6.11
CA LYS G 53 49.90 -4.57 -5.70
C LYS G 53 48.86 -3.51 -5.33
N CYS G 54 47.72 -3.54 -6.01
CA CYS G 54 46.61 -2.59 -5.82
C CYS G 54 45.44 -3.32 -5.18
N TYR G 55 44.96 -2.77 -4.08
CA TYR G 55 43.93 -3.37 -3.20
C TYR G 55 42.65 -2.57 -3.41
N GLY G 56 41.56 -3.24 -3.78
CA GLY G 56 40.23 -2.65 -3.98
C GLY G 56 40.16 -1.84 -5.27
N VAL G 57 41.16 -1.90 -6.14
CA VAL G 57 41.11 -1.20 -7.46
C VAL G 57 42.13 -1.89 -8.35
N SER G 58 41.79 -2.03 -9.63
CA SER G 58 42.66 -2.70 -10.64
C SER G 58 43.72 -1.70 -11.10
N PRO G 59 44.99 -2.10 -11.18
CA PRO G 59 46.03 -1.17 -11.62
C PRO G 59 45.78 -0.62 -13.03
N THR G 60 45.13 -1.39 -13.90
CA THR G 60 44.89 -1.02 -15.31
C THR G 60 43.66 -0.11 -15.43
N LYS G 61 42.95 0.22 -14.34
CA LYS G 61 41.80 1.18 -14.40
C LYS G 61 42.15 2.49 -13.69
N LEU G 62 43.36 2.65 -13.18
CA LEU G 62 43.71 3.82 -12.33
C LEU G 62 43.57 5.14 -13.12
N ASN G 63 43.99 5.15 -14.38
CA ASN G 63 43.96 6.39 -15.23
C ASN G 63 42.51 6.79 -15.50
N ASP G 64 41.54 5.90 -15.19
CA ASP G 64 40.11 6.13 -15.54
C ASP G 64 39.30 6.64 -14.35
N LEU G 65 39.90 6.70 -13.17
CA LEU G 65 39.28 7.09 -11.89
C LEU G 65 39.74 8.48 -11.47
N CYS G 66 38.88 9.16 -10.73
CA CYS G 66 39.15 10.41 -9.96
C CYS G 66 39.01 10.14 -8.46
N PHE G 67 39.81 10.80 -7.62
CA PHE G 67 39.79 10.68 -6.14
C PHE G 67 39.83 12.07 -5.46
N THR G 68 39.14 12.17 -4.30
CA THR G 68 39.10 13.33 -3.38
C THR G 68 40.52 13.66 -2.92
N ASN G 69 41.18 12.67 -2.31
CA ASN G 69 42.59 12.79 -1.88
C ASN G 69 43.35 11.50 -2.20
N VAL G 70 44.63 11.69 -2.53
CA VAL G 70 45.70 10.67 -2.66
C VAL G 70 46.77 11.02 -1.65
N TYR G 71 47.25 10.04 -0.90
CA TYR G 71 48.47 10.13 -0.07
C TYR G 71 49.49 9.16 -0.61
N ALA G 72 50.75 9.59 -0.60
CA ALA G 72 51.93 8.79 -0.92
C ALA G 72 52.80 8.69 0.31
N ASP G 73 52.80 7.52 0.93
CA ASP G 73 53.66 7.19 2.09
C ASP G 73 54.91 6.52 1.53
N SER G 74 56.08 6.81 2.08
CA SER G 74 57.36 6.26 1.56
C SER G 74 58.35 6.03 2.68
N PHE G 75 59.11 4.94 2.54
CA PHE G 75 60.07 4.43 3.56
C PHE G 75 60.92 3.30 2.97
N VAL G 76 61.92 2.87 3.74
CA VAL G 76 62.83 1.74 3.41
C VAL G 76 62.64 0.61 4.42
N ILE G 77 62.59 -0.61 3.92
CA ILE G 77 62.52 -1.87 4.71
C ILE G 77 63.40 -2.86 3.98
N ARG G 78 63.55 -4.10 4.49
CA ARG G 78 64.27 -5.20 3.83
C ARG G 78 63.33 -5.89 2.86
N GLY G 79 63.87 -6.54 1.83
CA GLY G 79 63.06 -7.17 0.77
C GLY G 79 62.00 -8.13 1.37
N ASP G 80 62.35 -8.91 2.39
CA ASP G 80 61.44 -9.97 2.91
C ASP G 80 60.41 -9.37 3.89
N GLU G 81 60.41 -8.06 4.08
CA GLU G 81 59.40 -7.32 4.86
C GLU G 81 58.39 -6.67 3.92
N VAL G 82 58.63 -6.66 2.62
CA VAL G 82 57.65 -5.99 1.71
C VAL G 82 56.27 -6.63 1.84
N ARG G 83 56.20 -7.93 2.11
CA ARG G 83 54.94 -8.68 2.23
C ARG G 83 54.16 -8.18 3.47
N GLN G 84 54.81 -7.54 4.44
CA GLN G 84 54.15 -7.00 5.67
C GLN G 84 53.40 -5.69 5.36
N ILE G 85 53.64 -5.08 4.20
CA ILE G 85 52.99 -3.79 3.84
C ILE G 85 51.71 -4.15 3.08
N ALA G 86 50.75 -4.69 3.84
CA ALA G 86 49.47 -5.21 3.33
C ALA G 86 48.47 -5.25 4.47
N PRO G 87 47.17 -5.13 4.16
CA PRO G 87 46.15 -5.15 5.21
C PRO G 87 46.18 -6.52 5.87
N GLY G 88 45.98 -6.57 7.19
CA GLY G 88 45.82 -7.83 7.92
C GLY G 88 47.11 -8.49 8.32
N GLN G 89 48.27 -7.97 7.92
CA GLN G 89 49.59 -8.56 8.21
C GLN G 89 50.01 -8.28 9.65
N THR G 90 50.92 -9.09 10.19
CA THR G 90 51.48 -8.90 11.53
C THR G 90 53.00 -9.03 11.37
N GLY G 91 53.78 -8.67 12.39
CA GLY G 91 55.26 -8.63 12.35
C GLY G 91 55.71 -7.29 12.84
N LYS G 92 57.00 -7.08 13.00
CA LYS G 92 57.60 -5.87 13.63
C LYS G 92 57.15 -4.65 12.81
N ILE G 93 57.19 -4.76 11.48
CA ILE G 93 56.87 -3.59 10.62
C ILE G 93 55.38 -3.25 10.75
N ALA G 94 54.52 -4.21 10.45
CA ALA G 94 53.06 -3.97 10.37
C ALA G 94 52.47 -3.55 11.73
N ASP G 95 53.05 -4.04 12.83
CA ASP G 95 52.56 -3.82 14.21
C ASP G 95 53.13 -2.51 14.78
N TYR G 96 54.42 -2.25 14.60
CA TYR G 96 55.11 -1.17 15.38
C TYR G 96 55.65 -0.03 14.47
N ASN G 97 55.59 -0.13 13.14
CA ASN G 97 56.21 0.92 12.26
C ASN G 97 55.21 1.53 11.28
N TYR G 98 54.54 0.71 10.49
CA TYR G 98 53.59 1.16 9.45
C TYR G 98 52.50 0.13 9.22
N LYS G 99 51.27 0.55 9.52
CA LYS G 99 50.06 -0.30 9.54
C LYS G 99 49.03 0.22 8.55
N LEU G 100 48.52 -0.64 7.66
CA LEU G 100 47.44 -0.37 6.68
C LEU G 100 46.09 -0.69 7.30
N PRO G 101 45.04 0.10 7.02
CA PRO G 101 43.69 -0.18 7.51
C PRO G 101 43.13 -1.46 6.88
N ASP G 102 42.16 -2.10 7.55
CA ASP G 102 41.52 -3.35 7.12
C ASP G 102 40.87 -3.06 5.75
N ASP G 103 40.29 -1.88 5.56
CA ASP G 103 39.51 -1.53 4.33
C ASP G 103 40.40 -0.82 3.30
N PHE G 104 41.71 -1.10 3.24
CA PHE G 104 42.69 -0.33 2.42
C PHE G 104 42.31 -0.32 0.93
N THR G 105 42.28 0.87 0.35
CA THR G 105 42.20 1.04 -1.12
C THR G 105 43.44 1.78 -1.58
N GLY G 106 44.24 1.17 -2.46
CA GLY G 106 45.51 1.76 -2.89
C GLY G 106 46.49 0.73 -3.38
N CYS G 107 47.72 1.15 -3.65
CA CYS G 107 48.74 0.31 -4.27
C CYS G 107 49.96 0.39 -3.40
N VAL G 108 50.57 -0.76 -3.21
CA VAL G 108 51.87 -0.91 -2.52
C VAL G 108 52.91 -1.12 -3.60
N ILE G 109 53.92 -0.27 -3.67
CA ILE G 109 54.91 -0.27 -4.78
C ILE G 109 56.29 -0.37 -4.15
N ALA G 110 57.17 -1.22 -4.63
CA ALA G 110 58.53 -1.33 -4.07
C ALA G 110 59.54 -1.68 -5.15
N TRP G 111 60.79 -1.29 -4.90
CA TRP G 111 61.94 -1.63 -5.75
C TRP G 111 63.21 -1.82 -4.94
N ASN G 112 64.07 -2.69 -5.45
CA ASN G 112 65.39 -2.95 -4.85
C ASN G 112 66.22 -1.66 -4.87
N SER G 113 66.77 -1.24 -3.72
CA SER G 113 67.52 0.01 -3.59
C SER G 113 68.93 -0.30 -3.07
N ASN G 114 69.41 -1.52 -3.27
CA ASN G 114 70.76 -1.95 -2.82
C ASN G 114 71.85 -0.97 -3.25
N ASN G 115 71.82 -0.53 -4.52
CA ASN G 115 72.78 0.43 -5.12
C ASN G 115 72.73 1.82 -4.46
N LEU G 116 71.64 2.22 -3.79
CA LEU G 116 71.52 3.57 -3.15
C LEU G 116 71.67 3.46 -1.62
N ASP G 117 71.16 2.42 -0.99
CA ASP G 117 71.00 2.31 0.49
C ASP G 117 71.88 1.22 1.11
N SER G 118 72.88 0.66 0.43
CA SER G 118 74.00 -0.07 1.08
C SER G 118 75.37 0.59 0.86
N LYS G 119 76.21 0.70 1.91
CA LYS G 119 77.59 1.19 1.84
C LYS G 119 78.46 -0.05 1.72
N VAL G 120 79.78 0.14 1.70
CA VAL G 120 80.80 -0.94 1.67
C VAL G 120 81.00 -1.51 3.07
N GLY G 121 80.96 -0.71 4.13
CA GLY G 121 81.02 -1.24 5.52
C GLY G 121 79.65 -1.76 5.99
N GLY G 122 78.62 -1.61 5.13
CA GLY G 122 77.20 -1.71 5.54
C GLY G 122 76.64 -0.33 5.89
N ASN G 123 75.37 -0.12 5.54
CA ASN G 123 74.58 1.09 5.81
C ASN G 123 73.74 0.86 7.07
N TYR G 124 73.94 1.71 8.07
CA TYR G 124 73.30 1.61 9.41
C TYR G 124 72.42 2.82 9.69
N ASN G 125 72.09 3.58 8.67
CA ASN G 125 71.37 4.86 8.83
C ASN G 125 69.87 4.62 8.92
N TYR G 126 69.38 3.45 8.50
CA TYR G 126 67.95 3.08 8.59
C TYR G 126 67.68 2.31 9.88
N LEU G 127 66.58 2.73 10.52
CA LEU G 127 66.04 2.16 11.81
C LEU G 127 64.61 1.62 11.67
N TYR G 128 64.26 0.72 12.56
CA TYR G 128 62.86 0.27 12.70
C TYR G 128 62.57 0.12 14.19
N ARG G 129 61.32 0.35 14.55
CA ARG G 129 60.85 0.21 15.95
C ARG G 129 60.73 -1.28 16.23
N LEU G 130 61.36 -1.72 17.31
CA LEU G 130 61.47 -3.17 17.66
C LEU G 130 60.49 -3.46 18.80
N PHE G 131 60.14 -2.47 19.59
CA PHE G 131 59.38 -2.64 20.86
C PHE G 131 58.33 -1.56 20.97
N ARG G 132 57.15 -1.94 21.47
CA ARG G 132 56.12 -0.97 21.82
C ARG G 132 55.12 -1.60 22.79
N LYS G 133 54.38 -0.75 23.50
CA LYS G 133 53.32 -1.09 24.46
C LYS G 133 52.14 -1.78 23.76
N SER G 134 51.84 -1.38 22.55
CA SER G 134 50.70 -1.90 21.75
C SER G 134 50.97 -1.61 20.28
N ASN G 135 50.11 -2.14 19.40
CA ASN G 135 50.26 -2.04 17.93
C ASN G 135 49.81 -0.66 17.45
N LEU G 136 50.42 -0.15 16.38
CA LEU G 136 49.95 1.12 15.76
C LEU G 136 48.50 0.93 15.30
N LYS G 137 47.73 2.02 15.26
CA LYS G 137 46.44 2.03 14.51
C LYS G 137 46.77 2.32 13.05
N PRO G 138 45.88 2.05 12.08
CA PRO G 138 46.16 2.38 10.69
C PRO G 138 46.69 3.79 10.49
N PHE G 139 47.78 3.91 9.73
CA PHE G 139 48.44 5.20 9.39
C PHE G 139 48.86 5.95 10.64
N GLU G 140 49.09 5.29 11.77
CA GLU G 140 49.70 6.00 12.93
C GLU G 140 51.22 6.09 12.73
N ARG G 141 51.85 7.11 13.29
CA ARG G 141 53.33 7.31 13.15
C ARG G 141 53.86 7.49 14.57
N ASP G 142 54.88 6.74 15.00
CA ASP G 142 55.44 6.90 16.35
C ASP G 142 56.94 7.17 16.18
N ILE G 143 57.40 8.37 16.51
CA ILE G 143 58.83 8.70 16.38
C ILE G 143 59.45 8.88 17.76
N SER G 144 58.77 8.46 18.83
CA SER G 144 59.32 8.53 20.22
C SER G 144 60.55 7.61 20.42
N THR G 145 61.48 8.00 21.31
CA THR G 145 62.69 7.23 21.69
C THR G 145 62.61 6.95 23.20
N GLU G 146 61.41 6.85 23.74
CA GLU G 146 61.18 6.46 25.16
C GLU G 146 61.76 5.06 25.35
N ILE G 147 62.64 4.89 26.33
CA ILE G 147 63.21 3.57 26.71
C ILE G 147 62.06 2.65 27.09
N TYR G 148 61.96 1.48 26.46
CA TYR G 148 60.84 0.51 26.61
C TYR G 148 61.08 -0.37 27.83
N GLN G 149 60.05 -0.38 28.69
CA GLN G 149 60.05 -1.05 30.00
C GLN G 149 59.49 -2.44 29.75
N ALA G 150 60.36 -3.47 29.69
CA ALA G 150 59.94 -4.84 29.36
C ALA G 150 59.69 -5.65 30.65
N GLY G 151 59.97 -5.12 31.83
CA GLY G 151 59.94 -5.84 33.11
C GLY G 151 59.18 -5.07 34.17
N SER G 152 59.06 -5.66 35.37
CA SER G 152 58.45 -5.05 36.58
C SER G 152 59.20 -3.79 37.04
N THR G 153 60.55 -3.84 37.01
CA THR G 153 61.45 -2.74 37.45
C THR G 153 61.19 -1.42 36.69
N PRO G 154 60.79 -0.32 37.39
CA PRO G 154 60.61 0.99 36.78
C PRO G 154 61.92 1.38 36.07
N CYS G 155 61.68 2.15 35.04
CA CYS G 155 62.62 2.60 33.97
C CYS G 155 62.64 4.15 33.96
N ASN G 156 63.79 4.79 34.12
CA ASN G 156 63.87 6.26 34.38
C ASN G 156 64.61 6.94 33.23
N GLY G 157 64.30 6.61 31.98
CA GLY G 157 65.04 7.12 30.81
C GLY G 157 66.41 6.47 30.71
N VAL G 158 66.66 5.38 31.45
CA VAL G 158 68.00 4.71 31.51
C VAL G 158 67.93 3.31 30.91
N GLU G 159 68.84 2.99 29.98
CA GLU G 159 68.97 1.64 29.37
C GLU G 159 69.55 0.70 30.44
N GLY G 160 68.86 -0.43 30.67
CA GLY G 160 69.32 -1.49 31.58
C GLY G 160 68.72 -2.80 31.19
N PHE G 161 68.74 -3.76 32.09
CA PHE G 161 68.59 -5.21 31.77
C PHE G 161 67.17 -5.59 31.27
N ASN G 162 66.17 -4.78 31.59
CA ASN G 162 64.77 -4.93 31.05
C ASN G 162 64.24 -3.56 30.53
N CYS G 163 65.20 -2.71 30.12
CA CYS G 163 64.95 -1.31 29.76
C CYS G 163 65.63 -1.05 28.41
N TYR G 164 64.89 -1.22 27.30
CA TYR G 164 65.51 -1.22 25.94
C TYR G 164 65.20 0.08 25.16
N PHE G 165 66.27 0.56 24.49
CA PHE G 165 66.11 1.54 23.39
C PHE G 165 65.18 0.89 22.36
N PRO G 166 64.13 1.59 21.91
CA PRO G 166 63.10 0.94 21.11
C PRO G 166 63.40 0.82 19.60
N LEU G 167 64.44 1.51 19.06
CA LEU G 167 64.79 1.40 17.64
C LEU G 167 66.04 0.51 17.48
N GLN G 168 66.07 -0.28 16.42
CA GLN G 168 67.21 -1.11 16.03
C GLN G 168 67.59 -0.62 14.63
N SER G 169 68.85 -0.81 14.32
CA SER G 169 69.44 -0.52 12.97
C SER G 169 69.32 -1.75 12.05
N TYR G 170 68.78 -1.58 10.84
CA TYR G 170 69.02 -2.44 9.67
C TYR G 170 70.51 -2.29 9.34
N GLY G 171 71.25 -3.39 9.20
CA GLY G 171 72.58 -3.41 8.54
C GLY G 171 72.48 -3.81 7.08
N PHE G 172 72.53 -2.86 6.15
CA PHE G 172 72.40 -3.16 4.70
C PHE G 172 73.79 -3.43 4.13
N GLN G 173 74.18 -4.71 4.19
CA GLN G 173 75.40 -5.29 3.53
C GLN G 173 75.17 -5.49 2.02
N PRO G 174 76.08 -4.98 1.15
CA PRO G 174 75.77 -4.95 -0.29
C PRO G 174 75.84 -6.31 -0.97
N THR G 175 76.55 -7.29 -0.39
CA THR G 175 76.71 -8.67 -0.95
C THR G 175 75.63 -9.61 -0.44
N ASN G 176 74.74 -9.12 0.44
CA ASN G 176 73.63 -9.94 0.96
C ASN G 176 72.61 -10.33 -0.13
N GLY G 177 71.96 -11.45 0.12
CA GLY G 177 70.72 -11.90 -0.53
C GLY G 177 69.66 -10.81 -0.62
N VAL G 178 68.83 -10.91 -1.66
CA VAL G 178 67.83 -9.85 -1.97
C VAL G 178 66.86 -9.73 -0.80
N GLY G 179 66.60 -10.79 -0.06
CA GLY G 179 65.63 -10.74 1.06
C GLY G 179 66.12 -9.77 2.14
N TYR G 180 67.45 -9.60 2.21
CA TYR G 180 68.15 -8.74 3.22
C TYR G 180 68.56 -7.40 2.60
N GLN G 181 68.32 -7.19 1.30
CA GLN G 181 68.67 -5.91 0.65
C GLN G 181 67.64 -4.86 1.06
N PRO G 182 67.99 -3.58 0.99
CA PRO G 182 66.99 -2.54 1.10
C PRO G 182 66.09 -2.46 -0.14
N TYR G 183 64.82 -2.25 0.18
CA TYR G 183 63.74 -1.90 -0.77
C TYR G 183 63.15 -0.56 -0.39
N ARG G 184 63.08 0.34 -1.37
CA ARG G 184 62.24 1.55 -1.24
C ARG G 184 60.81 1.18 -1.51
N VAL G 185 59.88 1.79 -0.78
CA VAL G 185 58.44 1.46 -0.83
C VAL G 185 57.67 2.77 -0.90
N VAL G 186 56.65 2.80 -1.75
CA VAL G 186 55.67 3.89 -1.81
C VAL G 186 54.31 3.25 -1.67
N VAL G 187 53.51 3.73 -0.75
CA VAL G 187 52.10 3.27 -0.62
C VAL G 187 51.20 4.40 -1.04
N LEU G 188 50.42 4.21 -2.12
CA LEU G 188 49.41 5.20 -2.53
C LEU G 188 48.09 4.80 -1.92
N SER G 189 47.44 5.66 -1.12
CA SER G 189 46.03 5.48 -0.66
C SER G 189 45.13 6.41 -1.47
N PHE G 190 44.00 5.86 -1.90
CA PHE G 190 42.94 6.54 -2.67
C PHE G 190 41.72 6.74 -1.75
N GLU G 191 41.31 7.98 -1.54
CA GLU G 191 40.10 8.36 -0.76
C GLU G 191 39.09 8.83 -1.78
N LEU G 192 37.88 8.25 -1.84
CA LEU G 192 36.73 8.75 -2.64
C LEU G 192 35.59 9.09 -1.69
N LEU G 193 35.47 10.39 -1.33
CA LEU G 193 34.49 10.94 -0.36
C LEU G 193 33.43 11.76 -1.11
N HIS G 194 32.45 12.29 -0.39
CA HIS G 194 31.31 13.10 -0.94
C HIS G 194 31.75 14.56 -1.10
N ALA G 195 32.57 14.83 -2.12
CA ALA G 195 33.25 16.12 -2.36
C ALA G 195 33.73 16.18 -3.80
N PRO G 196 34.26 17.33 -4.28
CA PRO G 196 34.81 17.42 -5.63
C PRO G 196 36.11 16.61 -5.71
N ALA G 197 36.21 15.71 -6.70
CA ALA G 197 37.37 14.84 -6.92
C ALA G 197 38.43 15.67 -7.64
N THR G 198 39.58 15.89 -6.98
CA THR G 198 40.67 16.80 -7.43
C THR G 198 41.82 16.03 -8.10
N VAL G 199 41.98 14.73 -7.85
CA VAL G 199 43.07 13.92 -8.48
C VAL G 199 42.46 12.96 -9.51
N CYS G 200 42.70 13.17 -10.81
CA CYS G 200 42.16 12.35 -11.93
C CYS G 200 43.30 11.87 -12.81
N GLY G 201 43.09 10.76 -13.49
CA GLY G 201 43.94 10.25 -14.60
C GLY G 201 43.84 11.19 -15.81
N PRO G 202 44.72 11.05 -16.83
CA PRO G 202 45.03 12.07 -17.83
C PRO G 202 43.88 12.58 -18.68
N ALA G 203 42.79 11.84 -18.82
CA ALA G 203 41.74 12.15 -19.81
C ALA G 203 40.99 13.43 -19.41
N ALA G 204 41.43 14.14 -18.35
CA ALA G 204 40.83 15.41 -17.88
C ALA G 204 41.63 16.61 -18.43
N ALA G 205 42.09 16.54 -19.69
CA ALA G 205 42.54 17.70 -20.50
C ALA G 205 42.48 17.37 -22.01
N ALA H 2 51.43 -20.46 2.81
CA ALA H 2 50.97 -19.11 2.49
C ALA H 2 51.20 -18.16 3.67
N MET H 3 52.45 -17.84 3.99
CA MET H 3 52.81 -16.84 5.03
C MET H 3 53.76 -15.82 4.41
N ALA H 4 54.62 -16.26 3.48
CA ALA H 4 55.56 -15.37 2.76
C ALA H 4 55.30 -15.45 1.26
N GLU H 5 54.24 -14.77 0.77
CA GLU H 5 53.87 -14.55 -0.65
C GLU H 5 55.05 -13.93 -1.41
N ARG H 6 55.62 -14.66 -2.38
CA ARG H 6 56.78 -14.21 -3.16
C ARG H 6 56.81 -14.93 -4.50
N VAL H 7 57.64 -14.46 -5.44
CA VAL H 7 58.02 -15.26 -6.63
C VAL H 7 59.43 -15.80 -6.41
N GLU H 8 59.56 -17.13 -6.43
CA GLU H 8 60.83 -17.84 -6.22
C GLU H 8 61.40 -18.17 -7.57
N GLN H 9 62.51 -17.55 -7.87
CA GLN H 9 63.25 -17.75 -9.13
C GLN H 9 64.48 -18.56 -8.79
N THR H 10 64.62 -19.68 -9.48
CA THR H 10 65.76 -20.61 -9.41
C THR H 10 66.30 -20.88 -10.83
N PRO H 11 67.63 -21.03 -11.04
CA PRO H 11 68.62 -20.86 -9.98
C PRO H 11 68.79 -19.37 -9.66
N THR H 12 69.42 -19.10 -8.51
CA THR H 12 69.78 -17.71 -8.10
C THR H 12 70.99 -17.25 -8.93
N THR H 13 71.99 -18.10 -9.18
CA THR H 13 73.16 -17.81 -10.05
C THR H 13 73.46 -19.04 -10.90
N THR H 14 73.96 -18.89 -12.14
CA THR H 14 74.59 -20.01 -12.90
C THR H 14 75.75 -19.49 -13.71
N THR H 15 76.77 -20.33 -13.82
CA THR H 15 77.87 -20.22 -14.82
C THR H 15 77.67 -21.31 -15.87
N LYS H 16 77.77 -20.94 -17.15
CA LYS H 16 77.59 -21.81 -18.33
C LYS H 16 78.69 -21.50 -19.35
N GLU H 17 79.02 -22.52 -20.17
CA GLU H 17 79.84 -22.36 -21.41
C GLU H 17 78.94 -21.95 -22.57
N THR H 18 79.43 -21.01 -23.39
CA THR H 18 78.91 -20.65 -24.73
C THR H 18 78.41 -21.92 -25.43
N GLY H 19 77.24 -21.92 -26.07
CA GLY H 19 76.72 -23.11 -26.77
C GLY H 19 75.78 -23.95 -25.91
N GLU H 20 75.90 -23.93 -24.57
CA GLU H 20 74.96 -24.66 -23.67
C GLU H 20 73.64 -23.91 -23.65
N SER H 21 72.63 -24.49 -23.02
CA SER H 21 71.31 -23.85 -22.81
C SER H 21 71.07 -23.73 -21.32
N LEU H 22 70.11 -22.95 -20.94
CA LEU H 22 69.81 -22.73 -19.51
C LEU H 22 68.30 -22.64 -19.36
N THR H 23 67.78 -23.11 -18.23
CA THR H 23 66.35 -22.94 -17.88
C THR H 23 66.22 -22.19 -16.56
N ILE H 24 65.42 -21.13 -16.54
CA ILE H 24 65.09 -20.43 -15.27
C ILE H 24 63.63 -20.77 -14.96
N ASN H 25 63.36 -21.23 -13.74
CA ASN H 25 62.01 -21.59 -13.23
C ASN H 25 61.61 -20.60 -12.16
N CYS H 26 60.38 -20.09 -12.31
CA CYS H 26 59.71 -19.16 -11.41
C CYS H 26 58.41 -19.81 -10.93
N VAL H 27 58.08 -19.67 -9.66
CA VAL H 27 56.77 -20.08 -9.12
C VAL H 27 56.32 -19.04 -8.07
N LEU H 28 55.08 -18.61 -8.23
CA LEU H 28 54.37 -17.70 -7.30
C LEU H 28 53.99 -18.58 -6.11
N ARG H 29 54.68 -18.42 -4.99
CA ARG H 29 54.72 -19.31 -3.80
C ARG H 29 53.91 -18.65 -2.70
N ASP H 30 53.31 -19.45 -1.81
CA ASP H 30 52.62 -18.99 -0.60
C ASP H 30 51.55 -17.96 -1.01
N SER H 31 50.89 -18.21 -2.12
CA SER H 31 49.84 -17.30 -2.62
C SER H 31 48.58 -18.08 -2.89
N SER H 32 47.44 -17.42 -2.62
CA SER H 32 46.10 -17.88 -3.01
C SER H 32 45.69 -17.25 -4.34
N CYS H 33 46.59 -16.46 -4.90
CA CYS H 33 46.44 -15.60 -6.11
C CYS H 33 46.53 -16.46 -7.38
N ALA H 34 45.74 -16.21 -8.41
CA ALA H 34 45.90 -16.83 -9.75
C ALA H 34 47.06 -16.18 -10.50
N LEU H 35 47.77 -16.99 -11.29
CA LEU H 35 48.83 -16.49 -12.20
C LEU H 35 48.17 -16.21 -13.55
N ASP H 36 47.99 -14.93 -13.91
CA ASP H 36 47.21 -14.53 -15.12
C ASP H 36 48.16 -14.16 -16.27
N SER H 37 49.30 -13.56 -16.00
CA SER H 37 50.28 -13.37 -17.09
C SER H 37 51.68 -13.23 -16.52
N THR H 38 52.69 -13.22 -17.38
CA THR H 38 54.12 -13.21 -16.97
C THR H 38 54.86 -12.20 -17.84
N TYR H 39 56.04 -11.77 -17.39
CA TYR H 39 56.93 -10.86 -18.15
C TYR H 39 58.35 -11.07 -17.70
N TRP H 40 59.28 -10.99 -18.63
CA TRP H 40 60.74 -11.14 -18.38
C TRP H 40 61.50 -9.90 -18.78
N TYR H 41 62.50 -9.55 -18.00
CA TYR H 41 63.43 -8.41 -18.07
C TYR H 41 64.86 -8.88 -17.93
N PHE H 42 65.81 -8.18 -18.54
CA PHE H 42 67.27 -8.45 -18.56
C PHE H 42 68.03 -7.17 -18.26
N THR H 43 69.07 -7.20 -17.46
CA THR H 43 70.07 -6.13 -17.46
C THR H 43 71.35 -6.82 -17.86
N LYS H 44 72.08 -6.29 -18.86
CA LYS H 44 73.45 -6.75 -19.17
C LYS H 44 74.31 -6.65 -17.92
N LYS H 45 75.32 -7.50 -17.86
CA LYS H 45 76.47 -7.38 -16.93
C LYS H 45 77.01 -5.94 -17.02
N GLY H 46 77.05 -5.23 -15.88
CA GLY H 46 77.69 -3.91 -15.74
C GLY H 46 76.81 -2.78 -16.26
N ALA H 47 75.55 -3.08 -16.60
CA ALA H 47 74.47 -2.08 -16.84
C ALA H 47 73.62 -1.98 -15.56
N THR H 48 72.77 -0.96 -15.47
CA THR H 48 71.71 -0.84 -14.41
C THR H 48 70.33 -0.75 -15.06
N LYS H 49 70.26 -0.58 -16.37
CA LYS H 49 68.95 -0.38 -17.04
C LYS H 49 68.25 -1.73 -17.06
N LYS H 50 67.05 -1.87 -16.47
CA LYS H 50 66.15 -3.04 -16.69
C LYS H 50 65.43 -2.82 -18.03
N GLU H 51 65.63 -3.73 -18.98
CA GLU H 51 65.00 -3.73 -20.33
C GLU H 51 64.21 -5.04 -20.57
N SER H 52 63.17 -4.90 -21.38
CA SER H 52 62.23 -5.97 -21.79
C SER H 52 62.97 -7.06 -22.53
N LEU H 53 62.71 -8.34 -22.28
CA LEU H 53 63.41 -9.44 -23.00
C LEU H 53 63.11 -9.28 -24.50
N SER H 54 64.06 -9.59 -25.41
CA SER H 54 63.91 -9.41 -26.86
C SER H 54 63.09 -10.57 -27.41
N ASN H 55 62.50 -10.34 -28.56
CA ASN H 55 61.85 -11.40 -29.34
C ASN H 55 62.91 -12.10 -30.21
N GLY H 56 63.96 -12.64 -29.56
CA GLY H 56 65.06 -13.43 -30.20
C GLY H 56 64.83 -14.94 -30.19
N GLY H 57 65.16 -15.61 -31.30
CA GLY H 57 64.73 -16.98 -31.59
C GLY H 57 65.22 -17.96 -30.52
N ARG H 58 66.14 -17.51 -29.66
CA ARG H 58 66.84 -18.38 -28.68
C ARG H 58 66.05 -18.48 -27.37
N TYR H 59 64.93 -17.73 -27.24
CA TYR H 59 64.13 -17.65 -25.99
C TYR H 59 62.82 -18.39 -26.17
N ALA H 60 62.56 -19.34 -25.25
CA ALA H 60 61.28 -20.07 -25.22
C ALA H 60 60.66 -19.94 -23.83
N GLU H 61 59.36 -19.71 -23.78
CA GLU H 61 58.58 -19.47 -22.54
C GLU H 61 57.58 -20.59 -22.33
N THR H 62 57.37 -20.99 -21.11
CA THR H 62 56.43 -22.08 -20.74
C THR H 62 55.59 -21.59 -19.59
N VAL H 63 54.35 -22.01 -19.38
CA VAL H 63 53.55 -21.53 -18.23
C VAL H 63 52.63 -22.66 -17.80
N ASN H 64 52.50 -22.94 -16.50
CA ASN H 64 51.37 -23.73 -15.99
C ASN H 64 50.59 -22.80 -15.06
N LYS H 65 49.47 -22.28 -15.50
CA LYS H 65 48.78 -21.25 -14.69
C LYS H 65 48.19 -21.90 -13.43
N ALA H 66 47.61 -23.10 -13.48
CA ALA H 66 47.09 -23.78 -12.29
C ALA H 66 48.14 -23.89 -11.18
N SER H 67 49.38 -24.29 -11.50
CA SER H 67 50.48 -24.56 -10.52
C SER H 67 51.24 -23.25 -10.25
N LYS H 68 50.91 -22.24 -11.04
CA LYS H 68 51.49 -20.87 -10.92
C LYS H 68 52.98 -20.90 -11.10
N SER H 69 53.44 -21.69 -12.05
CA SER H 69 54.88 -21.83 -12.35
C SER H 69 55.09 -21.46 -13.82
N PHE H 70 56.27 -20.96 -14.15
CA PHE H 70 56.62 -20.65 -15.56
C PHE H 70 58.13 -20.70 -15.71
N SER H 71 58.62 -20.78 -16.95
CA SER H 71 60.06 -20.90 -17.27
C SER H 71 60.42 -20.11 -18.52
N LEU H 72 61.66 -19.65 -18.50
CA LEU H 72 62.42 -19.13 -19.64
C LEU H 72 63.55 -20.11 -19.90
N ARG H 73 63.63 -20.61 -21.11
CA ARG H 73 64.76 -21.42 -21.62
C ARG H 73 65.48 -20.56 -22.65
N ILE H 74 66.80 -20.41 -22.52
CA ILE H 74 67.67 -19.69 -23.46
C ILE H 74 68.62 -20.74 -24.05
N SER H 75 68.57 -20.90 -25.36
CA SER H 75 69.32 -21.94 -26.09
C SER H 75 70.54 -21.28 -26.73
N ASP H 76 71.59 -22.06 -26.90
CA ASP H 76 72.83 -21.61 -27.59
C ASP H 76 73.38 -20.34 -26.97
N LEU H 77 73.69 -20.35 -25.67
CA LEU H 77 74.18 -19.17 -24.91
C LEU H 77 75.43 -18.59 -25.57
N ARG H 78 75.57 -17.26 -25.45
CA ARG H 78 76.73 -16.43 -25.88
C ARG H 78 77.17 -15.65 -24.65
N VAL H 79 78.16 -14.78 -24.77
CA VAL H 79 78.75 -14.02 -23.62
C VAL H 79 77.89 -12.77 -23.40
N GLU H 80 77.25 -12.24 -24.44
CA GLU H 80 76.33 -11.07 -24.35
C GLU H 80 75.06 -11.33 -23.54
N ASP H 81 74.64 -12.59 -23.46
CA ASP H 81 73.57 -13.07 -22.54
C ASP H 81 73.93 -12.83 -21.04
N SER H 82 75.20 -12.65 -20.70
CA SER H 82 75.67 -12.49 -19.29
C SER H 82 74.98 -11.27 -18.66
N GLY H 83 74.36 -11.47 -17.50
CA GLY H 83 73.62 -10.40 -16.80
C GLY H 83 72.55 -10.96 -15.86
N THR H 84 71.55 -10.16 -15.49
CA THR H 84 70.54 -10.54 -14.49
C THR H 84 69.19 -10.58 -15.19
N TYR H 85 68.51 -11.73 -15.08
CA TYR H 85 67.15 -12.01 -15.57
C TYR H 85 66.17 -11.87 -14.44
N HIS H 86 65.06 -11.17 -14.67
CA HIS H 86 63.99 -10.99 -13.69
C HIS H 86 62.68 -11.45 -14.32
N CYS H 87 61.93 -12.22 -13.55
CA CYS H 87 60.57 -12.64 -13.93
C CYS H 87 59.55 -11.87 -13.12
N ARG H 88 58.49 -11.41 -13.80
CA ARG H 88 57.37 -10.69 -13.15
C ARG H 88 56.07 -11.48 -13.36
N ALA H 89 55.39 -11.81 -12.27
CA ALA H 89 54.17 -12.63 -12.29
C ALA H 89 52.98 -11.71 -12.04
N TYR H 90 51.98 -11.71 -12.90
CA TYR H 90 50.83 -10.78 -12.81
C TYR H 90 49.66 -11.61 -12.32
N SER H 91 48.92 -11.07 -11.34
CA SER H 91 47.58 -11.53 -10.94
C SER H 91 46.59 -10.37 -11.18
N LEU H 92 45.61 -10.60 -12.04
CA LEU H 92 44.69 -9.54 -12.57
C LEU H 92 43.22 -9.90 -12.24
N SER H 93 42.87 -11.19 -12.14
CA SER H 93 41.66 -11.69 -11.45
C SER H 93 41.76 -11.35 -9.94
N ALA H 94 40.63 -11.28 -9.25
CA ALA H 94 40.58 -10.64 -7.91
C ALA H 94 39.67 -11.45 -6.96
N GLY H 95 39.75 -12.77 -7.09
CA GLY H 95 38.87 -13.67 -6.32
C GLY H 95 39.53 -13.99 -5.00
N MET H 96 40.26 -15.09 -5.00
CA MET H 96 41.03 -15.59 -3.85
C MET H 96 42.23 -14.67 -3.63
N CYS H 97 42.49 -13.67 -4.47
CA CYS H 97 43.59 -12.73 -4.21
C CYS H 97 42.99 -11.44 -3.67
N ALA H 98 43.59 -10.90 -2.61
CA ALA H 98 43.26 -9.57 -2.02
C ALA H 98 43.69 -8.45 -2.97
N TRP H 99 44.64 -8.74 -3.87
CA TRP H 99 45.29 -7.69 -4.69
C TRP H 99 45.25 -8.08 -6.16
N MET H 100 45.46 -7.04 -6.95
CA MET H 100 45.71 -7.09 -8.42
C MET H 100 46.94 -6.27 -8.78
N GLY H 101 47.78 -6.86 -9.64
CA GLY H 101 49.08 -6.27 -10.01
C GLY H 101 50.16 -7.32 -10.16
N TYR H 102 51.39 -6.98 -9.80
CA TYR H 102 52.52 -7.90 -9.99
C TYR H 102 53.50 -7.96 -8.82
N ILE H 103 54.09 -9.15 -8.66
CA ILE H 103 55.31 -9.36 -7.83
C ILE H 103 56.37 -10.06 -8.69
N GLU H 104 57.65 -9.89 -8.32
CA GLU H 104 58.81 -10.16 -9.17
C GLU H 104 59.83 -11.03 -8.45
N GLY H 105 60.52 -11.85 -9.22
CA GLY H 105 61.61 -12.68 -8.72
C GLY H 105 62.77 -11.84 -8.21
N GLY H 106 63.65 -12.47 -7.42
CA GLY H 106 64.88 -11.88 -6.89
C GLY H 106 65.96 -11.86 -7.98
N GLY H 107 65.77 -12.55 -9.09
CA GLY H 107 66.70 -12.51 -10.23
C GLY H 107 67.48 -13.80 -10.34
N THR H 108 68.07 -14.04 -11.51
CA THR H 108 69.08 -15.09 -11.78
C THR H 108 70.30 -14.36 -12.36
N ILE H 109 71.45 -14.49 -11.72
CA ILE H 109 72.69 -13.88 -12.27
C ILE H 109 73.38 -14.95 -13.14
N VAL H 110 73.40 -14.69 -14.44
CA VAL H 110 73.95 -15.64 -15.45
C VAL H 110 75.34 -15.16 -15.89
N THR H 111 76.37 -16.01 -15.81
CA THR H 111 77.72 -15.78 -16.38
C THR H 111 77.98 -16.82 -17.47
N VAL H 112 78.27 -16.38 -18.69
CA VAL H 112 78.60 -17.30 -19.81
C VAL H 112 80.07 -17.10 -20.20
N ASN H 113 80.89 -18.15 -20.20
CA ASN H 113 82.35 -18.12 -20.53
C ASN H 113 82.58 -18.65 -21.94
N SER H 114 83.77 -18.45 -22.53
CA SER H 114 84.12 -18.92 -23.90
C SER H 114 85.53 -19.51 -23.94
N SER H 115 85.70 -20.64 -23.22
CA SER H 115 86.93 -21.49 -23.13
C SER H 115 86.63 -22.70 -22.21
N THR I 8 -44.49 37.11 -48.20
CA THR I 8 -44.72 37.72 -46.85
C THR I 8 -46.23 37.90 -46.66
N ASN I 9 -46.97 36.79 -46.64
CA ASN I 9 -48.36 36.69 -46.13
C ASN I 9 -48.36 35.55 -45.10
N LEU I 10 -49.40 35.54 -44.26
CA LEU I 10 -49.47 34.61 -43.10
C LEU I 10 -49.54 33.15 -43.56
N CYS I 11 -48.80 32.29 -42.86
CA CYS I 11 -48.84 30.83 -43.06
C CYS I 11 -50.25 30.33 -42.77
N PRO I 12 -50.80 29.46 -43.64
CA PRO I 12 -52.20 29.03 -43.50
C PRO I 12 -52.43 27.96 -42.43
N PHE I 13 -52.09 28.28 -41.17
CA PHE I 13 -52.17 27.37 -40.00
C PHE I 13 -53.64 27.11 -39.67
N GLY I 14 -54.51 28.09 -39.91
CA GLY I 14 -55.97 27.93 -39.77
C GLY I 14 -56.51 26.71 -40.50
N GLU I 15 -56.01 26.43 -41.71
CA GLU I 15 -56.48 25.29 -42.53
C GLU I 15 -56.21 23.97 -41.78
N VAL I 16 -55.14 23.89 -40.98
CA VAL I 16 -54.70 22.65 -40.26
C VAL I 16 -55.48 22.55 -38.95
N PHE I 17 -55.39 23.58 -38.11
CA PHE I 17 -55.92 23.56 -36.72
C PHE I 17 -57.45 23.58 -36.70
N ASN I 18 -58.11 24.28 -37.64
CA ASN I 18 -59.58 24.51 -37.61
C ASN I 18 -60.26 23.71 -38.71
N ALA I 19 -59.53 22.83 -39.41
CA ALA I 19 -60.12 21.95 -40.44
C ALA I 19 -61.37 21.31 -39.83
N THR I 20 -62.45 21.15 -40.60
CA THR I 20 -63.68 20.48 -40.14
C THR I 20 -63.42 19.00 -39.83
N ARG I 21 -62.74 18.32 -40.77
CA ARG I 21 -62.34 16.87 -40.71
C ARG I 21 -60.88 16.69 -40.27
N PHE I 22 -60.64 15.81 -39.29
CA PHE I 22 -59.28 15.36 -38.94
C PHE I 22 -59.17 13.87 -39.29
N ALA I 23 -57.96 13.48 -39.69
CA ALA I 23 -57.62 12.10 -40.08
C ALA I 23 -57.61 11.20 -38.84
N SER I 24 -57.83 9.90 -39.05
CA SER I 24 -57.44 8.79 -38.14
C SER I 24 -55.92 8.78 -38.03
N VAL I 25 -55.42 8.45 -36.83
CA VAL I 25 -53.95 8.45 -36.56
C VAL I 25 -53.21 7.53 -37.56
N TYR I 26 -53.77 6.37 -37.91
CA TYR I 26 -53.09 5.43 -38.85
C TYR I 26 -52.87 6.09 -40.22
N ALA I 27 -53.82 6.97 -40.60
CA ALA I 27 -53.88 7.67 -41.92
C ALA I 27 -53.57 9.16 -41.74
N TRP I 28 -52.65 9.51 -40.86
CA TRP I 28 -52.39 10.89 -40.39
C TRP I 28 -52.08 11.82 -41.58
N ASN I 29 -52.67 13.02 -41.56
CA ASN I 29 -52.40 14.07 -42.57
C ASN I 29 -51.01 14.68 -42.38
N ARG I 30 -50.39 15.05 -43.50
CA ARG I 30 -49.21 15.95 -43.54
C ARG I 30 -49.47 17.11 -44.48
N LYS I 31 -49.33 18.32 -43.96
CA LYS I 31 -49.40 19.56 -44.74
C LYS I 31 -48.01 20.20 -44.74
N ARG I 32 -47.44 20.38 -45.90
CA ARG I 32 -46.15 21.12 -46.04
C ARG I 32 -46.42 22.63 -45.97
N ILE I 33 -45.68 23.37 -45.15
CA ILE I 33 -45.82 24.85 -45.01
C ILE I 33 -44.56 25.53 -45.54
N SER I 34 -44.64 26.46 -46.49
CA SER I 34 -43.46 27.23 -46.93
C SER I 34 -43.87 28.59 -47.48
N ASN I 35 -42.88 29.47 -47.52
CA ASN I 35 -42.94 30.79 -48.22
C ASN I 35 -44.06 31.61 -47.58
N CYS I 36 -43.90 31.84 -46.28
CA CYS I 36 -44.94 32.51 -45.47
C CYS I 36 -44.35 32.93 -44.14
N VAL I 37 -45.06 33.86 -43.52
CA VAL I 37 -44.81 34.36 -42.14
C VAL I 37 -45.77 33.72 -41.12
N ALA I 38 -45.23 33.27 -39.98
CA ALA I 38 -45.89 32.37 -39.02
C ALA I 38 -45.84 32.99 -37.62
N ASP I 39 -47.01 33.35 -37.07
CA ASP I 39 -47.13 33.82 -35.68
C ASP I 39 -47.32 32.57 -34.81
N TYR I 40 -46.21 31.94 -34.38
CA TYR I 40 -46.24 30.75 -33.47
C TYR I 40 -46.74 31.20 -32.09
N SER I 41 -46.38 32.39 -31.64
CA SER I 41 -46.79 32.94 -30.33
C SER I 41 -48.32 32.93 -30.15
N VAL I 42 -49.10 33.31 -31.17
CA VAL I 42 -50.58 33.32 -31.03
C VAL I 42 -51.01 31.87 -30.77
N LEU I 43 -50.39 30.86 -31.39
CA LEU I 43 -50.75 29.44 -31.07
C LEU I 43 -50.38 29.13 -29.62
N TYR I 44 -49.14 29.40 -29.28
CA TYR I 44 -48.56 29.04 -27.96
C TYR I 44 -49.36 29.69 -26.86
N ASN I 45 -49.70 30.98 -27.05
CA ASN I 45 -50.44 31.75 -26.03
C ASN I 45 -51.96 31.57 -26.14
N SER I 46 -52.44 30.85 -27.16
CA SER I 46 -53.92 30.52 -27.23
C SER I 46 -54.37 29.75 -25.97
N ALA I 47 -55.64 29.86 -25.57
CA ALA I 47 -56.17 29.19 -24.35
C ALA I 47 -56.77 27.82 -24.66
N SER I 48 -56.85 27.44 -25.94
CA SER I 48 -57.54 26.21 -26.44
C SER I 48 -56.70 24.95 -26.21
N PHE I 49 -55.37 25.03 -26.19
CA PHE I 49 -54.52 23.81 -26.14
C PHE I 49 -54.32 23.34 -24.71
N SER I 50 -54.27 22.01 -24.53
CA SER I 50 -54.03 21.28 -23.28
C SER I 50 -52.58 20.76 -23.27
N THR I 51 -51.99 20.59 -24.45
CA THR I 51 -50.59 20.15 -24.62
C THR I 51 -49.91 21.09 -25.61
N PHE I 52 -48.71 21.57 -25.26
CA PHE I 52 -47.83 22.28 -26.19
C PHE I 52 -46.39 22.07 -25.77
N LYS I 53 -45.72 21.06 -26.36
CA LYS I 53 -44.37 20.65 -26.00
C LYS I 53 -43.47 20.81 -27.22
N CYS I 54 -42.41 21.61 -27.08
CA CYS I 54 -41.45 21.89 -28.17
C CYS I 54 -40.11 21.25 -27.82
N TYR I 55 -39.60 20.45 -28.74
CA TYR I 55 -38.41 19.60 -28.59
C TYR I 55 -37.30 20.24 -29.41
N GLY I 56 -36.17 20.54 -28.77
CA GLY I 56 -34.97 21.13 -29.41
C GLY I 56 -35.16 22.59 -29.75
N VAL I 57 -36.22 23.25 -29.31
CA VAL I 57 -36.43 24.70 -29.53
C VAL I 57 -37.42 25.18 -28.49
N SER I 58 -37.20 26.38 -27.96
CA SER I 58 -38.06 27.00 -26.92
C SER I 58 -39.30 27.58 -27.60
N PRO I 59 -40.50 27.34 -27.07
CA PRO I 59 -41.71 27.88 -27.70
C PRO I 59 -41.70 29.41 -27.77
N THR I 60 -41.05 30.09 -26.83
CA THR I 60 -41.01 31.56 -26.73
C THR I 60 -39.96 32.15 -27.67
N LYS I 61 -39.18 31.34 -28.41
CA LYS I 61 -38.21 31.87 -29.42
C LYS I 61 -38.68 31.57 -30.85
N LEU I 62 -39.83 30.94 -31.04
CA LEU I 62 -40.26 30.46 -32.37
C LEU I 62 -40.42 31.64 -33.36
N ASN I 63 -40.97 32.77 -32.92
CA ASN I 63 -41.22 33.94 -33.80
C ASN I 63 -39.89 34.56 -34.25
N ASP I 64 -38.77 34.14 -33.62
CA ASP I 64 -37.44 34.75 -33.87
C ASP I 64 -36.58 33.91 -34.83
N LEU I 65 -37.06 32.75 -35.21
CA LEU I 65 -36.37 31.76 -36.06
C LEU I 65 -37.00 31.74 -37.46
N CYS I 66 -36.17 31.37 -38.44
CA CYS I 66 -36.54 30.99 -39.82
C CYS I 66 -36.19 29.52 -40.06
N PHE I 67 -36.98 28.80 -40.87
CA PHE I 67 -36.79 27.38 -41.23
C PHE I 67 -36.95 27.16 -42.76
N THR I 68 -36.17 26.22 -43.30
CA THR I 68 -36.19 25.73 -44.71
C THR I 68 -37.58 25.16 -45.01
N ASN I 69 -38.01 24.19 -44.22
CA ASN I 69 -39.38 23.60 -44.32
C ASN I 69 -39.97 23.41 -42.93
N VAL I 70 -41.29 23.57 -42.85
CA VAL I 70 -42.21 23.21 -41.75
C VAL I 70 -43.20 22.20 -42.31
N TYR I 71 -43.44 21.12 -41.58
CA TYR I 71 -44.56 20.18 -41.80
C TYR I 71 -45.49 20.25 -40.61
N ALA I 72 -46.78 20.17 -40.87
CA ALA I 72 -47.85 20.06 -39.89
C ALA I 72 -48.57 18.73 -40.12
N ASP I 73 -48.33 17.79 -39.22
CA ASP I 73 -49.00 16.46 -39.20
C ASP I 73 -50.17 16.59 -38.25
N SER I 74 -51.32 15.99 -38.57
CA SER I 74 -52.54 16.13 -37.75
C SER I 74 -53.38 14.86 -37.81
N PHE I 75 -53.98 14.54 -36.66
CA PHE I 75 -54.73 13.28 -36.41
C PHE I 75 -55.46 13.35 -35.06
N VAL I 76 -56.30 12.36 -34.79
CA VAL I 76 -57.05 12.17 -33.54
C VAL I 76 -56.59 10.89 -32.82
N ILE I 77 -56.40 10.99 -31.52
CA ILE I 77 -56.06 9.87 -30.61
C ILE I 77 -56.85 10.12 -29.34
N ARG I 78 -56.75 9.23 -28.34
CA ARG I 78 -57.37 9.39 -27.00
C ARG I 78 -56.45 10.24 -26.15
N GLY I 79 -57.00 10.93 -25.13
CA GLY I 79 -56.21 11.83 -24.28
C GLY I 79 -54.97 11.14 -23.68
N ASP I 80 -55.08 9.89 -23.25
CA ASP I 80 -53.97 9.21 -22.52
C ASP I 80 -52.94 8.62 -23.51
N GLU I 81 -53.12 8.85 -24.81
CA GLU I 81 -52.15 8.50 -25.87
C GLU I 81 -51.36 9.74 -26.27
N VAL I 82 -51.74 10.92 -25.84
CA VAL I 82 -50.98 12.13 -26.28
C VAL I 82 -49.51 12.03 -25.87
N ARG I 83 -49.22 11.38 -24.76
CA ARG I 83 -47.85 11.24 -24.23
C ARG I 83 -47.02 10.35 -25.18
N GLN I 84 -47.66 9.52 -26.03
CA GLN I 84 -46.95 8.64 -26.99
C GLN I 84 -46.46 9.43 -28.21
N ILE I 85 -46.91 10.68 -28.39
CA ILE I 85 -46.48 11.51 -29.54
C ILE I 85 -45.27 12.30 -29.09
N ALA I 86 -44.17 11.57 -28.92
CA ALA I 86 -42.87 12.08 -28.42
C ALA I 86 -41.77 11.13 -28.87
N PRO I 87 -40.54 11.66 -29.01
CA PRO I 87 -39.42 10.82 -29.43
C PRO I 87 -39.18 9.79 -28.33
N GLY I 88 -38.82 8.56 -28.72
CA GLY I 88 -38.40 7.52 -27.79
C GLY I 88 -39.53 6.75 -27.15
N GLN I 89 -40.78 7.11 -27.42
CA GLN I 89 -41.98 6.44 -26.83
C GLN I 89 -42.25 5.12 -27.52
N THR I 90 -42.97 4.23 -26.86
CA THR I 90 -43.41 2.94 -27.43
C THR I 90 -44.90 2.83 -27.10
N GLY I 91 -45.61 1.87 -27.70
CA GLY I 91 -47.08 1.70 -27.54
C GLY I 91 -47.67 1.58 -28.92
N LYS I 92 -48.96 1.30 -29.03
CA LYS I 92 -49.65 1.00 -30.31
C LYS I 92 -49.49 2.20 -31.23
N ILE I 93 -49.66 3.42 -30.69
CA ILE I 93 -49.61 4.65 -31.54
C ILE I 93 -48.18 4.85 -32.06
N ALA I 94 -47.22 4.95 -31.16
CA ALA I 94 -45.82 5.31 -31.51
C ALA I 94 -45.17 4.26 -32.41
N ASP I 95 -45.55 2.99 -32.25
CA ASP I 95 -44.95 1.84 -32.96
C ASP I 95 -45.64 1.62 -34.32
N TYR I 96 -46.98 1.67 -34.37
CA TYR I 96 -47.73 1.19 -35.56
C TYR I 96 -48.52 2.31 -36.28
N ASN I 97 -48.59 3.54 -35.75
CA ASN I 97 -49.46 4.60 -36.38
C ASN I 97 -48.67 5.86 -36.74
N TYR I 98 -47.98 6.45 -35.77
CA TYR I 98 -47.22 7.71 -35.96
C TYR I 98 -46.02 7.76 -35.04
N LYS I 99 -44.84 7.81 -35.65
CA LYS I 99 -43.53 7.71 -34.98
C LYS I 99 -42.70 8.96 -35.27
N LEU I 100 -42.16 9.58 -34.22
CA LEU I 100 -41.25 10.76 -34.28
C LEU I 100 -39.80 10.28 -34.32
N PRO I 101 -38.92 10.95 -35.10
CA PRO I 101 -37.50 10.60 -35.14
C PRO I 101 -36.82 10.88 -33.79
N ASP I 102 -35.70 10.20 -33.50
CA ASP I 102 -34.95 10.33 -32.24
C ASP I 102 -34.50 11.80 -32.13
N ASP I 103 -34.12 12.42 -33.23
CA ASP I 103 -33.53 13.80 -33.26
C ASP I 103 -34.63 14.84 -33.52
N PHE I 104 -35.88 14.62 -33.10
CA PHE I 104 -37.05 15.49 -33.44
C PHE I 104 -36.84 16.93 -32.99
N THR I 105 -37.05 17.86 -33.91
CA THR I 105 -37.15 19.30 -33.60
C THR I 105 -38.54 19.78 -34.01
N GLY I 106 -39.32 20.29 -33.06
CA GLY I 106 -40.71 20.69 -33.33
C GLY I 106 -41.56 20.67 -32.10
N CYS I 107 -42.87 20.89 -32.28
CA CYS I 107 -43.81 21.06 -31.18
C CYS I 107 -44.92 20.08 -31.41
N VAL I 108 -45.34 19.44 -30.32
CA VAL I 108 -46.51 18.55 -30.27
C VAL I 108 -47.62 19.35 -29.62
N ILE I 109 -48.75 19.51 -30.27
CA ILE I 109 -49.84 20.40 -29.80
C ILE I 109 -51.11 19.58 -29.77
N ALA I 110 -51.90 19.63 -28.72
CA ALA I 110 -53.16 18.87 -28.65
C ALA I 110 -54.22 19.63 -27.85
N TRP I 111 -55.48 19.32 -28.18
CA TRP I 111 -56.65 19.84 -27.44
C TRP I 111 -57.78 18.83 -27.41
N ASN I 112 -58.55 18.91 -26.34
CA ASN I 112 -59.75 18.07 -26.14
C ASN I 112 -60.75 18.37 -27.27
N SER I 113 -61.23 17.34 -27.97
CA SER I 113 -62.16 17.49 -29.11
C SER I 113 -63.44 16.70 -28.84
N ASN I 114 -63.75 16.44 -27.57
CA ASN I 114 -64.95 15.67 -27.17
C ASN I 114 -66.22 16.22 -27.84
N ASN I 115 -66.40 17.54 -27.84
CA ASN I 115 -67.56 18.25 -28.44
C ASN I 115 -67.65 18.08 -29.97
N LEU I 116 -66.56 17.74 -30.68
CA LEU I 116 -66.57 17.58 -32.16
C LEU I 116 -66.54 16.10 -32.56
N ASP I 117 -65.82 15.26 -31.84
CA ASP I 117 -65.48 13.86 -32.24
C ASP I 117 -66.11 12.80 -31.32
N SER I 118 -67.10 13.12 -30.47
CA SER I 118 -68.00 12.11 -29.86
C SER I 118 -69.47 12.30 -30.26
N LYS I 119 -70.20 11.22 -30.59
CA LYS I 119 -71.65 11.22 -30.88
C LYS I 119 -72.32 10.83 -29.56
N VAL I 120 -73.64 10.71 -29.56
CA VAL I 120 -74.44 10.26 -28.37
C VAL I 120 -74.43 8.73 -28.30
N GLY I 121 -74.43 8.01 -29.42
CA GLY I 121 -74.24 6.54 -29.40
C GLY I 121 -72.78 6.12 -29.27
N GLY I 122 -71.87 7.13 -29.25
CA GLY I 122 -70.42 6.93 -29.45
C GLY I 122 -70.04 7.10 -30.90
N ASN I 123 -68.86 7.68 -31.13
CA ASN I 123 -68.24 7.93 -32.45
C ASN I 123 -67.25 6.80 -32.72
N TYR I 124 -67.47 6.10 -33.83
CA TYR I 124 -66.68 4.91 -34.23
C TYR I 124 -65.95 5.15 -35.55
N ASN I 125 -65.85 6.39 -35.99
CA ASN I 125 -65.33 6.73 -37.32
C ASN I 125 -63.80 6.79 -37.29
N TYR I 126 -63.19 6.92 -36.11
CA TYR I 126 -61.72 6.94 -35.95
C TYR I 126 -61.18 5.54 -35.67
N LEU I 127 -60.10 5.23 -36.39
CA LEU I 127 -59.35 3.92 -36.34
C LEU I 127 -57.88 4.10 -35.95
N TYR I 128 -57.30 3.04 -35.42
CA TYR I 128 -55.84 2.97 -35.19
C TYR I 128 -55.37 1.58 -35.58
N ARG I 129 -54.14 1.49 -36.05
CA ARG I 129 -53.51 0.22 -36.43
C ARG I 129 -53.14 -0.50 -35.14
N LEU I 130 -53.57 -1.74 -35.00
CA LEU I 130 -53.42 -2.55 -33.76
C LEU I 130 -52.29 -3.55 -33.97
N PHE I 131 -52.01 -3.93 -35.20
CA PHE I 131 -51.10 -5.06 -35.53
C PHE I 131 -50.22 -4.68 -36.70
N ARG I 132 -48.95 -5.10 -36.62
CA ARG I 132 -48.03 -4.95 -37.75
C ARG I 132 -46.86 -5.90 -37.59
N LYS I 133 -46.19 -6.19 -38.70
CA LYS I 133 -44.98 -7.05 -38.82
C LYS I 133 -43.79 -6.42 -38.07
N SER I 134 -43.69 -5.10 -38.08
CA SER I 134 -42.58 -4.36 -37.45
C SER I 134 -43.04 -2.92 -37.20
N ASN I 135 -42.22 -2.13 -36.52
CA ASN I 135 -42.54 -0.75 -36.10
C ASN I 135 -42.37 0.20 -37.28
N LEU I 136 -43.16 1.28 -37.35
CA LEU I 136 -42.95 2.32 -38.39
C LEU I 136 -41.55 2.92 -38.22
N LYS I 137 -40.96 3.41 -39.30
CA LYS I 137 -39.78 4.31 -39.21
C LYS I 137 -40.32 5.72 -38.96
N PRO I 138 -39.49 6.68 -38.49
CA PRO I 138 -39.96 8.06 -38.31
C PRO I 138 -40.73 8.59 -39.52
N PHE I 139 -41.91 9.17 -39.26
CA PHE I 139 -42.77 9.79 -40.29
C PHE I 139 -43.17 8.80 -41.36
N GLU I 140 -43.18 7.49 -41.08
CA GLU I 140 -43.75 6.53 -42.05
C GLU I 140 -45.28 6.51 -41.91
N ARG I 141 -46.00 6.21 -42.99
CA ARG I 141 -47.49 6.18 -42.98
C ARG I 141 -47.88 4.82 -43.54
N ASP I 142 -48.73 4.04 -42.87
CA ASP I 142 -49.16 2.73 -43.41
C ASP I 142 -50.69 2.76 -43.45
N ILE I 143 -51.27 2.75 -44.64
CA ILE I 143 -52.76 2.76 -44.75
C ILE I 143 -53.23 1.42 -45.30
N SER I 144 -52.40 0.39 -45.34
CA SER I 144 -52.78 -0.97 -45.80
C SER I 144 -53.83 -1.63 -44.88
N THR I 145 -54.71 -2.49 -45.45
CA THR I 145 -55.74 -3.27 -44.72
C THR I 145 -55.47 -4.77 -44.96
N GLU I 146 -54.20 -5.13 -45.17
CA GLU I 146 -53.78 -6.54 -45.26
C GLU I 146 -54.14 -7.24 -43.95
N ILE I 147 -54.87 -8.34 -44.02
CA ILE I 147 -55.19 -9.21 -42.85
C ILE I 147 -53.88 -9.69 -42.24
N TYR I 148 -53.67 -9.44 -40.95
CA TYR I 148 -52.40 -9.71 -40.22
C TYR I 148 -52.36 -11.17 -39.76
N GLN I 149 -51.26 -11.82 -40.15
CA GLN I 149 -51.02 -13.24 -39.95
C GLN I 149 -50.28 -13.36 -38.62
N ALA I 150 -50.98 -13.75 -37.55
CA ALA I 150 -50.39 -13.80 -36.19
C ALA I 150 -49.88 -15.22 -35.87
N GLY I 151 -50.09 -16.21 -36.73
CA GLY I 151 -49.82 -17.62 -36.47
C GLY I 151 -49.07 -18.26 -37.62
N SER I 152 -48.72 -19.54 -37.47
CA SER I 152 -48.04 -20.39 -38.50
C SER I 152 -48.91 -20.57 -39.76
N THR I 153 -50.22 -20.80 -39.55
CA THR I 153 -51.21 -21.04 -40.64
C THR I 153 -51.27 -19.87 -41.64
N PRO I 154 -50.98 -20.11 -42.95
CA PRO I 154 -51.10 -19.10 -44.00
C PRO I 154 -52.53 -18.54 -43.96
N CYS I 155 -52.55 -17.30 -44.38
CA CYS I 155 -53.68 -16.30 -44.34
C CYS I 155 -53.95 -15.81 -45.77
N ASN I 156 -55.17 -15.93 -46.29
CA ASN I 156 -55.47 -15.76 -47.74
C ASN I 156 -56.41 -14.57 -47.94
N GLY I 157 -56.16 -13.44 -47.29
CA GLY I 157 -57.09 -12.28 -47.34
C GLY I 157 -58.34 -12.55 -46.52
N VAL I 158 -58.34 -13.60 -45.68
CA VAL I 158 -59.55 -14.09 -44.95
C VAL I 158 -59.32 -13.95 -43.44
N GLU I 159 -60.28 -13.31 -42.74
CA GLU I 159 -60.27 -13.18 -41.26
C GLU I 159 -60.57 -14.56 -40.65
N GLY I 160 -59.69 -15.03 -39.75
CA GLY I 160 -59.88 -16.27 -39.02
C GLY I 160 -59.12 -16.23 -37.73
N PHE I 161 -58.88 -17.39 -37.12
CA PHE I 161 -58.55 -17.52 -35.68
C PHE I 161 -57.16 -16.95 -35.30
N ASN I 162 -56.26 -16.83 -36.29
CA ASN I 162 -54.92 -16.16 -36.13
C ASN I 162 -54.69 -15.16 -37.29
N CYS I 163 -55.79 -14.67 -37.84
CA CYS I 163 -55.81 -13.85 -39.07
C CYS I 163 -56.66 -12.61 -38.80
N TYR I 164 -56.03 -11.50 -38.35
CA TYR I 164 -56.80 -10.32 -37.85
C TYR I 164 -56.78 -9.13 -38.84
N PHE I 165 -57.97 -8.52 -38.95
CA PHE I 165 -58.08 -7.16 -39.54
C PHE I 165 -57.18 -6.25 -38.70
N PRO I 166 -56.30 -5.46 -39.33
CA PRO I 166 -55.27 -4.75 -38.57
C PRO I 166 -55.72 -3.41 -37.94
N LEU I 167 -56.90 -2.86 -38.28
CA LEU I 167 -57.38 -1.61 -37.68
C LEU I 167 -58.50 -1.93 -36.65
N GLN I 168 -58.52 -1.17 -35.57
CA GLN I 168 -59.55 -1.23 -34.53
C GLN I 168 -60.16 0.18 -34.48
N SER I 169 -61.40 0.22 -34.06
CA SER I 169 -62.16 1.49 -33.84
C SER I 169 -61.96 1.98 -32.38
N TYR I 170 -61.58 3.25 -32.21
CA TYR I 170 -61.82 4.06 -30.99
C TYR I 170 -63.33 4.17 -30.86
N GLY I 171 -63.91 3.86 -29.70
CA GLY I 171 -65.29 4.27 -29.32
C GLY I 171 -65.28 5.54 -28.48
N PHE I 172 -65.58 6.71 -29.07
CA PHE I 172 -65.58 8.00 -28.33
C PHE I 172 -66.96 8.24 -27.74
N GLN I 173 -67.15 7.72 -26.52
CA GLN I 173 -68.32 7.97 -25.61
C GLN I 173 -68.21 9.36 -24.95
N PRO I 174 -69.27 10.22 -25.05
CA PRO I 174 -69.12 11.62 -24.63
C PRO I 174 -69.04 11.82 -23.11
N THR I 175 -69.55 10.87 -22.31
CA THR I 175 -69.56 10.95 -20.81
C THR I 175 -68.32 10.29 -20.22
N ASN I 176 -67.44 9.75 -21.05
CA ASN I 176 -66.15 9.17 -20.58
C ASN I 176 -65.22 10.23 -19.98
N GLY I 177 -64.37 9.75 -19.09
CA GLY I 177 -63.17 10.43 -18.59
C GLY I 177 -62.30 11.01 -19.70
N VAL I 178 -61.60 12.08 -19.35
CA VAL I 178 -60.80 12.85 -20.35
C VAL I 178 -59.73 11.95 -20.95
N GLY I 179 -59.23 10.95 -20.22
CA GLY I 179 -58.17 10.08 -20.75
C GLY I 179 -58.68 9.28 -21.96
N TYR I 180 -60.00 9.07 -22.01
CA TYR I 180 -60.71 8.29 -23.07
C TYR I 180 -61.38 9.22 -24.08
N GLN I 181 -61.32 10.53 -23.88
CA GLN I 181 -61.92 11.49 -24.82
C GLN I 181 -61.03 11.59 -26.04
N PRO I 182 -61.58 12.00 -27.19
CA PRO I 182 -60.74 12.38 -28.32
C PRO I 182 -60.00 13.71 -28.08
N TYR I 183 -58.75 13.66 -28.52
CA TYR I 183 -57.85 14.82 -28.64
C TYR I 183 -57.43 14.97 -30.10
N ARG I 184 -57.60 16.17 -30.62
CA ARG I 184 -56.94 16.56 -31.89
C ARG I 184 -55.50 16.91 -31.60
N VAL I 185 -54.61 16.55 -32.52
CA VAL I 185 -53.16 16.71 -32.35
C VAL I 185 -52.58 17.29 -33.62
N VAL I 186 -51.69 18.25 -33.48
CA VAL I 186 -50.89 18.79 -34.61
C VAL I 186 -49.45 18.67 -34.19
N VAL I 187 -48.63 18.09 -35.04
CA VAL I 187 -47.18 18.03 -34.79
C VAL I 187 -46.49 18.92 -35.81
N LEU I 188 -45.81 19.98 -35.37
CA LEU I 188 -45.02 20.83 -36.28
C LEU I 188 -43.59 20.33 -36.24
N SER I 189 -43.00 19.95 -37.37
CA SER I 189 -41.54 19.66 -37.52
C SER I 189 -40.87 20.85 -38.21
N PHE I 190 -39.74 21.26 -37.67
CA PHE I 190 -38.88 22.34 -38.17
C PHE I 190 -37.61 21.73 -38.78
N GLU I 191 -37.37 21.96 -40.06
CA GLU I 191 -36.15 21.55 -40.79
C GLU I 191 -35.33 22.81 -41.02
N LEU I 192 -34.06 22.83 -40.57
CA LEU I 192 -33.10 23.93 -40.90
C LEU I 192 -31.93 23.32 -41.66
N LEU I 193 -31.97 23.43 -43.00
CA LEU I 193 -30.98 22.84 -43.96
C LEU I 193 -30.14 23.97 -44.58
N HIS I 194 -29.16 23.62 -45.42
CA HIS I 194 -28.18 24.58 -46.03
C HIS I 194 -28.79 25.14 -47.31
N ALA I 195 -29.78 26.03 -47.19
CA ALA I 195 -30.72 26.47 -48.26
C ALA I 195 -31.44 27.74 -47.82
N PRO I 196 -32.22 28.39 -48.70
CA PRO I 196 -32.94 29.62 -48.32
C PRO I 196 -34.06 29.27 -47.33
N ALA I 197 -34.09 29.96 -46.19
CA ALA I 197 -35.11 29.75 -45.15
C ALA I 197 -36.37 30.52 -45.59
N THR I 198 -37.46 29.80 -45.88
CA THR I 198 -38.71 30.34 -46.49
C THR I 198 -39.80 30.56 -45.42
N VAL I 199 -39.73 29.89 -44.26
CA VAL I 199 -40.75 30.08 -43.18
C VAL I 199 -40.12 30.84 -42.01
N CYS I 200 -40.54 32.08 -41.76
CA CYS I 200 -39.99 32.97 -40.68
C CYS I 200 -41.14 33.48 -39.83
N GLY I 201 -40.83 33.81 -38.58
CA GLY I 201 -41.70 34.55 -37.64
C GLY I 201 -41.89 36.01 -38.13
N PRO I 202 -42.84 36.79 -37.56
CA PRO I 202 -43.40 38.00 -38.14
C PRO I 202 -42.43 39.11 -38.49
N ALA I 203 -41.25 39.16 -37.86
CA ALA I 203 -40.37 40.35 -37.96
C ALA I 203 -39.80 40.49 -39.38
N ALA I 204 -40.23 39.66 -40.34
CA ALA I 204 -39.78 39.68 -41.75
C ALA I 204 -40.80 40.47 -42.63
N ALA I 205 -41.38 41.55 -42.08
CA ALA I 205 -42.10 42.61 -42.83
C ALA I 205 -42.10 43.93 -42.04
N ALA J 2 -42.65 7.53 -13.63
CA ALA J 2 -42.39 8.29 -14.85
C ALA J 2 -42.61 7.42 -16.10
N MET J 3 -43.86 7.10 -16.43
CA MET J 3 -44.24 6.36 -17.67
C MET J 3 -45.36 7.15 -18.35
N ALA J 4 -46.25 7.76 -17.54
CA ALA J 4 -47.38 8.58 -18.06
C ALA J 4 -47.29 10.00 -17.52
N GLU J 5 -46.41 10.82 -18.12
CA GLU J 5 -46.22 12.28 -17.88
C GLU J 5 -47.56 13.02 -18.09
N ARG J 6 -48.11 13.60 -17.03
CA ARG J 6 -49.42 14.29 -17.06
C ARG J 6 -49.49 15.31 -15.92
N VAL J 7 -50.49 16.21 -15.97
CA VAL J 7 -50.85 17.02 -14.78
C VAL J 7 -52.14 16.43 -14.19
N GLU J 8 -52.06 16.02 -12.93
CA GLU J 8 -53.17 15.40 -12.20
C GLU J 8 -53.84 16.47 -11.38
N GLN J 9 -55.06 16.77 -11.74
CA GLN J 9 -55.89 17.79 -11.08
C GLN J 9 -56.96 17.05 -10.29
N THR J 10 -57.00 17.34 -9.00
CA THR J 10 -57.97 16.81 -8.03
C THR J 10 -58.62 17.97 -7.27
N PRO J 11 -59.93 17.93 -6.91
CA PRO J 11 -60.81 16.83 -7.32
C PRO J 11 -61.17 16.97 -8.81
N THR J 12 -61.70 15.88 -9.38
CA THR J 12 -62.21 15.89 -10.78
C THR J 12 -63.56 16.64 -10.81
N THR J 13 -64.44 16.45 -9.83
CA THR J 13 -65.73 17.18 -9.68
C THR J 13 -65.92 17.56 -8.21
N THR J 14 -66.57 18.70 -7.90
CA THR J 14 -67.10 18.96 -6.53
C THR J 14 -68.41 19.72 -6.62
N THR J 15 -69.30 19.40 -5.69
CA THR J 15 -70.50 20.21 -5.35
C THR J 15 -70.26 20.89 -4.00
N LYS J 16 -70.53 22.19 -3.93
CA LYS J 16 -70.36 23.06 -2.74
C LYS J 16 -71.61 23.95 -2.58
N GLU J 17 -71.86 24.35 -1.33
CA GLU J 17 -72.83 25.44 -0.99
C GLU J 17 -72.14 26.79 -1.10
N THR J 18 -72.86 27.77 -1.65
CA THR J 18 -72.54 29.23 -1.61
C THR J 18 -71.95 29.58 -0.25
N GLY J 19 -70.87 30.35 -0.17
CA GLY J 19 -70.25 30.73 1.12
C GLY J 19 -69.11 29.81 1.54
N GLU J 20 -69.08 28.54 1.11
CA GLU J 20 -67.96 27.60 1.40
C GLU J 20 -66.76 28.01 0.55
N SER J 21 -65.62 27.38 0.78
CA SER J 21 -64.40 27.58 -0.03
C SER J 21 -64.03 26.25 -0.65
N LEU J 22 -63.15 26.27 -1.61
CA LEU J 22 -62.73 25.03 -2.30
C LEU J 22 -61.26 25.15 -2.60
N THR J 23 -60.55 24.02 -2.59
CA THR J 23 -59.13 23.97 -3.02
C THR J 23 -58.97 22.97 -4.16
N ILE J 24 -58.34 23.39 -5.25
CA ILE J 24 -57.97 22.47 -6.35
C ILE J 24 -56.47 22.30 -6.29
N ASN J 25 -56.00 21.04 -6.29
CA ASN J 25 -54.56 20.65 -6.26
C ASN J 25 -54.19 20.02 -7.59
N CYS J 26 -53.07 20.49 -8.14
CA CYS J 26 -52.46 20.04 -9.39
C CYS J 26 -51.03 19.59 -9.07
N VAL J 27 -50.59 18.49 -9.67
CA VAL J 27 -49.18 18.05 -9.60
C VAL J 27 -48.78 17.48 -10.97
N LEU J 28 -47.64 17.95 -11.46
CA LEU J 28 -46.98 17.46 -12.68
C LEU J 28 -46.33 16.13 -12.30
N ARG J 29 -46.92 15.01 -12.72
CA ARG J 29 -46.68 13.61 -12.27
C ARG J 29 -45.86 12.92 -13.34
N ASP J 30 -45.07 11.92 -12.94
CA ASP J 30 -44.34 11.01 -13.86
C ASP J 30 -43.47 11.87 -14.80
N SER J 31 -42.89 12.91 -14.26
CA SER J 31 -42.05 13.84 -15.06
C SER J 31 -40.73 14.04 -14.36
N SER J 32 -39.68 14.17 -15.17
CA SER J 32 -38.34 14.60 -14.75
C SER J 32 -38.18 16.11 -14.96
N CYS J 33 -39.25 16.74 -15.43
CA CYS J 33 -39.36 18.16 -15.86
C CYS J 33 -39.46 19.08 -14.63
N ALA J 34 -38.85 20.25 -14.62
CA ALA J 34 -39.07 21.31 -13.60
C ALA J 34 -40.38 22.03 -13.83
N LEU J 35 -41.04 22.42 -12.74
CA LEU J 35 -42.24 23.29 -12.79
C LEU J 35 -41.78 24.75 -12.71
N ASP J 36 -41.83 25.49 -13.81
CA ASP J 36 -41.26 26.86 -13.89
C ASP J 36 -42.37 27.93 -13.78
N SER J 37 -43.56 27.68 -14.30
CA SER J 37 -44.68 28.61 -14.00
C SER J 37 -46.00 27.90 -14.16
N THR J 38 -47.08 28.55 -13.78
CA THR J 38 -48.44 27.95 -13.77
C THR J 38 -49.43 28.96 -14.34
N TYR J 39 -50.59 28.49 -14.77
CA TYR J 39 -51.68 29.35 -15.28
C TYR J 39 -53.01 28.66 -15.08
N TRP J 40 -54.04 29.42 -14.76
CA TRP J 40 -55.42 28.92 -14.54
C TRP J 40 -56.39 29.57 -15.51
N TYR J 41 -57.34 28.79 -16.00
CA TYR J 41 -58.42 29.07 -16.95
C TYR J 41 -59.75 28.57 -16.42
N PHE J 42 -60.86 29.22 -16.77
CA PHE J 42 -62.25 28.94 -16.35
C PHE J 42 -63.16 28.94 -17.57
N THR J 43 -64.09 28.01 -17.68
CA THR J 43 -65.23 28.19 -18.58
C THR J 43 -66.43 28.17 -17.66
N LYS J 44 -67.34 29.16 -17.76
CA LYS J 44 -68.65 29.10 -17.08
C LYS J 44 -69.37 27.82 -17.49
N LYS J 45 -70.23 27.37 -16.59
CA LYS J 45 -71.30 26.38 -16.87
C LYS J 45 -72.04 26.79 -18.15
N GLY J 46 -72.05 25.91 -19.16
CA GLY J 46 -72.86 26.07 -20.39
C GLY J 46 -72.20 27.00 -21.39
N ALA J 47 -70.97 27.44 -21.13
CA ALA J 47 -70.11 28.19 -22.09
C ALA J 47 -69.11 27.20 -22.71
N THR J 48 -68.44 27.58 -23.80
CA THR J 48 -67.33 26.79 -24.41
C THR J 48 -66.05 27.62 -24.45
N LYS J 49 -66.14 28.93 -24.17
CA LYS J 49 -64.93 29.77 -24.24
C LYS J 49 -64.05 29.42 -23.03
N LYS J 50 -62.79 29.01 -23.22
CA LYS J 50 -61.76 28.99 -22.16
C LYS J 50 -61.22 30.43 -22.03
N GLU J 51 -61.39 31.03 -20.83
CA GLU J 51 -60.87 32.38 -20.48
C GLU J 51 -59.94 32.32 -19.27
N SER J 52 -59.02 33.28 -19.22
CA SER J 52 -58.01 33.50 -18.16
C SER J 52 -58.69 33.73 -16.83
N LEU J 53 -58.22 33.15 -15.74
CA LEU J 53 -58.83 33.38 -14.40
C LEU J 53 -58.74 34.90 -14.11
N SER J 54 -59.74 35.51 -13.46
CA SER J 54 -59.76 36.97 -13.21
C SER J 54 -58.93 37.25 -11.97
N ASN J 55 -58.46 38.48 -11.86
CA ASN J 55 -57.76 38.94 -10.66
C ASN J 55 -58.80 39.40 -9.62
N GLY J 56 -59.69 38.47 -9.22
CA GLY J 56 -60.69 38.62 -8.12
C GLY J 56 -60.16 38.21 -6.74
N GLY J 57 -60.50 39.00 -5.71
CA GLY J 57 -59.89 38.92 -4.38
C GLY J 57 -60.12 37.54 -3.76
N ARG J 58 -60.99 36.72 -4.36
CA ARG J 58 -61.44 35.44 -3.78
C ARG J 58 -60.51 34.30 -4.19
N TYR J 59 -59.50 34.56 -5.05
CA TYR J 59 -58.60 33.53 -5.62
C TYR J 59 -57.22 33.66 -4.99
N ALA J 60 -56.73 32.56 -4.42
CA ALA J 60 -55.36 32.50 -3.84
C ALA J 60 -54.63 31.32 -4.47
N GLU J 61 -53.38 31.53 -4.83
CA GLU J 61 -52.52 30.57 -5.56
C GLU J 61 -51.34 30.18 -4.70
N THR J 62 -50.94 28.94 -4.76
CA THR J 62 -49.80 28.39 -3.96
C THR J 62 -48.92 27.59 -4.91
N VAL J 63 -47.63 27.47 -4.72
CA VAL J 63 -46.77 26.65 -5.63
C VAL J 63 -45.67 26.02 -4.79
N ASN J 64 -45.37 24.75 -4.96
CA ASN J 64 -44.07 24.19 -4.52
C ASN J 64 -43.34 23.72 -5.77
N LYS J 65 -42.38 24.47 -6.23
CA LYS J 65 -41.75 24.12 -7.53
C LYS J 65 -40.94 22.81 -7.40
N ALA J 66 -40.20 22.59 -6.31
CA ALA J 66 -39.45 21.33 -6.11
C ALA J 66 -40.36 20.10 -6.24
N SER J 67 -41.56 20.10 -5.65
CA SER J 67 -42.49 18.93 -5.60
C SER J 67 -43.40 18.97 -6.83
N LYS J 68 -43.31 20.07 -7.57
CA LYS J 68 -44.06 20.30 -8.84
C LYS J 68 -45.54 20.24 -8.60
N SER J 69 -45.98 20.82 -7.50
CA SER J 69 -47.40 20.84 -7.10
C SER J 69 -47.83 22.29 -6.95
N PHE J 70 -49.12 22.58 -7.17
CA PHE J 70 -49.66 23.94 -6.98
C PHE J 70 -51.14 23.84 -6.70
N SER J 71 -51.74 24.91 -6.18
CA SER J 71 -53.18 24.96 -5.82
C SER J 71 -53.79 26.33 -6.11
N LEU J 72 -55.07 26.25 -6.42
CA LEU J 72 -56.02 27.38 -6.45
C LEU J 72 -57.02 27.15 -5.34
N ARG J 73 -57.15 28.12 -4.45
CA ARG J 73 -58.20 28.17 -3.41
C ARG J 73 -59.15 29.30 -3.79
N ILE J 74 -60.45 29.02 -3.84
CA ILE J 74 -61.51 30.00 -4.12
C ILE J 74 -62.36 30.09 -2.86
N SER J 75 -62.42 31.29 -2.28
CA SER J 75 -63.08 31.55 -0.99
C SER J 75 -64.44 32.16 -1.28
N ASP J 76 -65.38 31.93 -0.38
CA ASP J 76 -66.74 32.55 -0.42
C ASP J 76 -67.40 32.26 -1.77
N LEU J 77 -67.56 31.00 -2.15
CA LEU J 77 -68.13 30.57 -3.45
C LEU J 77 -69.52 31.17 -3.65
N ARG J 78 -69.84 31.45 -4.92
CA ARG J 78 -71.15 31.95 -5.44
C ARG J 78 -71.57 30.97 -6.54
N VAL J 79 -72.68 31.21 -7.21
CA VAL J 79 -73.24 30.28 -8.23
C VAL J 79 -72.56 30.57 -9.57
N GLU J 80 -72.12 31.81 -9.79
CA GLU J 80 -71.38 32.23 -11.02
C GLU J 80 -70.01 31.56 -11.19
N ASP J 81 -69.39 31.17 -10.05
CA ASP J 81 -68.18 30.30 -10.02
C ASP J 81 -68.41 28.93 -10.70
N SER J 82 -69.65 28.47 -10.84
CA SER J 82 -69.98 27.12 -11.40
C SER J 82 -69.42 27.01 -12.82
N GLY J 83 -68.66 25.95 -13.08
CA GLY J 83 -68.02 25.72 -14.40
C GLY J 83 -66.78 24.83 -14.29
N THR J 84 -65.88 24.88 -15.27
CA THR J 84 -64.70 23.97 -15.33
C THR J 84 -63.45 24.84 -15.21
N TYR J 85 -62.60 24.47 -14.25
CA TYR J 85 -61.28 25.07 -13.96
C TYR J 85 -60.22 24.18 -14.58
N HIS J 86 -59.26 24.78 -15.28
CA HIS J 86 -58.11 24.07 -15.88
C HIS J 86 -56.83 24.72 -15.37
N CYS J 87 -55.90 23.88 -14.97
CA CYS J 87 -54.55 24.31 -14.60
C CYS J 87 -53.57 23.94 -15.70
N ARG J 88 -52.67 24.87 -16.02
CA ARG J 88 -51.61 24.66 -17.03
C ARG J 88 -50.24 24.81 -16.36
N ALA J 89 -49.40 23.78 -16.48
CA ALA J 89 -48.08 23.73 -15.82
C ALA J 89 -47.02 23.95 -16.90
N TYR J 90 -46.13 24.91 -16.73
CA TYR J 90 -45.12 25.28 -17.74
C TYR J 90 -43.80 24.74 -17.26
N SER J 91 -43.05 24.08 -18.16
CA SER J 91 -41.62 23.79 -18.01
C SER J 91 -40.87 24.51 -19.12
N LEU J 92 -39.95 25.39 -18.75
CA LEU J 92 -39.18 26.29 -19.64
C LEU J 92 -37.68 26.06 -19.57
N SER J 93 -37.15 25.51 -18.47
CA SER J 93 -35.72 25.29 -18.18
C SER J 93 -35.12 24.10 -18.85
N ALA J 94 -35.70 23.40 -19.81
CA ALA J 94 -35.04 22.22 -20.45
C ALA J 94 -34.42 21.27 -19.40
N GLY J 95 -33.12 21.05 -19.46
CA GLY J 95 -32.37 20.21 -18.52
C GLY J 95 -32.74 18.73 -18.51
N MET J 96 -33.28 18.26 -17.38
CA MET J 96 -33.80 16.91 -17.20
C MET J 96 -35.10 16.76 -18.00
N CYS J 97 -35.61 17.81 -18.65
CA CYS J 97 -36.81 17.65 -19.49
C CYS J 97 -36.35 17.62 -20.94
N ALA J 98 -36.94 16.72 -21.72
CA ALA J 98 -36.76 16.62 -23.20
C ALA J 98 -37.41 17.83 -23.90
N TRP J 99 -38.38 18.45 -23.23
CA TRP J 99 -39.27 19.46 -23.88
C TRP J 99 -39.34 20.72 -23.04
N MET J 100 -39.78 21.75 -23.75
CA MET J 100 -40.18 23.07 -23.22
C MET J 100 -41.56 23.48 -23.72
N GLY J 101 -42.39 23.98 -22.81
CA GLY J 101 -43.79 24.34 -23.09
C GLY J 101 -44.72 23.99 -21.94
N TYR J 102 -45.93 23.55 -22.25
CA TYR J 102 -46.92 23.27 -21.19
C TYR J 102 -47.75 22.01 -21.42
N ILE J 103 -48.12 21.40 -20.28
CA ILE J 103 -49.20 20.38 -20.23
C ILE J 103 -50.22 20.80 -19.17
N GLU J 104 -51.46 20.32 -19.31
CA GLU J 104 -52.66 20.86 -18.66
C GLU J 104 -53.46 19.76 -17.97
N GLY J 105 -54.10 20.14 -16.87
CA GLY J 105 -54.99 19.24 -16.15
C GLY J 105 -56.20 18.84 -16.97
N GLY J 106 -56.87 17.76 -16.54
CA GLY J 106 -58.12 17.27 -17.14
C GLY J 106 -59.31 18.13 -16.70
N GLY J 107 -59.14 18.99 -15.70
CA GLY J 107 -60.18 19.94 -15.27
C GLY J 107 -60.76 19.55 -13.94
N THR J 108 -61.44 20.48 -13.27
CA THR J 108 -62.31 20.26 -12.09
C THR J 108 -63.66 20.85 -12.46
N ILE J 109 -64.73 20.05 -12.43
CA ILE J 109 -66.09 20.55 -12.69
C ILE J 109 -66.69 20.94 -11.33
N VAL J 110 -66.90 22.24 -11.15
CA VAL J 110 -67.41 22.81 -9.86
C VAL J 110 -68.90 23.15 -10.03
N THR J 111 -69.77 22.66 -9.15
CA THR J 111 -71.19 23.07 -9.04
C THR J 111 -71.41 23.73 -7.67
N VAL J 112 -71.89 24.97 -7.66
CA VAL J 112 -72.21 25.70 -6.39
C VAL J 112 -73.72 25.90 -6.29
N ASN J 113 -74.38 25.44 -5.22
CA ASN J 113 -75.85 25.53 -4.99
C ASN J 113 -76.15 26.65 -3.99
N SER J 114 -77.41 27.07 -3.82
CA SER J 114 -77.82 28.07 -2.80
C SER J 114 -79.12 27.63 -2.10
N SER J 115 -79.05 26.52 -1.33
CA SER J 115 -80.10 25.94 -0.43
C SER J 115 -79.53 24.70 0.27
N THR K 8 -5.23 50.45 35.51
CA THR K 8 -4.27 49.42 36.01
C THR K 8 -5.05 48.13 36.32
N ASN K 9 -5.60 47.53 35.27
CA ASN K 9 -6.31 46.23 35.30
C ASN K 9 -5.69 45.34 34.22
N LEU K 10 -5.92 44.03 34.32
CA LEU K 10 -5.20 43.02 33.50
C LEU K 10 -5.54 43.17 32.01
N CYS K 11 -4.52 43.07 31.17
CA CYS K 11 -4.67 43.07 29.71
C CYS K 11 -5.51 41.86 29.31
N PRO K 12 -6.50 42.04 28.42
CA PRO K 12 -7.42 40.94 28.04
C PRO K 12 -6.82 39.91 27.06
N PHE K 13 -5.74 39.25 27.46
CA PHE K 13 -4.98 38.27 26.64
C PHE K 13 -5.81 37.02 26.44
N GLY K 14 -6.63 36.67 27.44
CA GLY K 14 -7.61 35.57 27.34
C GLY K 14 -8.48 35.65 26.11
N GLU K 15 -8.93 36.85 25.73
CA GLU K 15 -9.80 37.06 24.55
C GLU K 15 -9.08 36.61 23.27
N VAL K 16 -7.74 36.73 23.20
CA VAL K 16 -6.92 36.40 22.00
C VAL K 16 -6.62 34.90 22.00
N PHE K 17 -5.99 34.42 23.08
CA PHE K 17 -5.47 33.03 23.17
C PHE K 17 -6.59 31.99 23.25
N ASN K 18 -7.71 32.28 23.91
CA ASN K 18 -8.78 31.30 24.22
C ASN K 18 -10.01 31.60 23.38
N ALA K 19 -9.94 32.54 22.42
CA ALA K 19 -11.06 32.84 21.51
C ALA K 19 -11.56 31.50 20.98
N THR K 20 -12.88 31.34 20.81
CA THR K 20 -13.48 30.12 20.21
C THR K 20 -13.04 29.96 18.75
N ARG K 21 -13.17 31.05 17.98
CA ARG K 21 -12.81 31.19 16.53
C ARG K 21 -11.44 31.84 16.33
N PHE K 22 -10.61 31.25 15.46
CA PHE K 22 -9.36 31.87 14.99
C PHE K 22 -9.49 32.13 13.50
N ALA K 23 -8.82 33.18 13.02
CA ALA K 23 -8.85 33.61 11.62
C ALA K 23 -8.01 32.63 10.78
N SER K 24 -8.32 32.55 9.49
CA SER K 24 -7.42 32.06 8.41
C SER K 24 -6.20 32.97 8.34
N VAL K 25 -5.04 32.38 8.06
CA VAL K 25 -3.75 33.14 8.00
C VAL K 25 -3.85 34.30 6.99
N TYR K 26 -4.50 34.11 5.83
CA TYR K 26 -4.59 35.20 4.81
C TYR K 26 -5.34 36.42 5.39
N ALA K 27 -6.30 36.14 6.28
CA ALA K 27 -7.23 37.14 6.90
C ALA K 27 -6.90 37.30 8.39
N TRP K 28 -5.62 37.28 8.74
CA TRP K 28 -5.12 37.20 10.13
C TRP K 28 -5.71 38.35 10.97
N ASN K 29 -6.14 38.03 12.20
CA ASN K 29 -6.64 39.03 13.18
C ASN K 29 -5.49 39.84 13.74
N ARG K 30 -5.77 41.11 14.03
CA ARG K 30 -4.90 42.01 14.83
C ARG K 30 -5.75 42.64 15.93
N LYS K 31 -5.33 42.42 17.16
CA LYS K 31 -5.97 43.03 18.35
C LYS K 31 -4.95 43.97 18.97
N ARG K 32 -5.31 45.24 19.06
CA ARG K 32 -4.46 46.25 19.73
C ARG K 32 -4.63 46.14 21.25
N ILE K 33 -3.54 46.09 22.01
CA ILE K 33 -3.57 46.02 23.49
C ILE K 33 -2.99 47.31 24.06
N SER K 34 -3.70 48.04 24.93
CA SER K 34 -3.12 49.23 25.60
C SER K 34 -3.81 49.47 26.93
N ASN K 35 -3.11 50.24 27.76
CA ASN K 35 -3.64 50.83 29.03
C ASN K 35 -4.07 49.68 29.94
N CYS K 36 -3.09 48.84 30.26
CA CYS K 36 -3.33 47.59 31.01
C CYS K 36 -2.02 47.02 31.49
N VAL K 37 -2.15 46.16 32.50
CA VAL K 37 -1.04 45.35 33.07
C VAL K 37 -1.08 43.90 32.54
N ALA K 38 0.09 43.39 32.14
CA ALA K 38 0.26 42.17 31.35
C ALA K 38 1.24 41.22 32.06
N ASP K 39 0.75 40.07 32.50
CA ASP K 39 1.58 38.99 33.06
C ASP K 39 2.04 38.12 31.88
N TYR K 40 3.15 38.50 31.23
CA TYR K 40 3.75 37.70 30.12
C TYR K 40 4.30 36.38 30.67
N SER K 41 4.85 36.38 31.88
CA SER K 41 5.40 35.16 32.53
C SER K 41 4.36 34.02 32.61
N VAL K 42 3.11 34.29 32.95
CA VAL K 42 2.07 33.21 33.01
C VAL K 42 1.94 32.62 31.60
N LEU K 43 2.03 33.42 30.53
CA LEU K 43 1.99 32.81 29.15
C LEU K 43 3.24 31.94 28.94
N TYR K 44 4.39 32.54 29.19
CA TYR K 44 5.69 31.90 28.91
C TYR K 44 5.82 30.60 29.69
N ASN K 45 5.41 30.63 30.96
CA ASN K 45 5.49 29.44 31.85
C ASN K 45 4.29 28.50 31.70
N SER K 46 3.27 28.88 30.93
CA SER K 46 2.15 27.92 30.63
C SER K 46 2.69 26.64 29.95
N ALA K 47 2.01 25.50 30.13
CA ALA K 47 2.46 24.19 29.59
C ALA K 47 1.86 23.90 28.20
N SER K 48 0.94 24.75 27.72
CA SER K 48 0.12 24.54 26.50
C SER K 48 0.90 24.79 25.20
N PHE K 49 1.90 25.66 25.19
CA PHE K 49 2.58 26.08 23.94
C PHE K 49 3.67 25.09 23.54
N SER K 50 3.86 24.91 22.22
CA SER K 50 4.90 24.09 21.57
C SER K 50 6.00 25.03 21.02
N THR K 51 5.67 26.29 20.76
CA THR K 51 6.61 27.31 20.28
C THR K 51 6.44 28.57 21.11
N PHE K 52 7.53 29.15 21.58
CA PHE K 52 7.54 30.50 22.20
C PHE K 52 8.91 31.13 21.96
N LYS K 53 9.03 31.93 20.92
CA LYS K 53 10.30 32.54 20.48
C LYS K 53 10.14 34.06 20.51
N CYS K 54 10.99 34.73 21.29
CA CYS K 54 10.99 36.19 21.47
C CYS K 54 12.23 36.77 20.80
N TYR K 55 12.01 37.74 19.92
CA TYR K 55 13.01 38.33 19.02
C TYR K 55 13.28 39.74 19.57
N GLY K 56 14.54 40.05 19.85
CA GLY K 56 15.02 41.34 20.38
C GLY K 56 14.59 41.59 21.83
N VAL K 57 14.08 40.58 22.53
CA VAL K 57 13.73 40.74 23.98
C VAL K 57 13.68 39.36 24.58
N SER K 58 14.16 39.23 25.82
CA SER K 58 14.19 37.94 26.56
C SER K 58 12.80 37.68 27.14
N PRO K 59 12.23 36.47 26.97
CA PRO K 59 10.91 36.19 27.50
C PRO K 59 10.82 36.38 29.02
N THR K 60 11.92 36.15 29.75
CA THR K 60 11.96 36.23 31.21
C THR K 60 12.11 37.68 31.70
N LYS K 61 12.23 38.67 30.81
CA LYS K 61 12.32 40.11 31.23
C LYS K 61 11.07 40.87 30.81
N LEU K 62 10.07 40.21 30.20
CA LEU K 62 8.90 40.92 29.61
C LEU K 62 8.11 41.65 30.71
N ASN K 63 7.98 41.06 31.89
CA ASN K 63 7.21 41.62 33.04
C ASN K 63 7.90 42.91 33.53
N ASP K 64 9.16 43.16 33.10
CA ASP K 64 9.96 44.31 33.61
C ASP K 64 9.97 45.50 32.65
N LEU K 65 9.39 45.34 31.49
CA LEU K 65 9.36 46.36 30.40
C LEU K 65 7.96 46.97 30.29
N CYS K 66 7.93 48.23 29.84
CA CYS K 66 6.71 48.97 29.41
C CYS K 66 6.81 49.30 27.92
N PHE K 67 5.69 49.29 27.20
CA PHE K 67 5.59 49.57 25.74
C PHE K 67 4.44 50.55 25.44
N THR K 68 4.63 51.41 24.41
CA THR K 68 3.65 52.35 23.85
C THR K 68 2.43 51.56 23.36
N ASN K 69 2.66 50.59 22.48
CA ASN K 69 1.61 49.70 21.96
C ASN K 69 2.15 48.27 21.88
N VAL K 70 1.24 47.34 22.12
CA VAL K 70 1.32 45.87 21.91
C VAL K 70 0.22 45.51 20.92
N TYR K 71 0.55 44.74 19.91
CA TYR K 71 -0.42 44.09 18.99
C TYR K 71 -0.29 42.59 19.17
N ALA K 72 -1.44 41.92 19.14
CA ALA K 72 -1.57 40.47 19.12
C ALA K 72 -2.23 40.08 17.82
N ASP K 73 -1.43 39.50 16.92
CA ASP K 73 -1.90 38.93 15.63
C ASP K 73 -2.17 37.46 15.88
N SER K 74 -3.23 36.90 15.32
CA SER K 74 -3.58 35.49 15.53
C SER K 74 -4.22 34.88 14.28
N PHE K 75 -3.90 33.62 14.05
CA PHE K 75 -4.26 32.84 12.85
C PHE K 75 -3.91 31.36 13.02
N VAL K 76 -4.35 30.54 12.07
CA VAL K 76 -4.10 29.08 11.99
C VAL K 76 -3.27 28.78 10.74
N ILE K 77 -2.27 27.93 10.91
CA ILE K 77 -1.39 27.41 9.82
C ILE K 77 -1.15 25.95 10.16
N ARG K 78 -0.41 25.21 9.32
CA ARG K 78 0.03 23.83 9.58
C ARG K 78 1.28 23.86 10.44
N GLY K 79 1.54 22.78 11.19
CA GLY K 79 2.69 22.71 12.09
C GLY K 79 4.02 23.04 11.40
N ASP K 80 4.22 22.58 10.16
CA ASP K 80 5.54 22.73 9.49
C ASP K 80 5.66 24.11 8.83
N GLU K 81 4.67 24.98 9.01
CA GLU K 81 4.69 26.39 8.57
C GLU K 81 5.01 27.28 9.76
N VAL K 82 5.01 26.77 10.98
CA VAL K 82 5.27 27.67 12.13
C VAL K 82 6.66 28.32 12.00
N ARG K 83 7.61 27.64 11.41
CA ARG K 83 9.00 28.15 11.24
C ARG K 83 9.00 29.34 10.25
N GLN K 84 7.97 29.49 9.42
CA GLN K 84 7.86 30.63 8.46
C GLN K 84 7.44 31.92 9.17
N ILE K 85 6.97 31.84 10.43
CA ILE K 85 6.51 33.04 11.18
C ILE K 85 7.70 33.55 11.94
N ALA K 86 8.67 34.10 11.19
CA ALA K 86 9.97 34.58 11.69
C ALA K 86 10.53 35.57 10.68
N PRO K 87 11.37 36.52 11.14
CA PRO K 87 11.98 37.48 10.24
C PRO K 87 12.88 36.72 9.27
N GLY K 88 12.93 37.14 8.01
CA GLY K 88 13.87 36.63 7.02
C GLY K 88 13.38 35.40 6.29
N GLN K 89 12.25 34.82 6.70
CA GLN K 89 11.76 33.53 6.13
C GLN K 89 11.06 33.76 4.80
N THR K 90 10.97 32.73 3.97
CA THR K 90 10.30 32.81 2.65
C THR K 90 9.39 31.58 2.58
N GLY K 91 8.48 31.51 1.62
CA GLY K 91 7.47 30.44 1.50
C GLY K 91 6.12 31.06 1.33
N LYS K 92 5.08 30.27 1.08
CA LYS K 92 3.72 30.75 0.75
C LYS K 92 3.22 31.63 1.89
N ILE K 93 3.44 31.21 3.13
CA ILE K 93 2.90 31.96 4.30
C ILE K 93 3.63 33.30 4.43
N ALA K 94 4.95 33.26 4.56
CA ALA K 94 5.77 34.47 4.85
C ALA K 94 5.67 35.51 3.71
N ASP K 95 5.51 35.05 2.47
CA ASP K 95 5.49 35.89 1.26
C ASP K 95 4.08 36.43 0.98
N TYR K 96 3.04 35.60 1.10
CA TYR K 96 1.69 35.97 0.56
C TYR K 96 0.62 36.06 1.67
N ASN K 97 0.90 35.70 2.93
CA ASN K 97 -0.17 35.67 3.98
C ASN K 97 0.16 36.55 5.19
N TYR K 98 1.31 36.32 5.81
CA TYR K 98 1.75 37.04 7.03
C TYR K 98 3.26 37.14 7.09
N LYS K 99 3.74 38.38 7.05
CA LYS K 99 5.17 38.74 6.94
C LYS K 99 5.61 39.58 8.13
N LEU K 100 6.70 39.17 8.80
CA LEU K 100 7.34 39.90 9.93
C LEU K 100 8.40 40.85 9.39
N PRO K 101 8.54 42.05 9.98
CA PRO K 101 9.58 42.99 9.57
C PRO K 101 10.98 42.44 9.91
N ASP K 102 12.01 42.92 9.20
CA ASP K 102 13.43 42.53 9.44
C ASP K 102 13.76 42.93 10.89
N ASP K 103 13.24 44.06 11.39
CA ASP K 103 13.62 44.60 12.72
C ASP K 103 12.61 44.13 13.80
N PHE K 104 11.99 42.96 13.66
CA PHE K 104 10.88 42.48 14.54
C PHE K 104 11.29 42.44 16.01
N THR K 105 10.50 43.05 16.87
CA THR K 105 10.61 42.87 18.33
C THR K 105 9.29 42.29 18.83
N GLY K 106 9.34 41.09 19.43
CA GLY K 106 8.11 40.42 19.86
C GLY K 106 8.30 38.92 19.97
N CYS K 107 7.21 38.21 20.22
CA CYS K 107 7.23 36.77 20.50
C CYS K 107 6.28 36.13 19.53
N VAL K 108 6.72 35.00 18.99
CA VAL K 108 5.88 34.11 18.14
C VAL K 108 5.49 32.95 19.02
N ILE K 109 4.20 32.69 19.20
CA ILE K 109 3.70 31.68 20.16
C ILE K 109 2.79 30.75 19.38
N ALA K 110 2.92 29.45 19.52
CA ALA K 110 2.05 28.51 18.79
C ALA K 110 1.78 27.26 19.63
N TRP K 111 0.63 26.62 19.36
CA TRP K 111 0.24 25.34 19.96
C TRP K 111 -0.55 24.49 18.99
N ASN K 112 -0.40 23.18 19.15
CA ASN K 112 -1.16 22.18 18.36
C ASN K 112 -2.65 22.36 18.65
N SER K 113 -3.50 22.50 17.63
CA SER K 113 -4.95 22.74 17.78
C SER K 113 -5.72 21.63 17.06
N ASN K 114 -5.11 20.46 16.87
CA ASN K 114 -5.74 19.31 16.17
C ASN K 114 -7.13 19.01 16.74
N ASN K 115 -7.27 18.97 18.06
CA ASN K 115 -8.54 18.70 18.78
C ASN K 115 -9.62 19.77 18.54
N LEU K 116 -9.28 21.00 18.13
CA LEU K 116 -10.28 22.09 17.89
C LEU K 116 -10.51 22.31 16.39
N ASP K 117 -9.49 22.20 15.56
CA ASP K 117 -9.51 22.64 14.14
C ASP K 117 -9.37 21.47 13.15
N SER K 118 -9.52 20.21 13.55
CA SER K 118 -9.79 19.09 12.61
C SER K 118 -11.16 18.41 12.88
N LYS K 119 -11.94 18.10 11.83
CA LYS K 119 -13.17 17.27 11.89
C LYS K 119 -12.71 15.85 11.59
N VAL K 120 -13.63 14.90 11.55
CA VAL K 120 -13.34 13.47 11.18
C VAL K 120 -13.35 13.33 9.65
N GLY K 121 -14.18 14.08 8.92
CA GLY K 121 -14.10 14.11 7.44
C GLY K 121 -13.02 15.07 6.93
N GLY K 122 -12.31 15.73 7.86
CA GLY K 122 -11.39 16.85 7.58
C GLY K 122 -12.09 18.18 7.69
N ASN K 123 -11.36 19.16 8.21
CA ASN K 123 -11.77 20.59 8.38
C ASN K 123 -11.21 21.38 7.20
N TYR K 124 -12.11 22.02 6.46
CA TYR K 124 -11.79 22.76 5.21
C TYR K 124 -12.09 24.26 5.34
N ASN K 125 -12.28 24.72 6.57
CA ASN K 125 -12.76 26.10 6.82
C ASN K 125 -11.61 27.09 6.80
N TYR K 126 -10.36 26.62 6.95
CA TYR K 126 -9.15 27.47 6.89
C TYR K 126 -8.58 27.53 5.48
N LEU K 127 -8.24 28.76 5.09
CA LEU K 127 -7.64 29.13 3.76
C LEU K 127 -6.29 29.82 3.88
N TYR K 128 -5.50 29.75 2.81
CA TYR K 128 -4.26 30.52 2.71
C TYR K 128 -4.16 31.04 1.27
N ARG K 129 -3.51 32.18 1.11
CA ARG K 129 -3.28 32.77 -0.21
C ARG K 129 -2.16 31.98 -0.87
N LEU K 130 -2.39 31.51 -2.08
CA LEU K 130 -1.48 30.60 -2.82
C LEU K 130 -0.72 31.42 -3.87
N PHE K 131 -1.31 32.51 -4.34
CA PHE K 131 -0.81 33.25 -5.52
C PHE K 131 -0.93 34.75 -5.24
N ARG K 132 0.09 35.50 -5.69
CA ARG K 132 0.03 36.97 -5.65
C ARG K 132 1.02 37.53 -6.65
N LYS K 133 0.81 38.80 -7.00
CA LYS K 133 1.66 39.62 -7.90
C LYS K 133 3.04 39.86 -7.29
N SER K 134 3.11 40.02 -5.99
CA SER K 134 4.37 40.33 -5.27
C SER K 134 4.19 39.95 -3.79
N ASN K 135 5.26 40.04 -3.00
CA ASN K 135 5.29 39.63 -1.58
C ASN K 135 4.63 40.69 -0.72
N LEU K 136 3.98 40.30 0.38
CA LEU K 136 3.46 41.28 1.37
C LEU K 136 4.62 42.10 1.92
N LYS K 137 4.35 43.35 2.32
CA LYS K 137 5.29 44.12 3.19
C LYS K 137 5.03 43.67 4.63
N PRO K 138 5.94 43.94 5.58
CA PRO K 138 5.68 43.60 6.98
C PRO K 138 4.30 44.04 7.46
N PHE K 139 3.59 43.11 8.10
CA PHE K 139 2.24 43.35 8.69
C PHE K 139 1.26 43.83 7.64
N GLU K 140 1.46 43.51 6.36
CA GLU K 140 0.41 43.80 5.36
C GLU K 140 -0.65 42.68 5.40
N ARG K 141 -1.90 43.00 5.06
CA ARG K 141 -3.01 42.02 5.09
C ARG K 141 -3.68 42.10 3.74
N ASP K 142 -3.89 40.98 3.04
CA ASP K 142 -4.57 41.02 1.71
C ASP K 142 -5.74 40.06 1.80
N ILE K 143 -6.97 40.56 1.76
CA ILE K 143 -8.16 39.69 1.82
C ILE K 143 -8.88 39.72 0.48
N SER K 144 -8.25 40.24 -0.59
CA SER K 144 -8.85 40.23 -1.96
C SER K 144 -9.03 38.80 -2.52
N THR K 145 -10.06 38.60 -3.37
CA THR K 145 -10.38 37.32 -4.06
C THR K 145 -10.35 37.59 -5.57
N GLU K 146 -9.53 38.56 -6.01
CA GLU K 146 -9.27 38.79 -7.46
C GLU K 146 -8.67 37.50 -8.04
N ILE K 147 -9.28 36.97 -9.09
CA ILE K 147 -8.76 35.82 -9.87
C ILE K 147 -7.36 36.17 -10.37
N TYR K 148 -6.37 35.34 -10.05
CA TYR K 148 -4.93 35.57 -10.33
C TYR K 148 -4.61 35.13 -11.76
N GLN K 149 -4.01 36.10 -12.48
CA GLN K 149 -3.71 36.02 -13.90
C GLN K 149 -2.30 35.47 -13.99
N ALA K 150 -2.15 34.18 -14.32
CA ALA K 150 -0.83 33.51 -14.33
C ALA K 150 -0.25 33.51 -15.75
N GLY K 151 -0.97 33.99 -16.78
CA GLY K 151 -0.56 33.97 -18.18
C GLY K 151 -0.65 35.35 -18.81
N SER K 152 -0.25 35.42 -20.09
CA SER K 152 -0.39 36.64 -20.96
C SER K 152 -1.86 37.02 -21.19
N THR K 153 -2.72 36.01 -21.41
CA THR K 153 -4.17 36.17 -21.65
C THR K 153 -4.90 36.92 -20.51
N PRO K 154 -5.52 38.10 -20.79
CA PRO K 154 -6.33 38.82 -19.81
C PRO K 154 -7.38 37.87 -19.25
N CYS K 155 -7.70 38.20 -18.01
CA CYS K 155 -8.54 37.46 -17.02
C CYS K 155 -9.71 38.36 -16.57
N ASN K 156 -10.97 37.92 -16.67
CA ASN K 156 -12.14 38.85 -16.60
C ASN K 156 -13.02 38.48 -15.39
N GLY K 157 -12.42 38.25 -14.23
CA GLY K 157 -13.13 37.76 -13.03
C GLY K 157 -13.57 36.31 -13.19
N VAL K 158 -13.04 35.60 -14.20
CA VAL K 158 -13.50 34.22 -14.59
C VAL K 158 -12.35 33.22 -14.37
N GLU K 159 -12.63 32.13 -13.67
CA GLU K 159 -11.65 31.02 -13.44
C GLU K 159 -11.50 30.25 -14.76
N GLY K 160 -10.25 30.10 -15.23
CA GLY K 160 -9.93 29.28 -16.41
C GLY K 160 -8.50 28.85 -16.36
N PHE K 161 -7.95 28.47 -17.50
CA PHE K 161 -6.74 27.62 -17.62
C PHE K 161 -5.45 28.28 -17.12
N ASN K 162 -5.41 29.61 -17.08
CA ASN K 162 -4.28 30.39 -16.45
C ASN K 162 -4.83 31.50 -15.52
N CYS K 163 -6.04 31.23 -15.00
CA CYS K 163 -6.84 32.21 -14.24
C CYS K 163 -7.29 31.54 -12.96
N TYR K 164 -6.52 31.69 -11.86
CA TYR K 164 -6.77 30.88 -10.62
C TYR K 164 -7.37 31.75 -9.49
N PHE K 165 -8.35 31.14 -8.82
CA PHE K 165 -8.80 31.63 -7.49
C PHE K 165 -7.56 31.64 -6.59
N PRO K 166 -7.30 32.75 -5.88
CA PRO K 166 -6.01 32.89 -5.21
C PRO K 166 -5.93 32.22 -3.82
N LEU K 167 -7.04 31.76 -3.21
CA LEU K 167 -7.03 31.07 -1.92
C LEU K 167 -7.20 29.55 -2.14
N GLN K 168 -6.51 28.76 -1.34
CA GLN K 168 -6.63 27.29 -1.29
C GLN K 168 -7.04 26.98 0.15
N SER K 169 -7.71 25.85 0.28
CA SER K 169 -8.13 25.26 1.58
C SER K 169 -7.03 24.33 2.13
N TYR K 170 -6.60 24.52 3.38
CA TYR K 170 -5.97 23.51 4.25
C TYR K 170 -7.04 22.44 4.46
N GLY K 171 -6.72 21.16 4.23
CA GLY K 171 -7.50 20.02 4.71
C GLY K 171 -6.92 19.47 6.00
N PHE K 172 -7.52 19.78 7.16
CA PHE K 172 -7.01 19.32 8.46
C PHE K 172 -7.67 17.97 8.77
N GLN K 173 -7.00 16.90 8.32
CA GLN K 173 -7.26 15.47 8.66
C GLN K 173 -6.72 15.14 10.05
N PRO K 174 -7.55 14.56 10.97
CA PRO K 174 -7.13 14.44 12.37
C PRO K 174 -6.05 13.37 12.60
N THR K 175 -5.93 12.39 11.70
CA THR K 175 -4.97 11.26 11.77
C THR K 175 -3.64 11.61 11.10
N ASN K 176 -3.53 12.80 10.51
CA ASN K 176 -2.26 13.26 9.91
C ASN K 176 -1.17 13.47 10.97
N GLY K 177 0.05 13.35 10.50
CA GLY K 177 1.29 13.81 11.15
C GLY K 177 1.19 15.24 11.68
N VAL K 178 1.95 15.50 12.73
CA VAL K 178 1.88 16.82 13.44
C VAL K 178 2.28 17.93 12.47
N GLY K 179 3.13 17.65 11.49
CA GLY K 179 3.58 18.69 10.54
C GLY K 179 2.40 19.21 9.72
N TYR K 180 1.38 18.37 9.55
CA TYR K 180 0.15 18.66 8.76
C TYR K 180 -1.03 19.03 9.67
N GLN K 181 -0.85 18.98 10.99
CA GLN K 181 -1.93 19.32 11.93
C GLN K 181 -2.09 20.84 11.96
N PRO K 182 -3.25 21.35 12.34
CA PRO K 182 -3.39 22.76 12.64
C PRO K 182 -2.68 23.17 13.94
N TYR K 183 -2.03 24.32 13.82
CA TYR K 183 -1.45 25.09 14.93
C TYR K 183 -2.10 26.47 14.99
N ARG K 184 -2.57 26.82 16.17
CA ARG K 184 -2.92 28.23 16.46
C ARG K 184 -1.66 29.00 16.76
N VAL K 185 -1.61 30.24 16.32
CA VAL K 185 -0.41 31.10 16.43
C VAL K 185 -0.85 32.47 16.93
N VAL K 186 -0.11 33.03 17.86
CA VAL K 186 -0.28 34.43 18.30
C VAL K 186 1.08 35.08 18.15
N VAL K 187 1.12 36.21 17.47
CA VAL K 187 2.37 36.99 17.36
C VAL K 187 2.19 38.28 18.15
N LEU K 188 2.99 38.47 19.21
CA LEU K 188 2.96 39.72 19.99
C LEU K 188 4.04 40.62 19.45
N SER K 189 3.73 41.83 18.99
CA SER K 189 4.71 42.90 18.61
C SER K 189 4.73 43.95 19.73
N PHE K 190 5.94 44.37 20.09
CA PHE K 190 6.20 45.42 21.10
C PHE K 190 6.72 46.68 20.40
N GLU K 191 6.00 47.79 20.51
CA GLU K 191 6.37 49.11 19.93
C GLU K 191 6.80 49.99 21.10
N LEU K 192 8.00 50.56 21.05
CA LEU K 192 8.47 51.62 21.99
C LEU K 192 8.73 52.89 21.18
N LEU K 193 7.77 53.82 21.19
CA LEU K 193 7.78 55.09 20.41
C LEU K 193 7.95 56.27 21.38
N HIS K 194 7.96 57.51 20.85
CA HIS K 194 8.02 58.79 21.63
C HIS K 194 6.61 59.14 22.12
N ALA K 195 6.12 58.42 23.14
CA ALA K 195 4.83 58.67 23.84
C ALA K 195 4.86 58.02 25.22
N PRO K 196 3.83 58.26 26.07
CA PRO K 196 3.74 57.58 27.37
C PRO K 196 3.48 56.07 27.15
N ALA K 197 4.27 55.23 27.82
CA ALA K 197 4.19 53.76 27.76
C ALA K 197 2.99 53.28 28.59
N THR K 198 1.98 52.71 27.94
CA THR K 198 0.67 52.35 28.53
C THR K 198 0.58 50.85 28.85
N VAL K 199 1.39 49.99 28.24
CA VAL K 199 1.34 48.52 28.52
C VAL K 199 2.61 48.11 29.30
N CYS K 200 2.45 47.72 30.58
CA CYS K 200 3.57 47.37 31.48
C CYS K 200 3.28 46.01 32.11
N GLY K 201 4.33 45.32 32.51
CA GLY K 201 4.26 44.12 33.38
C GLY K 201 3.80 44.51 34.81
N PRO K 202 3.46 43.52 35.68
CA PRO K 202 2.61 43.73 36.87
C PRO K 202 3.11 44.74 37.90
N ALA K 203 4.40 45.02 37.94
CA ALA K 203 5.03 45.82 39.02
C ALA K 203 4.54 47.27 38.98
N ALA K 204 3.60 47.63 38.09
CA ALA K 204 3.03 48.99 37.97
C ALA K 204 1.67 49.06 38.69
N ALA K 205 1.55 48.40 39.85
CA ALA K 205 0.34 48.40 40.70
C ALA K 205 0.70 47.97 42.14
N ALA L 4 12.61 23.67 8.83
CA ALA L 4 14.02 23.34 9.10
C ALA L 4 14.23 23.12 10.63
N GLU L 5 14.43 24.25 11.34
CA GLU L 5 14.63 24.37 12.81
C GLU L 5 13.48 23.70 13.57
N ARG L 6 13.76 22.62 14.30
CA ARG L 6 12.76 21.87 15.08
C ARG L 6 13.42 21.12 16.23
N VAL L 7 12.63 20.58 17.15
CA VAL L 7 13.12 19.51 18.08
C VAL L 7 12.56 18.17 17.59
N GLU L 8 13.47 17.25 17.30
CA GLU L 8 13.14 15.91 16.78
C GLU L 8 13.17 14.95 17.95
N GLN L 9 12.01 14.44 18.26
CA GLN L 9 11.79 13.47 19.35
C GLN L 9 11.55 12.11 18.72
N THR L 10 12.37 11.16 19.11
CA THR L 10 12.34 9.75 18.66
C THR L 10 12.36 8.83 19.89
N PRO L 11 11.63 7.67 19.88
CA PRO L 11 10.72 7.34 18.78
C PRO L 11 9.45 8.18 18.85
N THR L 12 8.72 8.21 17.72
CA THR L 12 7.43 8.93 17.64
C THR L 12 6.34 8.12 18.39
N THR L 13 6.32 6.78 18.30
CA THR L 13 5.42 5.89 19.06
C THR L 13 6.22 4.69 19.57
N THR L 14 5.90 4.13 20.75
CA THR L 14 6.40 2.78 21.13
C THR L 14 5.32 2.05 21.93
N THR L 15 5.29 0.74 21.74
CA THR L 15 4.61 -0.24 22.64
C THR L 15 5.69 -1.01 23.43
N LYS L 16 5.48 -1.13 24.74
CA LYS L 16 6.36 -1.83 25.71
C LYS L 16 5.50 -2.69 26.64
N GLU L 17 6.11 -3.77 27.16
CA GLU L 17 5.56 -4.57 28.29
C GLU L 17 5.95 -3.93 29.62
N THR L 18 5.00 -3.91 30.56
CA THR L 18 5.20 -3.62 32.00
C THR L 18 6.53 -4.22 32.46
N GLY L 19 7.36 -3.50 33.22
CA GLY L 19 8.66 -4.01 33.69
C GLY L 19 9.83 -3.63 32.80
N GLU L 20 9.62 -3.38 31.49
CA GLU L 20 10.70 -2.94 30.57
C GLU L 20 11.01 -1.48 30.88
N SER L 21 12.03 -0.93 30.25
CA SER L 21 12.40 0.50 30.34
C SER L 21 12.33 1.08 28.95
N LEU L 22 12.35 2.38 28.85
CA LEU L 22 12.23 3.05 27.53
C LEU L 22 13.12 4.29 27.58
N THR L 23 13.69 4.63 26.43
CA THR L 23 14.47 5.88 26.29
C THR L 23 13.87 6.75 25.20
N ILE L 24 13.62 8.03 25.49
CA ILE L 24 13.20 9.00 24.46
C ILE L 24 14.39 9.93 24.25
N ASN L 25 14.81 10.12 22.99
CA ASN L 25 15.90 11.04 22.57
C ASN L 25 15.30 12.22 21.81
N CYS L 26 15.74 13.40 22.21
CA CYS L 26 15.38 14.71 21.63
C CYS L 26 16.67 15.40 21.17
N VAL L 27 16.66 16.02 19.99
CA VAL L 27 17.76 16.88 19.52
C VAL L 27 17.19 18.09 18.80
N LEU L 28 17.69 19.26 19.19
CA LEU L 28 17.37 20.57 18.58
C LEU L 28 18.16 20.60 17.26
N ARG L 29 17.47 20.42 16.13
CA ARG L 29 18.00 20.11 14.78
C ARG L 29 17.91 21.36 13.95
N ASP L 30 18.83 21.52 12.98
CA ASP L 30 18.81 22.61 11.97
C ASP L 30 18.75 23.95 12.71
N SER L 31 19.46 24.06 13.80
CA SER L 31 19.50 25.31 14.61
C SER L 31 20.94 25.69 14.84
N SER L 32 21.17 27.00 14.86
CA SER L 32 22.43 27.63 15.28
C SER L 32 22.34 28.04 16.77
N CYS L 33 21.22 27.72 17.38
CA CYS L 33 20.81 28.07 18.77
C CYS L 33 21.52 27.17 19.79
N ALA L 34 21.94 27.69 20.93
CA ALA L 34 22.46 26.88 22.06
C ALA L 34 21.31 26.21 22.81
N LEU L 35 21.54 25.01 23.32
CA LEU L 35 20.59 24.31 24.21
C LEU L 35 20.95 24.68 25.65
N ASP L 36 20.15 25.51 26.30
CA ASP L 36 20.48 26.05 27.65
C ASP L 36 19.71 25.30 28.74
N SER L 37 18.48 24.87 28.50
CA SER L 37 17.82 24.00 29.50
C SER L 37 16.73 23.18 28.82
N THR L 38 16.16 22.23 29.55
CA THR L 38 15.18 21.26 29.01
C THR L 38 14.04 21.12 30.00
N TYR L 39 12.89 20.61 29.53
CA TYR L 39 11.72 20.35 30.38
C TYR L 39 10.89 19.26 29.72
N TRP L 40 10.27 18.41 30.53
CA TRP L 40 9.39 17.31 30.08
C TRP L 40 8.00 17.45 30.66
N TYR L 41 7.01 17.12 29.87
CA TYR L 41 5.54 17.12 30.09
C TYR L 41 4.94 15.79 29.68
N PHE L 42 3.86 15.38 30.33
CA PHE L 42 3.11 14.13 30.13
C PHE L 42 1.62 14.42 30.02
N THR L 43 0.90 13.82 29.12
CA THR L 43 -0.56 13.73 29.24
C THR L 43 -0.84 12.26 29.34
N LYS L 44 -1.63 11.80 30.32
CA LYS L 44 -2.15 10.41 30.38
C LYS L 44 -2.91 10.14 29.08
N LYS L 45 -2.93 8.86 28.71
CA LYS L 45 -3.85 8.29 27.70
C LYS L 45 -5.27 8.75 28.01
N GLY L 46 -5.93 9.44 27.05
CA GLY L 46 -7.35 9.81 27.12
C GLY L 46 -7.58 11.06 27.96
N ALA L 47 -6.51 11.73 28.41
CA ALA L 47 -6.54 13.09 29.00
C ALA L 47 -6.16 14.11 27.91
N THR L 48 -6.38 15.40 28.16
CA THR L 48 -5.90 16.51 27.28
C THR L 48 -5.00 17.45 28.07
N LYS L 49 -4.95 17.31 29.38
CA LYS L 49 -4.16 18.26 30.22
C LYS L 49 -2.69 17.93 30.01
N LYS L 50 -1.84 18.88 29.53
CA LYS L 50 -0.37 18.75 29.61
C LYS L 50 0.05 19.15 31.04
N GLU L 51 0.68 18.21 31.76
CA GLU L 51 1.23 18.38 33.14
C GLU L 51 2.74 18.07 33.18
N SER L 52 3.40 18.71 34.13
CA SER L 52 4.86 18.63 34.40
C SER L 52 5.25 17.19 34.76
N LEU L 53 6.35 16.67 34.25
CA LEU L 53 6.82 15.31 34.63
C LEU L 53 7.06 15.30 36.14
N SER L 54 6.77 14.23 36.89
CA SER L 54 6.92 14.22 38.36
C SER L 54 8.36 13.87 38.70
N ASN L 55 8.77 14.20 39.90
CA ASN L 55 10.08 13.80 40.43
C ASN L 55 9.99 12.35 40.98
N GLY L 56 9.61 11.38 40.13
CA GLY L 56 9.13 10.03 40.51
C GLY L 56 10.11 8.87 40.47
N GLY L 57 11.42 9.10 40.47
CA GLY L 57 12.38 8.06 40.91
C GLY L 57 12.61 7.08 39.78
N ARG L 58 11.63 6.80 38.92
CA ARG L 58 11.80 5.93 37.73
C ARG L 58 12.29 6.74 36.52
N TYR L 59 12.45 8.07 36.66
CA TYR L 59 12.77 9.01 35.56
C TYR L 59 14.21 9.48 35.71
N ALA L 60 15.00 9.30 34.66
CA ALA L 60 16.40 9.78 34.61
C ALA L 60 16.59 10.61 33.36
N GLU L 61 17.31 11.72 33.48
CA GLU L 61 17.53 12.74 32.43
C GLU L 61 19.02 12.79 32.07
N THR L 62 19.31 12.99 30.81
CA THR L 62 20.71 13.14 30.31
C THR L 62 20.75 14.38 29.43
N VAL L 63 21.85 15.10 29.28
CA VAL L 63 21.91 16.27 28.36
C VAL L 63 23.31 16.35 27.78
N ASN L 64 23.46 16.56 26.48
CA ASN L 64 24.74 17.03 25.91
C ASN L 64 24.47 18.39 25.29
N LYS L 65 24.88 19.45 25.97
CA LYS L 65 24.51 20.81 25.48
C LYS L 65 25.21 21.12 24.15
N ALA L 66 26.49 20.79 23.98
CA ALA L 66 27.22 21.02 22.72
C ALA L 66 26.48 20.41 21.52
N SER L 67 25.97 19.18 21.62
CA SER L 67 25.33 18.43 20.50
C SER L 67 23.83 18.74 20.47
N LYS L 68 23.38 19.44 21.51
CA LYS L 68 21.98 19.91 21.67
C LYS L 68 21.03 18.74 21.69
N SER L 69 21.43 17.68 22.36
CA SER L 69 20.63 16.44 22.48
C SER L 69 20.37 16.18 23.96
N PHE L 70 19.24 15.51 24.27
CA PHE L 70 18.94 15.12 25.64
C PHE L 70 18.01 13.91 25.61
N SER L 71 17.89 13.22 26.74
CA SER L 71 17.06 12.00 26.87
C SER L 71 16.34 11.93 28.21
N LEU L 72 15.19 11.30 28.15
CA LEU L 72 14.41 10.79 29.29
C LEU L 72 14.42 9.27 29.19
N ARG L 73 14.86 8.62 30.24
CA ARG L 73 14.75 7.16 30.44
C ARG L 73 13.74 6.92 31.55
N ILE L 74 12.74 6.08 31.29
CA ILE L 74 11.72 5.67 32.27
C ILE L 74 11.90 4.18 32.51
N SER L 75 12.19 3.81 33.75
CA SER L 75 12.56 2.44 34.15
C SER L 75 11.33 1.78 34.77
N ASP L 76 11.25 0.45 34.65
CA ASP L 76 10.18 -0.37 35.28
C ASP L 76 8.80 0.17 34.90
N LEU L 77 8.48 0.22 33.62
CA LEU L 77 7.21 0.76 33.07
C LEU L 77 6.01 0.05 33.70
N ARG L 78 4.91 0.81 33.88
CA ARG L 78 3.58 0.37 34.35
C ARG L 78 2.59 0.84 33.28
N VAL L 79 1.29 0.62 33.49
CA VAL L 79 0.24 0.92 32.47
C VAL L 79 -0.14 2.40 32.62
N GLU L 80 -0.01 2.97 33.81
CA GLU L 80 -0.29 4.41 34.10
C GLU L 80 0.66 5.37 33.37
N ASP L 81 1.87 4.91 33.08
CA ASP L 81 2.85 5.61 32.20
C ASP L 81 2.28 5.84 30.77
N SER L 82 1.27 5.09 30.32
CA SER L 82 0.72 5.17 28.94
C SER L 82 0.21 6.59 28.68
N GLY L 83 0.65 7.21 27.59
CA GLY L 83 0.27 8.59 27.24
C GLY L 83 1.24 9.26 26.29
N THR L 84 1.26 10.60 26.24
CA THR L 84 2.13 11.35 25.30
C THR L 84 3.12 12.15 26.14
N TYR L 85 4.40 11.97 25.85
CA TYR L 85 5.56 12.69 26.43
C TYR L 85 5.99 13.78 25.47
N HIS L 86 6.21 14.97 25.98
CA HIS L 86 6.69 16.12 25.20
C HIS L 86 7.96 16.65 25.87
N CYS L 87 8.95 16.90 25.04
CA CYS L 87 10.19 17.55 25.46
C CYS L 87 10.20 18.98 24.97
N ARG L 88 10.61 19.90 25.86
CA ARG L 88 10.75 21.33 25.55
C ARG L 88 12.21 21.75 25.71
N ALA L 89 12.78 22.33 24.64
CA ALA L 89 14.20 22.70 24.59
C ALA L 89 14.27 24.22 24.71
N TYR L 90 15.02 24.77 25.65
CA TYR L 90 15.07 26.22 25.90
C TYR L 90 16.40 26.70 25.37
N SER L 91 16.37 27.82 24.63
CA SER L 91 17.55 28.63 24.27
C SER L 91 17.34 30.03 24.88
N LEU L 92 18.24 30.43 25.79
CA LEU L 92 18.11 31.65 26.62
C LEU L 92 19.30 32.61 26.39
N SER L 93 20.47 32.10 26.01
CA SER L 93 21.54 32.85 25.31
C SER L 93 21.03 33.30 23.93
N ALA L 94 21.60 34.34 23.36
CA ALA L 94 21.00 35.03 22.17
C ALA L 94 22.12 35.41 21.18
N GLY L 95 23.07 34.49 21.00
CA GLY L 95 24.26 34.79 20.20
C GLY L 95 23.97 34.46 18.75
N MET L 96 24.32 33.24 18.39
CA MET L 96 24.08 32.65 17.08
C MET L 96 22.61 32.36 16.93
N CYS L 97 21.76 32.57 17.92
CA CYS L 97 20.32 32.38 17.79
C CYS L 97 19.67 33.74 17.62
N ALA L 98 18.73 33.84 16.70
CA ALA L 98 17.86 35.05 16.47
C ALA L 98 16.92 35.26 17.67
N TRP L 99 16.62 34.19 18.39
CA TRP L 99 15.50 34.18 19.37
C TRP L 99 15.98 33.62 20.70
N MET L 100 15.14 33.93 21.69
CA MET L 100 15.17 33.39 23.07
C MET L 100 13.78 32.88 23.47
N GLY L 101 13.77 31.69 24.07
CA GLY L 101 12.53 31.00 24.44
C GLY L 101 12.61 29.51 24.24
N TYR L 102 11.52 28.88 23.81
CA TYR L 102 11.50 27.41 23.65
C TYR L 102 10.79 26.94 22.39
N ILE L 103 11.29 25.80 21.91
CA ILE L 103 10.56 24.95 20.90
C ILE L 103 10.48 23.53 21.47
N GLU L 104 9.48 22.78 20.98
CA GLU L 104 9.00 21.53 21.61
C GLU L 104 8.93 20.40 20.60
N GLY L 105 9.17 19.19 21.10
CA GLY L 105 9.01 17.99 20.28
C GLY L 105 7.58 17.77 19.83
N GLY L 106 7.42 16.90 18.82
CA GLY L 106 6.09 16.47 18.30
C GLY L 106 5.45 15.46 19.25
N GLY L 107 6.21 14.91 20.20
CA GLY L 107 5.70 13.97 21.22
C GLY L 107 6.17 12.57 20.92
N THR L 108 6.09 11.69 21.94
CA THR L 108 6.23 10.22 21.82
C THR L 108 4.96 9.64 22.42
N ILE L 109 4.22 8.85 21.64
CA ILE L 109 3.02 8.16 22.15
C ILE L 109 3.45 6.80 22.68
N VAL L 110 3.36 6.63 23.99
CA VAL L 110 3.81 5.39 24.69
C VAL L 110 2.57 4.55 25.06
N THR L 111 2.53 3.28 24.68
CA THR L 111 1.54 2.27 25.15
C THR L 111 2.28 1.20 25.95
N VAL L 112 1.88 0.97 27.20
CA VAL L 112 2.44 -0.12 28.05
C VAL L 112 1.36 -1.19 28.29
N ASN L 113 1.60 -2.45 27.92
CA ASN L 113 0.65 -3.58 28.08
C ASN L 113 1.02 -4.43 29.30
N SER L 114 0.09 -5.26 29.79
CA SER L 114 0.27 -6.13 30.98
C SER L 114 -0.42 -7.50 30.80
N SER L 115 0.21 -8.44 30.09
CA SER L 115 -0.20 -9.88 30.03
C SER L 115 0.84 -10.71 29.26
N THR M 8 -10.21 -19.99 -1.94
CA THR M 8 -9.20 -19.02 -2.46
C THR M 8 -9.40 -18.85 -3.97
N ASN M 9 -10.57 -18.33 -4.35
CA ASN M 9 -11.01 -18.09 -5.74
C ASN M 9 -11.48 -16.63 -5.83
N LEU M 10 -11.49 -16.13 -7.03
CA LEU M 10 -11.66 -14.66 -7.30
C LEU M 10 -13.01 -14.15 -6.80
N CYS M 11 -13.01 -12.98 -6.15
CA CYS M 11 -14.21 -12.26 -5.69
C CYS M 11 -15.09 -11.94 -6.90
N PRO M 12 -16.43 -12.13 -6.77
CA PRO M 12 -17.34 -11.87 -7.88
C PRO M 12 -17.66 -10.37 -8.08
N PHE M 13 -16.64 -9.56 -8.35
CA PHE M 13 -16.75 -8.09 -8.55
C PHE M 13 -17.49 -7.80 -9.86
N GLY M 14 -17.35 -8.72 -10.82
CA GLY M 14 -18.13 -8.75 -12.07
C GLY M 14 -19.63 -8.61 -11.85
N GLU M 15 -20.18 -9.27 -10.86
CA GLU M 15 -21.65 -9.24 -10.57
C GLU M 15 -22.04 -7.83 -10.12
N VAL M 16 -21.14 -7.07 -9.49
CA VAL M 16 -21.40 -5.70 -8.98
C VAL M 16 -21.18 -4.72 -10.12
N PHE M 17 -19.97 -4.68 -10.67
CA PHE M 17 -19.58 -3.60 -11.63
C PHE M 17 -20.32 -3.71 -12.96
N ASN M 18 -20.62 -4.93 -13.44
CA ASN M 18 -21.16 -5.19 -14.79
C ASN M 18 -22.61 -5.67 -14.66
N ALA M 19 -23.24 -5.61 -13.48
CA ALA M 19 -24.68 -5.89 -13.33
C ALA M 19 -25.45 -5.22 -14.45
N THR M 20 -26.47 -5.87 -15.04
CA THR M 20 -27.29 -5.23 -16.10
C THR M 20 -28.09 -4.07 -15.52
N ARG M 21 -28.75 -4.31 -14.39
CA ARG M 21 -29.59 -3.35 -13.62
C ARG M 21 -28.80 -2.72 -12.45
N PHE M 22 -28.85 -1.40 -12.32
CA PHE M 22 -28.39 -0.67 -11.12
C PHE M 22 -29.59 -0.04 -10.43
N ALA M 23 -29.51 0.04 -9.11
CA ALA M 23 -30.54 0.67 -8.24
C ALA M 23 -30.57 2.18 -8.44
N SER M 24 -31.78 2.74 -8.19
CA SER M 24 -31.99 4.16 -7.84
C SER M 24 -31.22 4.43 -6.54
N VAL M 25 -30.67 5.64 -6.43
CA VAL M 25 -29.82 6.04 -5.28
C VAL M 25 -30.62 5.90 -3.97
N TYR M 26 -31.90 6.29 -3.92
CA TYR M 26 -32.70 6.24 -2.66
C TYR M 26 -32.80 4.80 -2.16
N ALA M 27 -32.84 3.84 -3.11
CA ALA M 27 -33.01 2.39 -2.89
C ALA M 27 -31.70 1.64 -3.20
N TRP M 28 -30.57 2.19 -2.78
CA TRP M 28 -29.22 1.75 -3.18
C TRP M 28 -29.00 0.28 -2.76
N ASN M 29 -28.38 -0.49 -3.65
CA ASN M 29 -27.98 -1.90 -3.36
C ASN M 29 -26.77 -1.94 -2.43
N ARG M 30 -26.74 -2.97 -1.58
CA ARG M 30 -25.54 -3.41 -0.84
C ARG M 30 -25.33 -4.92 -1.04
N LYS M 31 -24.15 -5.29 -1.49
CA LYS M 31 -23.72 -6.69 -1.70
C LYS M 31 -22.60 -6.93 -0.70
N ARG M 32 -22.70 -8.02 0.08
CA ARG M 32 -21.62 -8.42 1.01
C ARG M 32 -20.59 -9.20 0.20
N ILE M 33 -19.32 -8.86 0.31
CA ILE M 33 -18.22 -9.66 -0.32
C ILE M 33 -17.44 -10.37 0.76
N SER M 34 -17.30 -11.70 0.70
CA SER M 34 -16.42 -12.42 1.65
C SER M 34 -15.87 -13.71 1.05
N ASN M 35 -14.80 -14.21 1.65
CA ASN M 35 -14.22 -15.56 1.43
C ASN M 35 -13.83 -15.68 -0.05
N CYS M 36 -12.93 -14.82 -0.45
CA CYS M 36 -12.48 -14.69 -1.84
C CYS M 36 -11.24 -13.81 -1.87
N VAL M 37 -10.54 -13.93 -3.02
CA VAL M 37 -9.35 -13.13 -3.39
C VAL M 37 -9.76 -12.06 -4.41
N ALA M 38 -9.30 -10.82 -4.20
CA ALA M 38 -9.79 -9.59 -4.88
C ALA M 38 -8.62 -8.82 -5.52
N ASP M 39 -8.59 -8.74 -6.85
CA ASP M 39 -7.58 -7.93 -7.58
C ASP M 39 -8.12 -6.49 -7.65
N TYR M 40 -7.84 -5.65 -6.64
CA TYR M 40 -8.29 -4.24 -6.59
C TYR M 40 -7.50 -3.46 -7.63
N SER M 41 -6.26 -3.86 -7.87
CA SER M 41 -5.37 -3.20 -8.83
C SER M 41 -5.95 -3.23 -10.25
N VAL M 42 -6.55 -4.32 -10.69
CA VAL M 42 -7.13 -4.34 -12.06
C VAL M 42 -8.27 -3.29 -12.14
N LEU M 43 -9.06 -3.14 -11.07
CA LEU M 43 -10.11 -2.09 -11.04
C LEU M 43 -9.46 -0.70 -11.07
N TYR M 44 -8.54 -0.46 -10.16
CA TYR M 44 -7.86 0.86 -10.03
C TYR M 44 -7.19 1.24 -11.34
N ASN M 45 -6.48 0.32 -12.00
CA ASN M 45 -5.73 0.61 -13.25
C ASN M 45 -6.63 0.51 -14.49
N SER M 46 -7.89 0.08 -14.38
CA SER M 46 -8.84 0.11 -15.52
C SER M 46 -9.00 1.53 -16.07
N ALA M 47 -9.32 1.67 -17.33
CA ALA M 47 -9.50 2.99 -18.01
C ALA M 47 -10.96 3.49 -17.93
N SER M 48 -11.88 2.64 -17.49
CA SER M 48 -13.35 2.89 -17.54
C SER M 48 -13.80 3.93 -16.48
N PHE M 49 -13.12 4.03 -15.35
CA PHE M 49 -13.62 4.88 -14.22
C PHE M 49 -13.21 6.34 -14.37
N SER M 50 -14.09 7.25 -13.96
CA SER M 50 -13.89 8.72 -13.95
C SER M 50 -13.58 9.19 -12.53
N THR M 51 -14.02 8.44 -11.53
CA THR M 51 -13.76 8.70 -10.08
C THR M 51 -13.25 7.42 -9.44
N PHE M 52 -12.16 7.51 -8.71
CA PHE M 52 -11.63 6.39 -7.91
C PHE M 52 -10.87 7.00 -6.75
N LYS M 53 -11.58 7.19 -5.62
CA LYS M 53 -11.06 7.89 -4.45
C LYS M 53 -11.12 6.94 -3.26
N CYS M 54 -9.96 6.65 -2.67
CA CYS M 54 -9.84 5.74 -1.51
C CYS M 54 -9.51 6.54 -0.24
N TYR M 55 -10.31 6.34 0.79
CA TYR M 55 -10.28 7.11 2.06
C TYR M 55 -9.70 6.17 3.14
N GLY M 56 -8.65 6.62 3.83
CA GLY M 56 -8.00 5.90 4.96
C GLY M 56 -7.25 4.63 4.51
N VAL M 57 -6.97 4.49 3.22
CA VAL M 57 -6.15 3.40 2.62
C VAL M 57 -5.72 3.85 1.23
N SER M 58 -4.51 3.45 0.80
CA SER M 58 -3.93 3.78 -0.51
C SER M 58 -4.40 2.78 -1.56
N PRO M 59 -4.84 3.22 -2.75
CA PRO M 59 -5.34 2.28 -3.74
C PRO M 59 -4.26 1.30 -4.19
N THR M 60 -2.98 1.71 -4.20
CA THR M 60 -1.84 0.90 -4.69
C THR M 60 -1.40 -0.11 -3.59
N LYS M 61 -2.01 -0.11 -2.42
CA LYS M 61 -1.70 -1.05 -1.33
C LYS M 61 -2.84 -2.05 -1.14
N LEU M 62 -3.95 -1.97 -1.90
CA LEU M 62 -5.17 -2.74 -1.56
C LEU M 62 -4.90 -4.25 -1.70
N ASN M 63 -4.10 -4.62 -2.72
CA ASN M 63 -3.74 -6.02 -3.03
C ASN M 63 -2.93 -6.62 -1.87
N ASP M 64 -2.40 -5.79 -0.97
CA ASP M 64 -1.48 -6.22 0.11
C ASP M 64 -2.23 -6.39 1.43
N LEU M 65 -3.49 -5.99 1.50
CA LEU M 65 -4.30 -5.96 2.76
C LEU M 65 -5.35 -7.07 2.74
N CYS M 66 -5.73 -7.53 3.94
CA CYS M 66 -6.89 -8.42 4.21
C CYS M 66 -7.93 -7.67 5.08
N PHE M 67 -9.20 -7.94 4.85
CA PHE M 67 -10.36 -7.34 5.58
C PHE M 67 -11.35 -8.43 6.00
N THR M 68 -11.96 -8.22 7.18
CA THR M 68 -13.02 -9.03 7.79
C THR M 68 -14.21 -9.08 6.84
N ASN M 69 -14.74 -7.90 6.48
CA ASN M 69 -15.84 -7.75 5.50
C ASN M 69 -15.57 -6.57 4.57
N VAL M 70 -16.01 -6.74 3.32
CA VAL M 70 -16.11 -5.74 2.23
C VAL M 70 -17.59 -5.64 1.87
N TYR M 71 -18.11 -4.43 1.79
CA TYR M 71 -19.46 -4.14 1.24
C TYR M 71 -19.31 -3.32 -0.01
N ALA M 72 -20.04 -3.71 -1.03
CA ALA M 72 -20.15 -2.97 -2.31
C ALA M 72 -21.57 -2.43 -2.43
N ASP M 73 -21.66 -1.15 -2.16
CA ASP M 73 -22.92 -0.36 -2.42
C ASP M 73 -22.95 0.16 -3.86
N SER M 74 -24.11 0.11 -4.53
CA SER M 74 -24.18 0.56 -5.94
C SER M 74 -25.51 1.22 -6.27
N PHE M 75 -25.44 2.25 -7.11
CA PHE M 75 -26.58 3.13 -7.46
C PHE M 75 -26.18 4.03 -8.61
N VAL M 76 -27.16 4.76 -9.14
CA VAL M 76 -27.00 5.77 -10.23
C VAL M 76 -27.42 7.16 -9.71
N ILE M 77 -26.60 8.14 -10.05
CA ILE M 77 -26.83 9.59 -9.76
C ILE M 77 -26.37 10.34 -11.00
N ARG M 78 -26.58 11.67 -11.02
CA ARG M 78 -26.07 12.57 -12.09
C ARG M 78 -24.59 12.87 -11.82
N GLY M 79 -23.81 13.15 -12.85
CA GLY M 79 -22.36 13.44 -12.73
C GLY M 79 -22.07 14.51 -11.73
N ASP M 80 -22.87 15.57 -11.61
CA ASP M 80 -22.51 16.68 -10.68
C ASP M 80 -22.92 16.35 -9.23
N GLU M 81 -23.43 15.15 -8.98
CA GLU M 81 -23.75 14.63 -7.63
C GLU M 81 -22.64 13.68 -7.12
N VAL M 82 -21.75 13.26 -7.98
CA VAL M 82 -20.71 12.27 -7.60
C VAL M 82 -19.86 12.87 -6.47
N ARG M 83 -19.66 14.18 -6.43
CA ARG M 83 -18.89 14.86 -5.38
C ARG M 83 -19.57 14.71 -4.03
N GLN M 84 -20.89 14.46 -3.98
CA GLN M 84 -21.64 14.29 -2.70
C GLN M 84 -21.38 12.90 -2.10
N ILE M 85 -20.76 11.96 -2.83
CA ILE M 85 -20.50 10.58 -2.30
C ILE M 85 -19.10 10.62 -1.71
N ALA M 86 -18.95 11.31 -0.58
CA ALA M 86 -17.72 11.52 0.19
C ALA M 86 -18.11 11.89 1.61
N PRO M 87 -17.22 11.60 2.59
CA PRO M 87 -17.48 11.97 3.97
C PRO M 87 -17.61 13.49 4.09
N GLY M 88 -18.58 13.98 4.85
CA GLY M 88 -18.64 15.40 5.24
C GLY M 88 -19.43 16.23 4.26
N GLN M 89 -19.90 15.66 3.17
CA GLN M 89 -20.61 16.38 2.10
C GLN M 89 -22.08 16.56 2.45
N THR M 90 -22.73 17.55 1.86
CA THR M 90 -24.15 17.85 2.11
C THR M 90 -24.82 18.04 0.75
N GLY M 91 -26.15 18.08 0.70
CA GLY M 91 -26.92 18.07 -0.54
C GLY M 91 -27.94 16.99 -0.49
N LYS M 92 -28.86 16.97 -1.48
CA LYS M 92 -30.03 16.06 -1.51
C LYS M 92 -29.55 14.60 -1.40
N ILE M 93 -28.50 14.24 -2.13
CA ILE M 93 -28.01 12.84 -2.22
C ILE M 93 -27.40 12.42 -0.89
N ALA M 94 -26.41 13.18 -0.42
CA ALA M 94 -25.71 12.91 0.84
C ALA M 94 -26.66 12.97 2.04
N ASP M 95 -27.60 13.91 2.05
CA ASP M 95 -28.52 14.11 3.21
C ASP M 95 -29.65 13.07 3.16
N TYR M 96 -30.27 12.82 2.02
CA TYR M 96 -31.57 12.10 1.99
C TYR M 96 -31.50 10.75 1.26
N ASN M 97 -30.40 10.38 0.61
CA ASN M 97 -30.37 9.14 -0.24
C ASN M 97 -29.26 8.18 0.19
N TYR M 98 -28.02 8.65 0.23
CA TYR M 98 -26.87 7.76 0.57
C TYR M 98 -25.80 8.57 1.25
N LYS M 99 -25.54 8.22 2.50
CA LYS M 99 -24.65 8.98 3.39
C LYS M 99 -23.49 8.11 3.80
N LEU M 100 -22.26 8.61 3.60
CA LEU M 100 -20.99 8.00 4.06
C LEU M 100 -20.65 8.49 5.46
N PRO M 101 -20.10 7.62 6.33
CA PRO M 101 -19.70 8.02 7.68
C PRO M 101 -18.49 8.95 7.62
N ASP M 102 -18.30 9.80 8.63
CA ASP M 102 -17.17 10.76 8.68
C ASP M 102 -15.87 9.95 8.74
N ASP M 103 -15.87 8.80 9.41
CA ASP M 103 -14.68 7.92 9.54
C ASP M 103 -14.65 6.85 8.41
N PHE M 104 -15.15 7.18 7.22
CA PHE M 104 -15.24 6.21 6.07
C PHE M 104 -13.87 5.59 5.73
N THR M 105 -13.80 4.27 5.64
CA THR M 105 -12.63 3.56 5.07
C THR M 105 -13.11 2.76 3.86
N GLY M 106 -12.61 3.10 2.68
CA GLY M 106 -13.07 2.47 1.43
C GLY M 106 -12.80 3.35 0.22
N CYS M 107 -13.31 2.92 -0.92
CA CYS M 107 -13.12 3.63 -2.18
C CYS M 107 -14.48 4.00 -2.74
N VAL M 108 -14.60 5.20 -3.29
CA VAL M 108 -15.76 5.66 -4.11
C VAL M 108 -15.33 5.54 -5.57
N ILE M 109 -16.06 4.76 -6.36
CA ILE M 109 -15.72 4.49 -7.79
C ILE M 109 -16.94 4.87 -8.65
N ALA M 110 -16.75 5.61 -9.69
CA ALA M 110 -17.87 6.04 -10.56
C ALA M 110 -17.43 6.06 -12.00
N TRP M 111 -18.38 5.87 -12.92
CA TRP M 111 -18.14 6.00 -14.38
C TRP M 111 -19.40 6.53 -15.06
N ASN M 112 -19.17 7.26 -16.15
CA ASN M 112 -20.25 7.78 -17.02
C ASN M 112 -20.98 6.56 -17.59
N SER M 113 -22.31 6.53 -17.50
CA SER M 113 -23.17 5.42 -17.93
C SER M 113 -24.20 5.95 -18.91
N ASN M 114 -23.93 7.07 -19.58
CA ASN M 114 -24.85 7.69 -20.57
C ASN M 114 -25.33 6.65 -21.59
N ASN M 115 -24.43 5.85 -22.12
CA ASN M 115 -24.71 4.77 -23.10
C ASN M 115 -25.62 3.67 -22.58
N LEU M 116 -25.71 3.44 -21.26
CA LEU M 116 -26.56 2.36 -20.67
C LEU M 116 -27.86 2.92 -20.07
N ASP M 117 -27.84 4.12 -19.51
CA ASP M 117 -28.90 4.68 -18.65
C ASP M 117 -29.47 5.98 -19.24
N SER M 118 -29.28 6.28 -20.53
CA SER M 118 -30.13 7.24 -21.28
C SER M 118 -30.79 6.56 -22.50
N LYS M 119 -32.07 6.81 -22.76
CA LYS M 119 -32.81 6.37 -23.97
C LYS M 119 -32.74 7.57 -24.92
N VAL M 120 -33.44 7.47 -26.06
CA VAL M 120 -33.56 8.56 -27.06
C VAL M 120 -34.70 9.50 -26.64
N GLY M 121 -35.78 9.02 -26.01
CA GLY M 121 -36.80 9.93 -25.44
C GLY M 121 -36.40 10.51 -24.07
N GLY M 122 -35.25 10.03 -23.55
CA GLY M 122 -34.83 10.22 -22.14
C GLY M 122 -35.23 9.00 -21.32
N ASN M 123 -34.38 8.68 -20.36
CA ASN M 123 -34.58 7.59 -19.37
C ASN M 123 -35.17 8.15 -18.08
N TYR M 124 -36.34 7.61 -17.67
CA TYR M 124 -37.09 8.11 -16.49
C TYR M 124 -37.21 7.06 -15.39
N ASN M 125 -36.35 6.07 -15.42
CA ASN M 125 -36.49 4.87 -14.55
C ASN M 125 -35.89 5.14 -13.17
N TYR M 126 -34.97 6.10 -13.05
CA TYR M 126 -34.23 6.42 -11.81
C TYR M 126 -34.95 7.52 -11.01
N LEU M 127 -35.03 7.29 -9.71
CA LEU M 127 -35.59 8.24 -8.70
C LEU M 127 -34.59 8.65 -7.62
N TYR M 128 -34.84 9.76 -6.97
CA TYR M 128 -34.09 10.18 -5.77
C TYR M 128 -35.08 10.77 -4.76
N ARG M 129 -34.75 10.68 -3.47
CA ARG M 129 -35.55 11.29 -2.38
C ARG M 129 -35.21 12.77 -2.31
N LEU M 130 -36.22 13.60 -2.35
CA LEU M 130 -36.10 15.08 -2.43
C LEU M 130 -36.38 15.68 -1.04
N PHE M 131 -37.11 15.00 -0.16
CA PHE M 131 -37.63 15.56 1.12
C PHE M 131 -37.46 14.54 2.25
N ARG M 132 -37.14 15.01 3.44
CA ARG M 132 -37.11 14.13 4.62
C ARG M 132 -37.08 14.97 5.89
N LYS M 133 -37.57 14.37 6.99
CA LYS M 133 -37.69 15.00 8.32
C LYS M 133 -36.30 15.26 8.91
N SER M 134 -35.33 14.39 8.62
CA SER M 134 -33.92 14.59 9.07
C SER M 134 -33.00 13.91 8.08
N ASN M 135 -31.70 14.09 8.25
CA ASN M 135 -30.64 13.51 7.37
C ASN M 135 -30.47 12.02 7.70
N LEU M 136 -30.19 11.22 6.70
CA LEU M 136 -29.82 9.81 6.90
C LEU M 136 -28.63 9.74 7.84
N LYS M 137 -28.57 8.67 8.63
CA LYS M 137 -27.33 8.30 9.35
C LYS M 137 -26.45 7.55 8.35
N PRO M 138 -25.11 7.49 8.57
CA PRO M 138 -24.25 6.74 7.67
C PRO M 138 -24.80 5.34 7.35
N PHE M 139 -24.88 5.02 6.08
CA PHE M 139 -25.33 3.72 5.48
C PHE M 139 -26.77 3.43 5.85
N GLU M 140 -27.56 4.46 6.14
CA GLU M 140 -29.00 4.28 6.32
C GLU M 140 -29.65 4.23 4.92
N ARG M 141 -30.74 3.47 4.82
CA ARG M 141 -31.49 3.31 3.56
C ARG M 141 -32.96 3.60 3.86
N ASP M 142 -33.57 4.54 3.13
CA ASP M 142 -35.00 4.88 3.34
C ASP M 142 -35.73 4.62 2.04
N ILE M 143 -36.63 3.64 1.98
CA ILE M 143 -37.39 3.37 0.73
C ILE M 143 -38.86 3.69 0.97
N SER M 144 -39.21 4.40 2.05
CA SER M 144 -40.60 4.84 2.33
C SER M 144 -41.11 5.85 1.29
N THR M 145 -42.42 5.82 1.01
CA THR M 145 -43.13 6.78 0.12
C THR M 145 -44.22 7.51 0.94
N GLU M 146 -43.98 7.67 2.24
CA GLU M 146 -44.89 8.45 3.12
C GLU M 146 -44.84 9.90 2.65
N ILE M 147 -46.02 10.47 2.42
CA ILE M 147 -46.18 11.91 2.06
C ILE M 147 -45.54 12.78 3.14
N TYR M 148 -44.64 13.69 2.73
CA TYR M 148 -43.78 14.49 3.65
C TYR M 148 -44.52 15.74 4.09
N GLN M 149 -44.59 15.90 5.40
CA GLN M 149 -45.28 17.01 6.10
C GLN M 149 -44.27 18.14 6.22
N ALA M 150 -44.41 19.17 5.39
CA ALA M 150 -43.45 20.30 5.36
C ALA M 150 -43.91 21.46 6.24
N GLY M 151 -45.10 21.42 6.83
CA GLY M 151 -45.62 22.52 7.63
C GLY M 151 -46.18 22.03 8.95
N SER M 152 -46.78 22.98 9.68
CA SER M 152 -47.56 22.76 10.95
C SER M 152 -48.81 21.91 10.68
N THR M 153 -49.52 22.19 9.61
CA THR M 153 -50.77 21.48 9.21
C THR M 153 -50.57 19.96 9.06
N PRO M 154 -51.27 19.12 9.86
CA PRO M 154 -51.23 17.68 9.70
C PRO M 154 -51.55 17.28 8.26
N CYS M 155 -51.02 16.11 7.92
CA CYS M 155 -50.93 15.48 6.58
C CYS M 155 -51.50 14.07 6.70
N ASN M 156 -52.50 13.67 5.91
CA ASN M 156 -53.28 12.43 6.17
C ASN M 156 -53.08 11.46 5.00
N GLY M 157 -51.85 11.24 4.52
CA GLY M 157 -51.60 10.40 3.32
C GLY M 157 -52.03 11.14 2.05
N VAL M 158 -52.32 12.44 2.13
CA VAL M 158 -52.94 13.26 1.04
C VAL M 158 -51.96 14.35 0.62
N GLU M 159 -51.70 14.45 -0.69
CA GLU M 159 -50.83 15.53 -1.27
C GLU M 159 -51.56 16.85 -1.21
N GLY M 160 -50.93 17.91 -0.69
CA GLY M 160 -51.47 19.27 -0.68
C GLY M 160 -50.34 20.28 -0.55
N PHE M 161 -50.64 21.52 -0.16
CA PHE M 161 -49.77 22.71 -0.40
C PHE M 161 -48.48 22.68 0.44
N ASN M 162 -48.45 21.92 1.54
CA ASN M 162 -47.20 21.69 2.33
C ASN M 162 -47.05 20.17 2.63
N CYS M 163 -47.59 19.36 1.73
CA CYS M 163 -47.70 17.88 1.88
C CYS M 163 -47.24 17.23 0.58
N TYR M 164 -45.97 16.84 0.48
CA TYR M 164 -45.29 16.43 -0.80
C TYR M 164 -44.99 14.93 -0.86
N PHE M 165 -45.20 14.35 -2.03
CA PHE M 165 -44.60 13.04 -2.38
C PHE M 165 -43.09 13.22 -2.29
N PRO M 166 -42.40 12.35 -1.55
CA PRO M 166 -40.96 12.55 -1.32
C PRO M 166 -39.98 12.18 -2.45
N LEU M 167 -40.40 11.48 -3.47
CA LEU M 167 -39.43 11.01 -4.52
C LEU M 167 -39.65 11.82 -5.82
N GLN M 168 -38.57 12.05 -6.54
CA GLN M 168 -38.65 12.66 -7.91
C GLN M 168 -37.82 11.87 -8.92
N SER M 169 -38.14 12.04 -10.19
CA SER M 169 -37.49 11.35 -11.35
C SER M 169 -36.31 12.15 -11.91
N TYR M 170 -35.14 11.54 -12.02
CA TYR M 170 -34.05 11.95 -12.97
C TYR M 170 -34.60 11.74 -14.38
N GLY M 171 -34.54 12.75 -15.23
CA GLY M 171 -34.62 12.60 -16.71
C GLY M 171 -33.24 12.54 -17.36
N PHE M 172 -32.79 11.36 -17.78
CA PHE M 172 -31.45 11.21 -18.41
C PHE M 172 -31.58 11.35 -19.93
N GLN M 173 -31.46 12.62 -20.37
CA GLN M 173 -31.33 13.02 -21.81
C GLN M 173 -29.93 12.76 -22.36
N PRO M 174 -29.78 12.05 -23.52
CA PRO M 174 -28.48 11.60 -23.96
C PRO M 174 -27.57 12.70 -24.49
N THR M 175 -28.14 13.82 -24.94
CA THR M 175 -27.36 14.96 -25.55
C THR M 175 -27.01 16.00 -24.46
N ASN M 176 -27.44 15.79 -23.21
CA ASN M 176 -27.08 16.72 -22.11
C ASN M 176 -25.58 16.68 -21.78
N GLY M 177 -25.11 17.78 -21.19
CA GLY M 177 -23.80 17.91 -20.52
C GLY M 177 -23.54 16.79 -19.52
N VAL M 178 -22.24 16.50 -19.33
CA VAL M 178 -21.82 15.34 -18.47
C VAL M 178 -22.35 15.55 -17.06
N GLY M 179 -22.52 16.80 -16.62
CA GLY M 179 -23.07 17.13 -15.28
C GLY M 179 -24.43 16.50 -15.06
N TYR M 180 -25.19 16.37 -16.16
CA TYR M 180 -26.59 15.91 -16.17
C TYR M 180 -26.67 14.45 -16.62
N GLN M 181 -25.57 13.84 -16.97
CA GLN M 181 -25.55 12.45 -17.49
C GLN M 181 -25.61 11.51 -16.29
N PRO M 182 -26.09 10.29 -16.46
CA PRO M 182 -25.99 9.28 -15.42
C PRO M 182 -24.55 8.79 -15.24
N TYR M 183 -24.24 8.62 -13.98
CA TYR M 183 -23.01 7.94 -13.49
C TYR M 183 -23.42 6.76 -12.63
N ARG M 184 -22.86 5.60 -12.95
CA ARG M 184 -22.92 4.43 -12.04
C ARG M 184 -21.83 4.60 -10.98
N VAL M 185 -22.18 4.27 -9.75
CA VAL M 185 -21.28 4.44 -8.58
C VAL M 185 -21.24 3.12 -7.83
N VAL M 186 -20.07 2.72 -7.36
CA VAL M 186 -19.84 1.58 -6.44
C VAL M 186 -19.00 2.13 -5.29
N VAL M 187 -19.45 1.94 -4.08
CA VAL M 187 -18.68 2.32 -2.88
C VAL M 187 -18.26 1.03 -2.19
N LEU M 188 -16.95 0.81 -2.08
CA LEU M 188 -16.41 -0.35 -1.34
C LEU M 188 -16.08 0.11 0.06
N SER M 189 -16.72 -0.47 1.09
CA SER M 189 -16.35 -0.26 2.50
C SER M 189 -15.46 -1.43 2.93
N PHE M 190 -14.35 -1.10 3.57
CA PHE M 190 -13.41 -2.08 4.18
C PHE M 190 -13.62 -2.09 5.70
N GLU M 191 -14.03 -3.21 6.28
CA GLU M 191 -14.12 -3.41 7.76
C GLU M 191 -12.93 -4.26 8.17
N LEU M 192 -12.14 -3.80 9.15
CA LEU M 192 -11.08 -4.62 9.81
C LEU M 192 -11.42 -4.74 11.30
N LEU M 193 -12.02 -5.87 11.69
CA LEU M 193 -12.47 -6.19 13.08
C LEU M 193 -11.54 -7.25 13.69
N HIS M 194 -11.73 -7.56 14.98
CA HIS M 194 -11.09 -8.71 15.69
C HIS M 194 -11.84 -9.99 15.36
N ALA M 195 -11.59 -10.52 14.15
CA ALA M 195 -12.16 -11.78 13.59
C ALA M 195 -11.31 -12.25 12.42
N PRO M 196 -11.57 -13.43 11.83
CA PRO M 196 -10.75 -13.92 10.72
C PRO M 196 -10.97 -13.07 9.47
N ALA M 197 -9.89 -12.58 8.86
CA ALA M 197 -9.91 -11.74 7.64
C ALA M 197 -10.13 -12.66 6.43
N THR M 198 -11.28 -12.54 5.78
CA THR M 198 -11.76 -13.48 4.70
C THR M 198 -11.53 -12.89 3.30
N VAL M 199 -11.40 -11.57 3.17
CA VAL M 199 -11.21 -10.92 1.84
C VAL M 199 -9.79 -10.36 1.75
N CYS M 200 -8.95 -10.97 0.92
CA CYS M 200 -7.52 -10.63 0.78
C CYS M 200 -7.23 -10.35 -0.68
N GLY M 201 -6.21 -9.53 -0.92
CA GLY M 201 -5.58 -9.36 -2.22
C GLY M 201 -4.84 -10.63 -2.63
N PRO M 202 -4.39 -10.75 -3.90
CA PRO M 202 -3.56 -11.88 -4.32
C PRO M 202 -2.19 -11.96 -3.61
N ALA M 203 -1.70 -10.79 -3.13
CA ALA M 203 -0.33 -10.50 -2.67
C ALA M 203 -0.29 -10.41 -1.14
N ALA M 204 -1.38 -10.75 -0.43
CA ALA M 204 -1.46 -10.73 1.05
C ALA M 204 -1.28 -12.17 1.59
N ALA M 205 -1.12 -12.33 2.91
CA ALA M 205 -1.13 -13.64 3.60
C ALA M 205 -1.54 -13.45 5.08
N MET N 3 -19.81 23.96 -3.78
CA MET N 3 -18.38 23.59 -3.43
C MET N 3 -18.14 22.12 -3.81
N ALA N 4 -17.77 21.90 -5.06
CA ALA N 4 -17.77 20.62 -5.78
C ALA N 4 -16.36 20.26 -6.32
N GLU N 5 -15.63 19.38 -5.61
CA GLU N 5 -14.34 18.75 -6.02
C GLU N 5 -14.48 18.05 -7.38
N ARG N 6 -13.81 18.54 -8.41
CA ARG N 6 -13.93 17.99 -9.80
C ARG N 6 -12.69 18.37 -10.60
N VAL N 7 -12.51 17.72 -11.75
CA VAL N 7 -11.55 18.19 -12.79
C VAL N 7 -12.35 18.84 -13.92
N GLU N 8 -12.06 20.10 -14.19
CA GLU N 8 -12.71 20.89 -15.25
C GLU N 8 -11.85 20.84 -16.49
N GLN N 9 -12.35 20.19 -17.51
CA GLN N 9 -11.69 20.03 -18.81
C GLN N 9 -12.40 20.95 -19.78
N THR N 10 -11.61 21.83 -20.40
CA THR N 10 -12.04 22.77 -21.45
C THR N 10 -11.11 22.64 -22.66
N PRO N 11 -11.58 22.86 -23.91
CA PRO N 11 -13.00 23.05 -24.20
C PRO N 11 -13.75 21.72 -24.09
N THR N 12 -15.09 21.81 -24.03
CA THR N 12 -15.98 20.62 -24.02
C THR N 12 -16.02 20.00 -25.44
N THR N 13 -16.09 20.80 -26.50
CA THR N 13 -16.06 20.34 -27.92
C THR N 13 -15.17 21.28 -28.73
N THR N 14 -14.46 20.80 -29.76
CA THR N 14 -13.85 21.70 -30.79
C THR N 14 -13.90 21.03 -32.15
N THR N 15 -14.06 21.85 -33.18
CA THR N 15 -13.81 21.51 -34.61
C THR N 15 -12.52 22.21 -35.07
N LYS N 16 -11.65 21.48 -35.75
CA LYS N 16 -10.34 21.93 -36.28
C LYS N 16 -10.14 21.40 -37.70
N GLU N 17 -9.36 22.13 -38.50
CA GLU N 17 -8.83 21.64 -39.81
C GLU N 17 -7.56 20.85 -39.59
N THR N 18 -7.41 19.73 -40.33
CA THR N 18 -6.17 18.96 -40.52
C THR N 18 -4.98 19.91 -40.61
N GLY N 19 -3.85 19.66 -39.95
CA GLY N 19 -2.68 20.54 -39.99
C GLY N 19 -2.64 21.56 -38.85
N GLU N 20 -3.78 21.97 -38.29
CA GLU N 20 -3.81 22.91 -37.12
C GLU N 20 -3.39 22.12 -35.88
N SER N 21 -3.26 22.82 -34.76
CA SER N 21 -2.97 22.25 -33.43
C SER N 21 -4.13 22.59 -32.52
N LEU N 22 -4.16 21.94 -31.39
CA LEU N 22 -5.27 22.12 -30.41
C LEU N 22 -4.68 22.00 -29.03
N THR N 23 -5.23 22.71 -28.06
CA THR N 23 -4.83 22.60 -26.65
C THR N 23 -6.04 22.26 -25.78
N ILE N 24 -5.92 21.24 -24.93
CA ILE N 24 -6.97 20.93 -23.92
C ILE N 24 -6.38 21.26 -22.57
N ASN N 25 -7.11 22.00 -21.73
CA ASN N 25 -6.70 22.43 -20.36
C ASN N 25 -7.61 21.80 -19.33
N CYS N 26 -7.00 21.25 -18.29
CA CYS N 26 -7.63 20.57 -17.14
C CYS N 26 -7.15 21.26 -15.87
N VAL N 27 -8.04 21.49 -14.90
CA VAL N 27 -7.65 21.97 -13.56
C VAL N 27 -8.53 21.29 -12.50
N LEU N 28 -7.86 20.74 -11.49
CA LEU N 28 -8.46 20.11 -10.31
C LEU N 28 -8.96 21.26 -9.44
N ARG N 29 -10.28 21.47 -9.40
CA ARG N 29 -11.00 22.59 -8.77
C ARG N 29 -11.58 22.14 -7.45
N ASP N 30 -11.75 23.08 -6.53
CA ASP N 30 -12.51 22.91 -5.25
C ASP N 30 -11.93 21.73 -4.49
N SER N 31 -10.61 21.58 -4.51
CA SER N 31 -9.92 20.49 -3.80
C SER N 31 -8.83 21.07 -2.93
N SER N 32 -8.60 20.42 -1.78
CA SER N 32 -7.43 20.65 -0.91
C SER N 32 -6.27 19.69 -1.27
N CYS N 33 -6.52 18.85 -2.26
CA CYS N 33 -5.71 17.70 -2.70
C CYS N 33 -4.53 18.20 -3.57
N ALA N 34 -3.34 17.62 -3.44
CA ALA N 34 -2.20 17.85 -4.36
C ALA N 34 -2.42 17.10 -5.68
N LEU N 35 -1.94 17.70 -6.78
CA LEU N 35 -1.86 17.05 -8.10
C LEU N 35 -0.50 16.33 -8.20
N ASP N 36 -0.48 15.00 -8.12
CA ASP N 36 0.79 14.21 -8.04
C ASP N 36 1.12 13.57 -9.39
N SER N 37 0.14 13.17 -10.18
CA SER N 37 0.46 12.76 -11.58
C SER N 37 -0.78 12.90 -12.44
N THR N 38 -0.63 12.74 -13.74
CA THR N 38 -1.71 12.94 -14.72
C THR N 38 -1.67 11.80 -15.72
N TYR N 39 -2.78 11.58 -16.44
CA TYR N 39 -2.87 10.55 -17.48
C TYR N 39 -3.92 10.97 -18.49
N TRP N 40 -3.66 10.70 -19.76
CA TRP N 40 -4.58 11.02 -20.89
C TRP N 40 -4.98 9.77 -21.63
N TYR N 41 -6.23 9.71 -22.03
CA TYR N 41 -6.94 8.64 -22.76
C TYR N 41 -7.69 9.21 -23.94
N PHE N 42 -7.85 8.42 -25.00
CA PHE N 42 -8.57 8.72 -26.24
C PHE N 42 -9.56 7.60 -26.56
N THR N 43 -10.74 7.90 -27.03
CA THR N 43 -11.56 6.92 -27.75
C THR N 43 -11.74 7.50 -29.13
N LYS N 44 -11.46 6.74 -30.19
CA LYS N 44 -11.80 7.14 -31.58
C LYS N 44 -13.30 7.44 -31.64
N LYS N 45 -13.64 8.33 -32.57
CA LYS N 45 -15.02 8.53 -33.07
C LYS N 45 -15.64 7.16 -33.38
N GLY N 46 -16.76 6.82 -32.75
CA GLY N 46 -17.58 5.64 -33.07
C GLY N 46 -17.05 4.39 -32.40
N ALA N 47 -16.02 4.49 -31.56
CA ALA N 47 -15.50 3.41 -30.70
C ALA N 47 -16.04 3.61 -29.27
N THR N 48 -15.90 2.60 -28.40
CA THR N 48 -16.20 2.71 -26.94
C THR N 48 -14.93 2.40 -26.12
N LYS N 49 -13.89 1.87 -26.76
CA LYS N 49 -12.67 1.47 -26.01
C LYS N 49 -11.94 2.74 -25.57
N LYS N 50 -11.72 2.95 -24.27
CA LYS N 50 -10.78 3.98 -23.76
C LYS N 50 -9.36 3.39 -23.83
N GLU N 51 -8.48 4.02 -24.62
CA GLU N 51 -7.05 3.63 -24.82
C GLU N 51 -6.10 4.78 -24.44
N SER N 52 -4.90 4.38 -24.03
CA SER N 52 -3.83 5.24 -23.51
C SER N 52 -3.33 6.18 -24.61
N LEU N 53 -3.11 7.46 -24.32
CA LEU N 53 -2.31 8.33 -25.22
C LEU N 53 -0.85 8.00 -24.90
N SER N 54 0.11 7.99 -25.85
CA SER N 54 1.56 8.18 -25.46
C SER N 54 1.80 9.67 -25.40
N ASN N 55 2.75 10.08 -24.56
CA ASN N 55 3.11 11.50 -24.48
C ASN N 55 4.26 11.75 -25.48
N GLY N 56 4.19 11.20 -26.71
CA GLY N 56 5.28 11.16 -27.70
C GLY N 56 5.14 12.20 -28.79
N GLY N 57 5.60 11.82 -30.00
CA GLY N 57 5.43 12.61 -31.24
C GLY N 57 4.03 13.16 -31.53
N ARG N 58 3.91 14.47 -31.57
CA ARG N 58 2.67 15.25 -31.90
C ARG N 58 1.94 15.62 -30.61
N TYR N 59 2.18 14.90 -29.50
CA TYR N 59 1.49 15.12 -28.20
C TYR N 59 2.47 15.69 -27.20
N ALA N 60 2.14 16.84 -26.63
CA ALA N 60 3.02 17.52 -25.65
C ALA N 60 2.18 17.83 -24.42
N GLU N 61 2.74 17.60 -23.25
CA GLU N 61 2.11 17.75 -21.93
C GLU N 61 2.76 18.89 -21.14
N THR N 62 1.96 19.62 -20.43
CA THR N 62 2.42 20.67 -19.47
C THR N 62 1.77 20.39 -18.13
N VAL N 63 2.41 20.67 -17.00
CA VAL N 63 1.77 20.52 -15.68
C VAL N 63 2.22 21.70 -14.80
N ASN N 64 1.30 22.33 -14.08
CA ASN N 64 1.67 23.23 -12.97
C ASN N 64 1.12 22.59 -11.70
N LYS N 65 1.96 21.97 -10.91
CA LYS N 65 1.45 21.25 -9.73
C LYS N 65 0.88 22.22 -8.69
N ALA N 66 1.52 23.36 -8.43
CA ALA N 66 1.02 24.38 -7.48
C ALA N 66 -0.42 24.79 -7.82
N SER N 67 -0.74 25.05 -9.09
CA SER N 67 -2.06 25.57 -9.55
C SER N 67 -3.00 24.40 -9.84
N LYS N 68 -2.44 23.20 -9.82
CA LYS N 68 -3.15 21.92 -10.07
C LYS N 68 -3.82 21.93 -11.43
N SER N 69 -3.09 22.44 -12.41
CA SER N 69 -3.57 22.54 -13.80
C SER N 69 -2.62 21.76 -14.71
N PHE N 70 -3.12 21.27 -15.84
CA PHE N 70 -2.25 20.61 -16.84
C PHE N 70 -2.92 20.70 -18.20
N SER N 71 -2.15 20.47 -19.26
CA SER N 71 -2.61 20.60 -20.67
C SER N 71 -1.96 19.55 -21.56
N LEU N 72 -2.73 19.16 -22.57
CA LEU N 72 -2.33 18.36 -23.71
C LEU N 72 -2.45 19.26 -24.93
N ARG N 73 -1.36 19.41 -25.67
CA ARG N 73 -1.35 20.06 -27.00
C ARG N 73 -1.09 18.98 -28.02
N ILE N 74 -1.92 18.91 -29.06
CA ILE N 74 -1.77 17.97 -30.20
C ILE N 74 -1.51 18.83 -31.43
N SER N 75 -0.36 18.61 -32.06
CA SER N 75 0.14 19.40 -33.19
C SER N 75 -0.12 18.59 -34.45
N ASP N 76 -0.26 19.27 -35.58
CA ASP N 76 -0.46 18.65 -36.91
C ASP N 76 -1.62 17.67 -36.88
N LEU N 77 -2.83 18.11 -36.52
CA LEU N 77 -4.03 17.25 -36.42
C LEU N 77 -4.29 16.55 -37.77
N ARG N 78 -4.85 15.33 -37.69
CA ARG N 78 -5.31 14.46 -38.80
C ARG N 78 -6.78 14.14 -38.50
N VAL N 79 -7.44 13.32 -39.32
CA VAL N 79 -8.89 13.01 -39.17
C VAL N 79 -9.01 11.84 -38.19
N GLU N 80 -8.00 10.98 -38.09
CA GLU N 80 -7.93 9.84 -37.13
C GLU N 80 -7.89 10.26 -35.67
N ASP N 81 -7.35 11.47 -35.40
CA ASP N 81 -7.43 12.16 -34.09
C ASP N 81 -8.88 12.41 -33.62
N SER N 82 -9.88 12.40 -34.51
CA SER N 82 -11.30 12.68 -34.18
C SER N 82 -11.80 11.68 -33.13
N GLY N 83 -12.36 12.18 -32.03
CA GLY N 83 -12.84 11.33 -30.92
C GLY N 83 -12.91 12.09 -29.59
N THR N 84 -12.89 11.38 -28.46
CA THR N 84 -13.07 12.00 -27.13
C THR N 84 -11.78 11.78 -26.34
N TYR N 85 -11.23 12.87 -25.83
CA TYR N 85 -10.02 12.95 -24.98
C TYR N 85 -10.46 13.11 -23.54
N HIS N 86 -9.87 12.31 -22.64
CA HIS N 86 -10.12 12.37 -21.20
C HIS N 86 -8.80 12.58 -20.48
N CYS N 87 -8.81 13.49 -19.53
CA CYS N 87 -7.68 13.67 -18.60
C CYS N 87 -8.03 13.11 -17.23
N ARG N 88 -7.07 12.42 -16.63
CA ARG N 88 -7.20 11.84 -15.27
C ARG N 88 -6.13 12.44 -14.35
N ALA N 89 -6.54 13.01 -13.23
CA ALA N 89 -5.65 13.70 -12.30
C ALA N 89 -5.49 12.81 -11.06
N TYR N 90 -4.28 12.48 -10.67
CA TYR N 90 -4.01 11.55 -9.55
C TYR N 90 -3.55 12.39 -8.38
N SER N 91 -4.11 12.10 -7.19
CA SER N 91 -3.60 12.56 -5.89
C SER N 91 -3.21 11.32 -5.08
N LEU N 92 -1.94 11.21 -4.72
CA LEU N 92 -1.31 10.02 -4.10
C LEU N 92 -0.69 10.35 -2.74
N SER N 93 -0.31 11.60 -2.48
CA SER N 93 0.36 12.10 -1.28
C SER N 93 -0.51 12.25 -0.07
N ALA N 94 -1.76 11.82 0.04
CA ALA N 94 -2.55 12.04 1.28
C ALA N 94 -2.42 13.50 1.75
N GLY N 95 -1.99 13.70 2.99
CA GLY N 95 -1.81 15.03 3.59
C GLY N 95 -3.08 15.87 3.75
N MET N 96 -3.13 16.97 3.02
CA MET N 96 -4.28 17.87 2.95
C MET N 96 -5.43 17.18 2.22
N CYS N 97 -5.24 15.99 1.65
CA CYS N 97 -6.33 15.28 0.98
C CYS N 97 -6.80 14.16 1.91
N ALA N 98 -8.12 14.02 2.05
CA ALA N 98 -8.77 12.88 2.76
C ALA N 98 -8.61 11.59 1.97
N TRP N 99 -8.34 11.69 0.66
CA TRP N 99 -8.34 10.52 -0.23
C TRP N 99 -7.05 10.46 -1.05
N MET N 100 -6.85 9.26 -1.55
CA MET N 100 -5.84 8.87 -2.56
C MET N 100 -6.47 8.11 -3.72
N GLY N 101 -6.06 8.49 -4.94
CA GLY N 101 -6.63 7.93 -6.17
C GLY N 101 -6.78 8.95 -7.26
N TYR N 102 -7.81 8.83 -8.08
CA TYR N 102 -7.97 9.75 -9.24
C TYR N 102 -9.41 10.21 -9.46
N ILE N 103 -9.50 11.44 -9.99
CA ILE N 103 -10.74 11.99 -10.60
C ILE N 103 -10.42 12.50 -12.01
N GLU N 104 -11.43 12.52 -12.88
CA GLU N 104 -11.28 12.61 -14.35
C GLU N 104 -12.15 13.74 -14.91
N GLY N 105 -11.66 14.34 -15.98
CA GLY N 105 -12.41 15.35 -16.70
C GLY N 105 -13.66 14.80 -17.37
N GLY N 106 -14.55 15.72 -17.78
CA GLY N 106 -15.80 15.41 -18.49
C GLY N 106 -15.56 15.00 -19.95
N GLY N 107 -14.39 15.33 -20.48
CA GLY N 107 -13.97 14.98 -21.86
C GLY N 107 -13.95 16.17 -22.75
N THR N 108 -13.27 16.08 -23.88
CA THR N 108 -13.30 17.05 -25.01
C THR N 108 -13.64 16.25 -26.26
N ILE N 109 -14.72 16.59 -26.95
CA ILE N 109 -15.09 15.93 -28.21
C ILE N 109 -14.46 16.72 -29.37
N VAL N 110 -13.47 16.10 -30.01
CA VAL N 110 -12.67 16.74 -31.09
C VAL N 110 -13.16 16.22 -32.45
N THR N 111 -13.50 17.13 -33.38
CA THR N 111 -13.79 16.81 -34.81
C THR N 111 -12.70 17.48 -35.68
N VAL N 112 -12.00 16.71 -36.49
CA VAL N 112 -10.98 17.25 -37.44
C VAL N 112 -11.47 17.05 -38.87
N ASN N 113 -11.60 18.11 -39.68
CA ASN N 113 -12.10 18.06 -41.08
C ASN N 113 -10.91 18.16 -42.05
N SER N 114 -11.13 17.80 -43.32
CA SER N 114 -10.09 17.78 -44.39
C SER N 114 -10.64 18.20 -45.76
N SER N 115 -10.50 19.48 -46.12
CA SER N 115 -10.51 19.95 -47.54
C SER N 115 -9.63 21.19 -47.68
N THR O 8 -19.91 -23.14 5.77
CA THR O 8 -20.48 -24.20 6.64
C THR O 8 -19.38 -24.74 7.55
N ASN O 9 -18.91 -23.90 8.46
CA ASN O 9 -18.09 -24.26 9.64
C ASN O 9 -18.79 -23.69 10.87
N LEU O 10 -18.39 -24.18 12.05
CA LEU O 10 -19.04 -23.82 13.34
C LEU O 10 -18.89 -22.32 13.63
N CYS O 11 -19.97 -21.71 14.10
CA CYS O 11 -19.96 -20.30 14.55
C CYS O 11 -18.99 -20.17 15.73
N PRO O 12 -18.14 -19.13 15.73
CA PRO O 12 -17.13 -18.98 16.79
C PRO O 12 -17.67 -18.43 18.13
N PHE O 13 -18.61 -19.17 18.73
CA PHE O 13 -19.29 -18.81 20.00
C PHE O 13 -18.29 -18.88 21.16
N GLY O 14 -17.33 -19.80 21.06
CA GLY O 14 -16.22 -19.89 22.03
C GLY O 14 -15.50 -18.58 22.26
N GLU O 15 -15.29 -17.79 21.21
CA GLU O 15 -14.59 -16.49 21.30
C GLU O 15 -15.38 -15.53 22.22
N VAL O 16 -16.71 -15.63 22.26
CA VAL O 16 -17.60 -14.73 23.06
C VAL O 16 -17.66 -15.25 24.50
N PHE O 17 -18.09 -16.50 24.67
CA PHE O 17 -18.38 -17.09 26.00
C PHE O 17 -17.11 -17.31 26.83
N ASN O 18 -15.97 -17.67 26.22
CA ASN O 18 -14.75 -18.09 26.91
C ASN O 18 -13.67 -17.02 26.77
N ALA O 19 -14.00 -15.85 26.21
CA ALA O 19 -13.05 -14.72 26.12
C ALA O 19 -12.39 -14.57 27.48
N THR O 20 -11.10 -14.26 27.54
CA THR O 20 -10.38 -14.00 28.82
C THR O 20 -10.93 -12.75 29.51
N ARG O 21 -11.06 -11.67 28.74
CA ARG O 21 -11.59 -10.32 29.15
C ARG O 21 -13.07 -10.15 28.75
N PHE O 22 -13.90 -9.65 29.67
CA PHE O 22 -15.26 -9.20 29.36
C PHE O 22 -15.33 -7.69 29.60
N ALA O 23 -16.17 -7.02 28.81
CA ALA O 23 -16.38 -5.57 28.86
C ALA O 23 -17.14 -5.20 30.14
N SER O 24 -16.97 -3.97 30.59
CA SER O 24 -17.88 -3.25 31.53
C SER O 24 -19.24 -3.09 30.82
N VAL O 25 -20.32 -3.19 31.60
CA VAL O 25 -21.71 -3.09 31.05
C VAL O 25 -21.89 -1.77 30.28
N TYR O 26 -21.35 -0.64 30.77
CA TYR O 26 -21.53 0.66 30.06
C TYR O 26 -20.92 0.62 28.66
N ALA O 27 -19.83 -0.17 28.51
CA ALA O 27 -19.00 -0.29 27.27
C ALA O 27 -19.19 -1.70 26.67
N TRP O 28 -20.41 -2.24 26.71
CA TRP O 28 -20.73 -3.63 26.39
C TRP O 28 -20.25 -3.98 24.96
N ASN O 29 -19.63 -5.16 24.82
CA ASN O 29 -19.20 -5.70 23.51
C ASN O 29 -20.39 -6.15 22.68
N ARG O 30 -20.27 -5.99 21.37
CA ARG O 30 -21.18 -6.60 20.36
C ARG O 30 -20.32 -7.30 19.31
N LYS O 31 -20.55 -8.58 19.16
CA LYS O 31 -19.90 -9.42 18.13
C LYS O 31 -20.97 -9.86 17.15
N ARG O 32 -20.79 -9.50 15.89
CA ARG O 32 -21.71 -9.94 14.81
C ARG O 32 -21.36 -11.38 14.40
N ILE O 33 -22.33 -12.27 14.32
CA ILE O 33 -22.13 -13.69 13.90
C ILE O 33 -22.83 -13.92 12.57
N SER O 34 -22.16 -14.41 11.53
CA SER O 34 -22.83 -14.77 10.25
C SER O 34 -22.05 -15.84 9.52
N ASN O 35 -22.75 -16.50 8.61
CA ASN O 35 -22.18 -17.43 7.60
C ASN O 35 -21.50 -18.58 8.34
N CYS O 36 -22.30 -19.28 9.12
CA CYS O 36 -21.79 -20.34 10.02
C CYS O 36 -22.96 -21.15 10.53
N VAL O 37 -22.60 -22.35 11.01
CA VAL O 37 -23.51 -23.29 11.70
C VAL O 37 -23.33 -23.23 13.22
N ALA O 38 -24.44 -23.19 13.95
CA ALA O 38 -24.52 -22.86 15.39
C ALA O 38 -25.27 -23.96 16.14
N ASP O 39 -24.57 -24.67 17.02
CA ASP O 39 -25.17 -25.65 17.94
C ASP O 39 -25.61 -24.88 19.19
N TYR O 40 -26.83 -24.31 19.17
CA TYR O 40 -27.40 -23.59 20.36
C TYR O 40 -27.69 -24.61 21.47
N SER O 41 -28.11 -25.82 21.15
CA SER O 41 -28.40 -26.89 22.13
C SER O 41 -27.21 -27.17 23.07
N VAL O 42 -25.97 -27.22 22.56
CA VAL O 42 -24.80 -27.47 23.43
C VAL O 42 -24.72 -26.31 24.44
N LEU O 43 -25.02 -25.06 24.05
CA LEU O 43 -25.03 -23.96 25.07
C LEU O 43 -26.15 -24.20 26.08
N TYR O 44 -27.36 -24.41 25.57
CA TYR O 44 -28.58 -24.52 26.40
C TYR O 44 -28.43 -25.68 27.38
N ASN O 45 -27.90 -26.80 26.90
CA ASN O 45 -27.73 -28.02 27.72
C ASN O 45 -26.43 -28.00 28.52
N SER O 46 -25.55 -27.01 28.32
CA SER O 46 -24.34 -26.87 29.20
C SER O 46 -24.74 -26.71 30.68
N ALA O 47 -23.90 -27.13 31.63
CA ALA O 47 -24.18 -27.09 33.07
C ALA O 47 -23.72 -25.78 33.73
N SER O 48 -23.02 -24.93 33.00
CA SER O 48 -22.28 -23.73 33.50
C SER O 48 -23.22 -22.55 33.78
N PHE O 49 -24.32 -22.41 33.06
CA PHE O 49 -25.18 -21.20 33.15
C PHE O 49 -26.17 -21.28 34.32
N SER O 50 -26.44 -20.12 34.93
CA SER O 50 -27.41 -19.91 36.02
C SER O 50 -28.69 -19.26 35.43
N THR O 51 -28.58 -18.59 34.31
CA THR O 51 -29.71 -17.97 33.59
C THR O 51 -29.63 -18.33 32.12
N PHE O 52 -30.74 -18.76 31.55
CA PHE O 52 -30.87 -18.93 30.07
C PHE O 52 -32.34 -18.73 29.70
N LYS O 53 -32.69 -17.52 29.30
CA LYS O 53 -34.08 -17.10 29.02
C LYS O 53 -34.16 -16.64 27.57
N CYS O 54 -35.01 -17.29 26.79
CA CYS O 54 -35.20 -17.00 25.35
C CYS O 54 -36.58 -16.38 25.15
N TYR O 55 -36.61 -15.23 24.51
CA TYR O 55 -37.78 -14.35 24.34
C TYR O 55 -38.20 -14.47 22.87
N GLY O 56 -39.45 -14.83 22.62
CA GLY O 56 -40.05 -15.00 21.29
C GLY O 56 -39.52 -16.21 20.54
N VAL O 57 -38.78 -17.11 21.19
CA VAL O 57 -38.31 -18.37 20.54
C VAL O 57 -37.99 -19.36 21.65
N SER O 58 -38.32 -20.63 21.41
CA SER O 58 -38.09 -21.74 22.38
C SER O 58 -36.62 -22.15 22.28
N PRO O 59 -35.92 -22.30 23.42
CA PRO O 59 -34.51 -22.68 23.35
C PRO O 59 -34.29 -24.02 22.66
N THR O 60 -35.25 -24.94 22.75
CA THR O 60 -35.14 -26.30 22.19
C THR O 60 -35.44 -26.31 20.69
N LYS O 61 -35.81 -25.19 20.06
CA LYS O 61 -36.07 -25.14 18.59
C LYS O 61 -34.99 -24.30 17.88
N LEU O 62 -33.99 -23.79 18.61
CA LEU O 62 -33.00 -22.85 18.02
C LEU O 62 -32.22 -23.55 16.89
N ASN O 63 -31.88 -24.83 17.07
CA ASN O 63 -31.09 -25.62 16.08
C ASN O 63 -31.91 -25.79 14.79
N ASP O 64 -33.23 -25.49 14.81
CA ASP O 64 -34.12 -25.74 13.67
C ASP O 64 -34.40 -24.47 12.84
N LEU O 65 -33.93 -23.35 13.30
CA LEU O 65 -34.17 -22.00 12.70
C LEU O 65 -32.90 -21.49 12.02
N CYS O 66 -33.11 -20.68 10.98
CA CYS O 66 -32.07 -19.87 10.29
C CYS O 66 -32.37 -18.39 10.49
N PHE O 67 -31.33 -17.54 10.61
CA PHE O 67 -31.44 -16.07 10.81
C PHE O 67 -30.47 -15.32 9.88
N THR O 68 -30.89 -14.11 9.42
CA THR O 68 -30.11 -13.15 8.60
C THR O 68 -28.85 -12.77 9.39
N ASN O 69 -29.05 -12.25 10.61
CA ASN O 69 -27.93 -11.89 11.50
C ASN O 69 -28.27 -12.34 12.93
N VAL O 70 -27.20 -12.74 13.62
CA VAL O 70 -27.08 -13.00 15.08
C VAL O 70 -26.06 -12.00 15.62
N TYR O 71 -26.39 -11.34 16.70
CA TYR O 71 -25.44 -10.54 17.51
C TYR O 71 -25.32 -11.18 18.88
N ALA O 72 -24.10 -11.18 19.40
CA ALA O 72 -23.76 -11.59 20.76
C ALA O 72 -23.18 -10.39 21.47
N ASP O 73 -23.99 -9.85 22.40
CA ASP O 73 -23.58 -8.74 23.29
C ASP O 73 -23.07 -9.38 24.56
N SER O 74 -22.01 -8.87 25.18
CA SER O 74 -21.42 -9.45 26.39
C SER O 74 -20.85 -8.37 27.30
N PHE O 75 -21.00 -8.60 28.60
CA PHE O 75 -20.65 -7.66 29.69
C PHE O 75 -20.75 -8.34 31.04
N VAL O 76 -20.28 -7.64 32.09
CA VAL O 76 -20.33 -8.05 33.50
C VAL O 76 -21.24 -7.09 34.30
N ILE O 77 -22.08 -7.66 35.14
CA ILE O 77 -22.97 -6.93 36.08
C ILE O 77 -22.96 -7.74 37.36
N ARG O 78 -23.67 -7.30 38.40
CA ARG O 78 -23.87 -8.03 39.67
C ARG O 78 -25.01 -9.02 39.49
N GLY O 79 -25.03 -10.08 40.29
CA GLY O 79 -26.06 -11.14 40.17
C GLY O 79 -27.48 -10.59 40.23
N ASP O 80 -27.74 -9.60 41.08
CA ASP O 80 -29.14 -9.13 41.31
C ASP O 80 -29.53 -8.10 40.24
N GLU O 81 -28.66 -7.84 39.27
CA GLU O 81 -28.94 -6.98 38.09
C GLU O 81 -29.26 -7.87 36.90
N VAL O 82 -29.05 -9.18 36.97
CA VAL O 82 -29.33 -10.02 35.77
C VAL O 82 -30.80 -9.89 35.35
N ARG O 83 -31.70 -9.69 36.31
CA ARG O 83 -33.15 -9.58 36.03
C ARG O 83 -33.43 -8.29 35.22
N GLN O 84 -32.54 -7.30 35.23
CA GLN O 84 -32.70 -6.03 34.48
C GLN O 84 -32.40 -6.24 32.99
N ILE O 85 -31.80 -7.37 32.60
CA ILE O 85 -31.44 -7.63 31.18
C ILE O 85 -32.63 -8.39 30.59
N ALA O 86 -33.74 -7.65 30.43
CA ALA O 86 -35.03 -8.16 29.93
C ALA O 86 -35.83 -6.98 29.39
N PRO O 87 -36.74 -7.24 28.44
CA PRO O 87 -37.59 -6.19 27.92
C PRO O 87 -38.47 -5.66 29.05
N GLY O 88 -38.72 -4.36 29.06
CA GLY O 88 -39.68 -3.73 29.97
C GLY O 88 -39.06 -3.32 31.30
N GLN O 89 -37.82 -3.72 31.58
CA GLN O 89 -37.22 -3.53 32.92
C GLN O 89 -36.70 -2.11 33.08
N THR O 90 -36.55 -1.65 34.32
CA THR O 90 -36.03 -0.29 34.61
C THR O 90 -34.97 -0.46 35.69
N GLY O 91 -34.16 0.55 35.97
CA GLY O 91 -33.02 0.49 36.91
C GLY O 91 -31.81 1.03 36.24
N LYS O 92 -30.70 1.18 36.93
CA LYS O 92 -29.47 1.85 36.46
C LYS O 92 -28.99 1.13 35.20
N ILE O 93 -29.00 -0.21 35.22
CA ILE O 93 -28.46 -0.98 34.07
C ILE O 93 -29.36 -0.80 32.84
N ALA O 94 -30.63 -1.13 32.99
CA ALA O 94 -31.59 -1.15 31.84
C ALA O 94 -31.76 0.25 31.23
N ASP O 95 -31.67 1.29 32.05
CA ASP O 95 -31.91 2.70 31.66
C ASP O 95 -30.64 3.34 31.10
N TYR O 96 -29.47 3.14 31.73
CA TYR O 96 -28.26 3.94 31.43
C TYR O 96 -27.11 3.10 30.86
N ASN O 97 -27.19 1.76 30.81
CA ASN O 97 -26.02 0.92 30.37
C ASN O 97 -26.34 0.01 29.19
N TYR O 98 -27.38 -0.81 29.32
CA TYR O 98 -27.79 -1.78 28.28
C TYR O 98 -29.28 -2.05 28.32
N LYS O 99 -29.95 -1.70 27.24
CA LYS O 99 -31.42 -1.70 27.09
C LYS O 99 -31.84 -2.62 25.95
N LEU O 100 -32.76 -3.56 26.23
CA LEU O 100 -33.38 -4.50 25.24
C LEU O 100 -34.63 -3.86 24.66
N PRO O 101 -34.90 -4.06 23.35
CA PRO O 101 -36.11 -3.55 22.71
C PRO O 101 -37.35 -4.23 23.28
N ASP O 102 -38.52 -3.59 23.18
CA ASP O 102 -39.83 -4.14 23.61
C ASP O 102 -40.05 -5.42 22.79
N ASP O 103 -39.66 -5.45 21.52
CA ASP O 103 -39.98 -6.58 20.59
C ASP O 103 -38.81 -7.60 20.56
N PHE O 104 -38.02 -7.72 21.64
CA PHE O 104 -36.78 -8.54 21.67
C PHE O 104 -37.02 -9.99 21.29
N THR O 105 -36.25 -10.49 20.35
CA THR O 105 -36.16 -11.94 20.04
C THR O 105 -34.72 -12.38 20.29
N GLY O 106 -34.54 -13.32 21.22
CA GLY O 106 -33.19 -13.76 21.59
C GLY O 106 -33.14 -14.34 22.97
N CYS O 107 -31.93 -14.65 23.44
CA CYS O 107 -31.71 -15.34 24.71
C CYS O 107 -30.78 -14.50 25.53
N VAL O 108 -31.10 -14.40 26.81
CA VAL O 108 -30.24 -13.76 27.83
C VAL O 108 -29.58 -14.89 28.59
N ILE O 109 -28.26 -14.94 28.64
CA ILE O 109 -27.51 -16.07 29.23
C ILE O 109 -26.56 -15.49 30.25
N ALA O 110 -26.48 -16.04 31.46
CA ALA O 110 -25.56 -15.53 32.49
C ALA O 110 -25.01 -16.66 33.34
N TRP O 111 -23.83 -16.43 33.91
CA TRP O 111 -23.19 -17.33 34.87
C TRP O 111 -22.38 -16.58 35.90
N ASN O 112 -22.31 -17.16 37.09
CA ASN O 112 -21.50 -16.61 38.21
C ASN O 112 -20.03 -16.60 37.78
N SER O 113 -19.33 -15.47 37.90
CA SER O 113 -17.93 -15.32 37.46
C SER O 113 -17.08 -14.87 38.65
N ASN O 114 -17.53 -15.14 39.88
CA ASN O 114 -16.81 -14.74 41.12
C ASN O 114 -15.34 -15.16 41.07
N ASN O 115 -15.05 -16.40 40.67
CA ASN O 115 -13.69 -16.97 40.54
C ASN O 115 -12.82 -16.25 39.49
N LEU O 116 -13.38 -15.53 38.52
CA LEU O 116 -12.58 -14.83 37.46
C LEU O 116 -12.55 -13.32 37.72
N ASP O 117 -13.62 -12.72 38.22
CA ASP O 117 -13.82 -11.25 38.27
C ASP O 117 -13.88 -10.70 39.70
N SER O 118 -13.51 -11.45 40.74
CA SER O 118 -13.18 -10.88 42.07
C SER O 118 -11.70 -11.14 42.48
N LYS O 119 -11.00 -10.14 43.03
CA LYS O 119 -9.66 -10.26 43.65
C LYS O 119 -9.93 -10.48 45.13
N VAL O 120 -8.89 -10.61 45.95
CA VAL O 120 -9.00 -10.75 47.43
C VAL O 120 -9.12 -9.35 48.06
N GLY O 121 -8.48 -8.31 47.50
CA GLY O 121 -8.70 -6.91 47.94
C GLY O 121 -9.96 -6.29 47.34
N GLY O 122 -10.69 -7.07 46.52
CA GLY O 122 -11.79 -6.61 45.66
C GLY O 122 -11.29 -6.20 44.28
N ASN O 123 -12.10 -6.49 43.28
CA ASN O 123 -11.92 -6.15 41.85
C ASN O 123 -12.71 -4.88 41.55
N TYR O 124 -12.02 -3.85 41.09
CA TYR O 124 -12.57 -2.49 40.84
C TYR O 124 -12.48 -2.12 39.36
N ASN O 125 -12.23 -3.10 38.50
CA ASN O 125 -11.92 -2.84 37.08
C ASN O 125 -13.21 -2.69 36.28
N TYR O 126 -14.35 -3.16 36.81
CA TYR O 126 -15.67 -3.01 36.15
C TYR O 126 -16.39 -1.75 36.63
N LEU O 127 -16.94 -1.06 35.64
CA LEU O 127 -17.72 0.22 35.79
C LEU O 127 -19.16 0.11 35.24
N TYR O 128 -20.03 0.96 35.76
CA TYR O 128 -21.39 1.12 35.20
C TYR O 128 -21.71 2.61 35.20
N ARG O 129 -22.52 3.03 34.25
CA ARG O 129 -23.00 4.41 34.15
C ARG O 129 -24.05 4.62 35.23
N LEU O 130 -23.87 5.65 36.05
CA LEU O 130 -24.72 5.91 37.24
C LEU O 130 -25.70 7.04 36.88
N PHE O 131 -25.33 7.90 35.96
CA PHE O 131 -26.05 9.18 35.68
C PHE O 131 -26.14 9.39 34.18
N ARG O 132 -27.30 9.90 33.74
CA ARG O 132 -27.46 10.31 32.35
C ARG O 132 -28.63 11.29 32.24
N LYS O 133 -28.65 12.04 31.15
CA LYS O 133 -29.69 13.02 30.76
C LYS O 133 -31.03 12.32 30.50
N SER O 134 -30.99 11.12 29.94
CA SER O 134 -32.19 10.38 29.50
C SER O 134 -31.80 8.91 29.35
N ASN O 135 -32.78 8.03 29.12
CA ASN O 135 -32.58 6.56 29.07
C ASN O 135 -32.01 6.17 27.70
N LEU O 136 -31.21 5.11 27.65
CA LEU O 136 -30.72 4.56 26.36
C LEU O 136 -31.94 4.13 25.53
N LYS O 137 -31.81 4.17 24.20
CA LYS O 137 -32.76 3.46 23.30
C LYS O 137 -32.28 2.01 23.23
N PRO O 138 -33.12 1.06 22.76
CA PRO O 138 -32.66 -0.32 22.56
C PRO O 138 -31.32 -0.43 21.85
N PHE O 139 -30.41 -1.20 22.41
CA PHE O 139 -29.07 -1.47 21.85
C PHE O 139 -28.28 -0.19 21.67
N GLU O 140 -28.57 0.87 22.41
CA GLU O 140 -27.68 2.06 22.37
C GLU O 140 -26.47 1.83 23.29
N ARG O 141 -25.33 2.44 22.98
CA ARG O 141 -24.09 2.27 23.75
C ARG O 141 -23.58 3.67 24.05
N ASP O 142 -23.28 4.02 25.30
CA ASP O 142 -22.77 5.37 25.63
C ASP O 142 -21.46 5.18 26.37
N ILE O 143 -20.34 5.57 25.76
CA ILE O 143 -19.03 5.43 26.44
C ILE O 143 -18.48 6.80 26.76
N SER O 144 -19.29 7.87 26.72
CA SER O 144 -18.86 9.24 27.09
C SER O 144 -18.51 9.36 28.60
N THR O 145 -17.57 10.25 28.95
CA THR O 145 -17.13 10.55 30.34
C THR O 145 -17.37 12.04 30.60
N GLU O 146 -18.37 12.63 29.93
CA GLU O 146 -18.81 14.01 30.24
C GLU O 146 -19.25 14.07 31.70
N ILE O 147 -18.68 14.99 32.48
CA ILE O 147 -19.08 15.25 33.88
C ILE O 147 -20.56 15.64 33.89
N TYR O 148 -21.39 14.93 34.66
CA TYR O 148 -22.87 15.05 34.67
C TYR O 148 -23.29 16.20 35.59
N GLN O 149 -24.08 17.10 34.98
CA GLN O 149 -24.52 18.37 35.55
C GLN O 149 -25.84 18.06 36.22
N ALA O 150 -25.86 17.94 37.56
CA ALA O 150 -27.08 17.55 38.29
C ALA O 150 -27.80 18.81 38.82
N GLY O 151 -27.26 20.02 38.65
CA GLY O 151 -27.83 21.26 39.14
C GLY O 151 -28.03 22.29 38.04
N SER O 152 -28.57 23.45 38.41
CA SER O 152 -28.68 24.69 37.56
C SER O 152 -27.30 25.23 37.17
N THR O 153 -26.35 25.23 38.12
CA THR O 153 -24.96 25.72 37.94
C THR O 153 -24.22 25.00 36.79
N PRO O 154 -23.77 25.72 35.73
CA PRO O 154 -22.96 25.15 34.67
C PRO O 154 -21.73 24.47 35.29
N CYS O 155 -21.33 23.46 34.54
CA CYS O 155 -20.29 22.43 34.81
C CYS O 155 -19.21 22.50 33.71
N ASN O 156 -17.92 22.65 34.04
CA ASN O 156 -16.88 23.03 33.03
C ASN O 156 -15.85 21.90 32.90
N GLY O 157 -16.29 20.65 32.78
CA GLY O 157 -15.38 19.48 32.79
C GLY O 157 -14.80 19.24 34.18
N VAL O 158 -15.33 19.89 35.21
CA VAL O 158 -14.73 19.89 36.59
C VAL O 158 -15.69 19.22 37.59
N GLU O 159 -15.20 18.25 38.36
CA GLU O 159 -15.99 17.54 39.39
C GLU O 159 -16.19 18.49 40.58
N GLY O 160 -17.45 18.68 40.98
CA GLY O 160 -17.79 19.48 42.17
C GLY O 160 -19.13 19.06 42.70
N PHE O 161 -19.74 19.87 43.53
CA PHE O 161 -20.82 19.41 44.45
C PHE O 161 -22.15 19.12 43.74
N ASN O 162 -22.35 19.52 42.49
CA ASN O 162 -23.50 19.02 41.65
C ASN O 162 -23.00 18.59 40.24
N CYS O 163 -21.72 18.20 40.22
CA CYS O 163 -20.97 17.94 38.97
C CYS O 163 -20.28 16.59 39.11
N TYR O 164 -20.94 15.49 38.67
CA TYR O 164 -20.45 14.11 38.99
C TYR O 164 -19.84 13.41 37.75
N PHE O 165 -18.73 12.73 38.01
CA PHE O 165 -18.21 11.72 37.07
C PHE O 165 -19.33 10.69 36.87
N PRO O 166 -19.68 10.35 35.61
CA PRO O 166 -20.87 9.55 35.39
C PRO O 166 -20.69 8.03 35.56
N LEU O 167 -19.46 7.49 35.66
CA LEU O 167 -19.24 6.06 35.88
C LEU O 167 -18.86 5.82 37.36
N GLN O 168 -19.32 4.71 37.92
CA GLN O 168 -18.99 4.23 39.27
C GLN O 168 -18.36 2.84 39.05
N SER O 169 -17.54 2.48 40.00
CA SER O 169 -16.91 1.13 40.10
C SER O 169 -17.79 0.16 40.91
N TYR O 170 -18.11 -1.01 40.35
CA TYR O 170 -18.48 -2.24 41.09
C TYR O 170 -17.25 -2.61 41.92
N GLY O 171 -17.41 -2.83 43.22
CA GLY O 171 -16.41 -3.53 44.06
C GLY O 171 -16.75 -5.00 44.22
N PHE O 172 -16.09 -5.90 43.47
CA PHE O 172 -16.39 -7.35 43.53
C PHE O 172 -15.49 -7.95 44.63
N GLN O 173 -16.03 -7.94 45.85
CA GLN O 173 -15.53 -8.69 47.05
C GLN O 173 -15.86 -10.19 46.95
N PRO O 174 -14.87 -11.10 47.10
CA PRO O 174 -15.11 -12.51 46.79
C PRO O 174 -16.00 -13.23 47.84
N THR O 175 -16.08 -12.71 49.07
CA THR O 175 -16.84 -13.29 50.20
C THR O 175 -18.27 -12.73 50.24
N ASN O 176 -18.62 -11.81 49.33
CA ASN O 176 -19.99 -11.28 49.24
C ASN O 176 -20.99 -12.35 48.80
N GLY O 177 -22.23 -12.12 49.21
CA GLY O 177 -23.44 -12.78 48.70
C GLY O 177 -23.50 -12.82 47.18
N VAL O 178 -24.18 -13.83 46.66
CA VAL O 178 -24.22 -14.09 45.19
C VAL O 178 -24.88 -12.90 44.51
N GLY O 179 -25.79 -12.19 45.17
CA GLY O 179 -26.49 -11.04 44.56
C GLY O 179 -25.49 -9.93 44.21
N TYR O 180 -24.38 -9.88 44.94
CA TYR O 180 -23.30 -8.86 44.79
C TYR O 180 -22.11 -9.43 44.01
N GLN O 181 -22.13 -10.71 43.65
CA GLN O 181 -21.01 -11.32 42.91
C GLN O 181 -21.08 -10.87 41.47
N PRO O 182 -19.97 -10.90 40.73
CA PRO O 182 -20.02 -10.72 39.29
C PRO O 182 -20.64 -11.92 38.57
N TYR O 183 -21.46 -11.55 37.59
CA TYR O 183 -22.04 -12.45 36.57
C TYR O 183 -21.59 -11.98 35.19
N ARG O 184 -21.05 -12.90 34.42
CA ARG O 184 -20.89 -12.69 32.97
C ARG O 184 -22.21 -12.91 32.28
N VAL O 185 -22.50 -12.12 31.26
CA VAL O 185 -23.79 -12.13 30.55
C VAL O 185 -23.51 -12.11 29.05
N VAL O 186 -24.23 -12.91 28.30
CA VAL O 186 -24.21 -12.88 26.83
C VAL O 186 -25.66 -12.74 26.41
N VAL O 187 -25.95 -11.77 25.57
CA VAL O 187 -27.30 -11.61 25.01
C VAL O 187 -27.23 -11.92 23.53
N LEU O 188 -27.92 -12.98 23.08
CA LEU O 188 -28.00 -13.31 21.65
C LEU O 188 -29.26 -12.70 21.09
N SER O 189 -29.18 -11.85 20.07
CA SER O 189 -30.34 -11.32 19.29
C SER O 189 -30.38 -12.04 17.96
N PHE O 190 -31.61 -12.44 17.58
CA PHE O 190 -31.92 -13.09 16.29
C PHE O 190 -32.68 -12.12 15.39
N GLU O 191 -32.14 -11.78 14.23
CA GLU O 191 -32.75 -10.87 13.23
C GLU O 191 -33.17 -11.75 12.06
N LEU O 192 -34.45 -11.66 11.65
CA LEU O 192 -34.96 -12.25 10.38
C LEU O 192 -35.44 -11.10 9.49
N LEU O 193 -34.60 -10.70 8.52
CA LEU O 193 -34.84 -9.59 7.56
C LEU O 193 -35.08 -10.15 6.15
N HIS O 194 -35.28 -9.28 5.17
CA HIS O 194 -35.55 -9.65 3.75
C HIS O 194 -34.22 -9.84 3.02
N ALA O 195 -33.53 -10.95 3.31
CA ALA O 195 -32.21 -11.33 2.76
C ALA O 195 -31.97 -12.83 2.95
N PRO O 196 -30.88 -13.41 2.38
CA PRO O 196 -30.56 -14.82 2.59
C PRO O 196 -30.14 -15.04 4.05
N ALA O 197 -30.74 -16.05 4.69
CA ALA O 197 -30.45 -16.45 6.08
C ALA O 197 -29.13 -17.22 6.12
N THR O 198 -28.11 -16.65 6.77
CA THR O 198 -26.70 -17.12 6.77
C THR O 198 -26.36 -17.87 8.08
N VAL O 199 -27.10 -17.69 9.17
CA VAL O 199 -26.80 -18.39 10.45
C VAL O 199 -27.91 -19.44 10.71
N CYS O 200 -27.57 -20.74 10.64
CA CYS O 200 -28.53 -21.86 10.78
C CYS O 200 -27.96 -22.83 11.83
N GLY O 201 -28.86 -23.58 12.47
CA GLY O 201 -28.52 -24.76 13.29
C GLY O 201 -27.97 -25.90 12.42
N PRO O 202 -27.41 -26.98 13.02
CA PRO O 202 -26.47 -27.92 12.39
C PRO O 202 -26.79 -28.52 11.04
N ALA O 203 -28.04 -28.57 10.62
CA ALA O 203 -28.43 -29.04 9.26
C ALA O 203 -27.81 -28.18 8.12
N ALA O 204 -26.95 -28.81 7.29
CA ALA O 204 -25.95 -28.20 6.38
C ALA O 204 -25.41 -29.27 5.41
N GLU P 5 -37.92 -11.73 40.26
CA GLU P 5 -37.96 -13.11 39.70
C GLU P 5 -36.64 -13.83 40.01
N ARG P 6 -36.67 -14.88 40.82
CA ARG P 6 -35.48 -15.71 41.14
C ARG P 6 -35.91 -17.12 41.51
N VAL P 7 -34.95 -18.05 41.61
CA VAL P 7 -35.16 -19.32 42.36
C VAL P 7 -34.47 -19.20 43.73
N GLU P 8 -35.25 -19.35 44.78
CA GLU P 8 -34.80 -19.24 46.18
C GLU P 8 -34.54 -20.64 46.69
N GLN P 9 -33.29 -20.92 46.94
CA GLN P 9 -32.82 -22.22 47.47
C GLN P 9 -32.45 -22.01 48.92
N THR P 10 -33.07 -22.79 49.77
CA THR P 10 -32.89 -22.81 51.24
C THR P 10 -32.62 -24.26 51.71
N PRO P 11 -31.75 -24.49 52.73
CA PRO P 11 -30.91 -23.43 53.30
C PRO P 11 -29.78 -23.05 52.34
N THR P 12 -29.18 -21.87 52.59
CA THR P 12 -28.04 -21.37 51.81
C THR P 12 -26.77 -22.15 52.21
N THR P 13 -26.56 -22.48 53.49
CA THR P 13 -25.45 -23.34 53.97
C THR P 13 -25.99 -24.31 55.03
N THR P 14 -25.45 -25.53 55.13
CA THR P 14 -25.70 -26.39 56.32
C THR P 14 -24.44 -27.19 56.64
N THR P 15 -24.22 -27.42 57.92
CA THR P 15 -23.33 -28.48 58.47
C THR P 15 -24.20 -29.61 59.03
N LYS P 16 -23.84 -30.86 58.70
CA LYS P 16 -24.50 -32.11 59.10
C LYS P 16 -23.43 -33.13 59.53
N GLU P 17 -23.82 -34.04 60.43
CA GLU P 17 -23.04 -35.27 60.76
C GLU P 17 -23.38 -36.38 59.76
N THR P 18 -22.34 -37.11 59.34
CA THR P 18 -22.42 -38.41 58.63
C THR P 18 -23.60 -39.22 59.17
N GLY P 19 -24.44 -39.84 58.33
CA GLY P 19 -25.58 -40.64 58.79
C GLY P 19 -26.88 -39.85 58.86
N GLU P 20 -26.85 -38.52 59.04
CA GLU P 20 -28.09 -37.67 59.04
C GLU P 20 -28.56 -37.55 57.60
N SER P 21 -29.74 -36.94 57.41
CA SER P 21 -30.30 -36.63 56.08
C SER P 21 -30.45 -35.13 55.98
N LEU P 22 -30.67 -34.64 54.79
CA LEU P 22 -30.79 -33.19 54.58
C LEU P 22 -31.86 -32.98 53.50
N THR P 23 -32.60 -31.88 53.62
CA THR P 23 -33.57 -31.49 52.58
C THR P 23 -33.23 -30.10 52.06
N ILE P 24 -33.14 -29.94 50.74
CA ILE P 24 -32.98 -28.61 50.12
C ILE P 24 -34.31 -28.31 49.45
N ASN P 25 -34.90 -27.12 49.73
CA ASN P 25 -36.15 -26.61 49.11
C ASN P 25 -35.83 -25.44 48.21
N CYS P 26 -36.38 -25.50 47.00
CA CYS P 26 -36.28 -24.50 45.93
C CYS P 26 -37.70 -24.05 45.57
N VAL P 27 -37.91 -22.75 45.38
CA VAL P 27 -39.18 -22.21 44.86
C VAL P 27 -38.87 -21.05 43.89
N LEU P 28 -39.49 -21.13 42.72
CA LEU P 28 -39.46 -20.10 41.67
C LEU P 28 -40.37 -18.98 42.16
N ARG P 29 -39.80 -17.88 42.62
CA ARG P 29 -40.41 -16.78 43.44
C ARG P 29 -40.62 -15.59 42.52
N ASP P 30 -41.63 -14.78 42.78
CA ASP P 30 -41.90 -13.49 42.08
C ASP P 30 -41.95 -13.77 40.58
N SER P 31 -42.55 -14.88 40.19
CA SER P 31 -42.68 -15.26 38.77
C SER P 31 -44.13 -15.57 38.47
N SER P 32 -44.54 -15.19 37.26
CA SER P 32 -45.84 -15.58 36.66
C SER P 32 -45.65 -16.84 35.80
N CYS P 33 -44.44 -17.34 35.76
CA CYS P 33 -43.94 -18.47 34.93
C CYS P 33 -44.39 -19.82 35.52
N ALA P 34 -44.77 -20.79 34.70
CA ALA P 34 -45.02 -22.20 35.15
C ALA P 34 -43.70 -22.92 35.39
N LEU P 35 -43.69 -23.81 36.38
CA LEU P 35 -42.56 -24.73 36.63
C LEU P 35 -42.81 -26.01 35.85
N ASP P 36 -42.08 -26.24 34.76
CA ASP P 36 -42.34 -27.38 33.84
C ASP P 36 -41.36 -28.53 34.10
N SER P 37 -40.11 -28.26 34.44
CA SER P 37 -39.21 -29.36 34.86
C SER P 37 -38.10 -28.82 35.74
N THR P 38 -37.32 -29.70 36.33
CA THR P 38 -36.27 -29.35 37.32
C THR P 38 -35.02 -30.15 37.00
N TYR P 39 -33.86 -29.70 37.51
CA TYR P 39 -32.58 -30.41 37.37
C TYR P 39 -31.66 -30.01 38.51
N TRP P 40 -30.86 -30.94 38.98
CA TRP P 40 -29.87 -30.72 40.07
C TRP P 40 -28.46 -31.02 39.59
N TYR P 41 -27.52 -30.22 40.04
CA TYR P 41 -26.06 -30.20 39.82
C TYR P 41 -25.31 -30.15 41.14
N PHE P 42 -24.12 -30.73 41.20
CA PHE P 42 -23.21 -30.80 42.37
C PHE P 42 -21.80 -30.36 41.96
N THR P 43 -21.10 -29.60 42.75
CA THR P 43 -19.65 -29.52 42.64
C THR P 43 -19.13 -30.03 43.97
N LYS P 44 -18.19 -30.98 43.98
CA LYS P 44 -17.46 -31.37 45.21
C LYS P 44 -16.81 -30.13 45.81
N LYS P 45 -16.63 -30.20 47.13
CA LYS P 45 -15.75 -29.29 47.91
C LYS P 45 -14.39 -29.22 47.22
N GLY P 46 -13.94 -28.02 46.82
CA GLY P 46 -12.59 -27.76 46.29
C GLY P 46 -12.45 -28.13 44.82
N ALA P 47 -13.56 -28.50 44.16
CA ALA P 47 -13.67 -28.63 42.69
C ALA P 47 -14.30 -27.36 42.13
N THR P 48 -14.24 -27.16 40.80
CA THR P 48 -14.97 -26.06 40.09
C THR P 48 -15.93 -26.64 39.06
N LYS P 49 -15.82 -27.93 38.76
CA LYS P 49 -16.64 -28.54 37.69
C LYS P 49 -18.07 -28.65 38.23
N LYS P 50 -19.08 -28.05 37.58
CA LYS P 50 -20.51 -28.36 37.82
C LYS P 50 -20.82 -29.66 37.02
N GLU P 51 -21.23 -30.71 37.74
CA GLU P 51 -21.65 -32.03 37.19
C GLU P 51 -23.10 -32.38 37.61
N SER P 52 -23.74 -33.17 36.76
CA SER P 52 -25.14 -33.66 36.91
C SER P 52 -25.25 -34.51 38.18
N LEU P 53 -26.32 -34.36 38.95
CA LEU P 53 -26.53 -35.23 40.15
C LEU P 53 -26.59 -36.68 39.68
N SER P 54 -26.06 -37.67 40.43
CA SER P 54 -26.04 -39.08 39.96
C SER P 54 -27.38 -39.71 40.29
N ASN P 55 -27.69 -40.79 39.61
CA ASN P 55 -28.86 -41.61 39.92
C ASN P 55 -28.52 -42.60 41.06
N GLY P 56 -28.08 -42.05 42.23
CA GLY P 56 -27.74 -42.79 43.47
C GLY P 56 -28.89 -42.90 44.46
N GLY P 57 -29.02 -44.08 45.10
CA GLY P 57 -30.23 -44.49 45.82
C GLY P 57 -30.56 -43.54 46.97
N ARG P 58 -29.62 -42.67 47.32
CA ARG P 58 -29.73 -41.79 48.52
C ARG P 58 -30.44 -40.48 48.19
N TYR P 59 -30.78 -40.24 46.89
CA TYR P 59 -31.36 -38.97 46.42
C TYR P 59 -32.83 -39.17 46.08
N ALA P 60 -33.69 -38.36 46.68
CA ALA P 60 -35.14 -38.36 46.37
C ALA P 60 -35.57 -36.95 46.02
N GLU P 61 -36.43 -36.83 45.02
CA GLU P 61 -36.93 -35.56 44.44
C GLU P 61 -38.44 -35.44 44.67
N THR P 62 -38.89 -34.25 44.93
CA THR P 62 -40.35 -33.93 45.11
C THR P 62 -40.66 -32.73 44.25
N VAL P 63 -41.87 -32.53 43.74
CA VAL P 63 -42.19 -31.31 42.94
C VAL P 63 -43.65 -30.96 43.22
N ASN P 64 -43.97 -29.68 43.45
CA ASN P 64 -45.36 -29.20 43.34
C ASN P 64 -45.38 -28.16 42.23
N LYS P 65 -45.86 -28.53 41.07
CA LYS P 65 -45.77 -27.59 39.92
C LYS P 65 -46.66 -26.36 40.14
N ALA P 66 -47.87 -26.50 40.68
CA ALA P 66 -48.75 -25.35 40.97
C ALA P 66 -48.06 -24.30 41.84
N SER P 67 -47.37 -24.71 42.91
CA SER P 67 -46.73 -23.79 43.91
C SER P 67 -45.31 -23.44 43.45
N LYS P 68 -44.87 -24.12 42.39
CA LYS P 68 -43.55 -23.91 41.75
C LYS P 68 -42.43 -24.15 42.72
N SER P 69 -42.58 -25.18 43.54
CA SER P 69 -41.61 -25.55 44.57
C SER P 69 -41.14 -26.97 44.30
N PHE P 70 -39.90 -27.30 44.70
CA PHE P 70 -39.40 -28.68 44.59
C PHE P 70 -38.32 -28.88 45.63
N SER P 71 -37.96 -30.13 45.92
CA SER P 71 -36.96 -30.51 46.93
C SER P 71 -36.10 -31.69 46.48
N LEU P 72 -34.87 -31.65 46.96
CA LEU P 72 -33.91 -32.75 46.98
C LEU P 72 -33.71 -33.14 48.43
N ARG P 73 -33.94 -34.40 48.74
CA ARG P 73 -33.59 -35.02 50.05
C ARG P 73 -32.45 -35.99 49.80
N ILE P 74 -31.37 -35.86 50.57
CA ILE P 74 -30.20 -36.76 50.52
C ILE P 74 -30.14 -37.47 51.87
N SER P 75 -30.22 -38.79 51.84
CA SER P 75 -30.33 -39.65 53.03
C SER P 75 -28.96 -40.24 53.31
N ASP P 76 -28.68 -40.54 54.57
CA ASP P 76 -27.44 -41.23 55.01
C ASP P 76 -26.21 -40.48 54.49
N LEU P 77 -26.04 -39.20 54.83
CA LEU P 77 -24.93 -38.34 54.36
C LEU P 77 -23.58 -38.97 54.70
N ARG P 78 -22.60 -38.73 53.80
CA ARG P 78 -21.17 -39.12 53.92
C ARG P 78 -20.37 -37.83 53.73
N VAL P 79 -19.04 -37.89 53.74
CA VAL P 79 -18.16 -36.69 53.68
C VAL P 79 -17.99 -36.31 52.22
N GLU P 80 -18.06 -37.27 51.30
CA GLU P 80 -17.97 -37.05 49.82
C GLU P 80 -19.12 -36.21 49.25
N ASP P 81 -20.29 -36.25 49.92
CA ASP P 81 -21.44 -35.35 49.65
C ASP P 81 -21.08 -33.85 49.84
N SER P 82 -20.02 -33.53 50.59
CA SER P 82 -19.64 -32.12 50.91
C SER P 82 -19.37 -31.36 49.60
N GLY P 83 -20.02 -30.20 49.43
CA GLY P 83 -19.89 -29.39 48.21
C GLY P 83 -21.07 -28.44 48.01
N THR P 84 -21.29 -27.97 46.78
CA THR P 84 -22.37 -27.00 46.47
C THR P 84 -23.36 -27.69 45.54
N TYR P 85 -24.63 -27.67 45.94
CA TYR P 85 -25.81 -28.17 45.21
C TYR P 85 -26.50 -26.99 44.54
N HIS P 86 -26.84 -27.13 43.26
CA HIS P 86 -27.57 -26.11 42.50
C HIS P 86 -28.81 -26.75 41.91
N CYS P 87 -29.92 -26.05 42.06
CA CYS P 87 -31.19 -26.43 41.44
C CYS P 87 -31.47 -25.53 40.26
N ARG P 88 -31.91 -26.15 39.16
CA ARG P 88 -32.30 -25.42 37.92
C ARG P 88 -33.78 -25.66 37.62
N ALA P 89 -34.54 -24.57 37.50
CA ALA P 89 -35.99 -24.63 37.32
C ALA P 89 -36.28 -24.26 35.86
N TYR P 90 -37.00 -25.09 35.12
CA TYR P 90 -37.23 -24.88 33.69
C TYR P 90 -38.67 -24.43 33.55
N SER P 91 -38.88 -23.37 32.75
CA SER P 91 -40.20 -22.97 32.25
C SER P 91 -40.16 -23.05 30.71
N LEU P 92 -41.00 -23.92 30.12
CA LEU P 92 -40.95 -24.29 28.69
C LEU P 92 -42.29 -23.97 28.00
N SER P 93 -43.41 -23.96 28.72
CA SER P 93 -44.66 -23.22 28.37
C SER P 93 -44.36 -21.70 28.36
N ALA P 94 -45.14 -20.93 27.63
CA ALA P 94 -44.80 -19.52 27.27
C ALA P 94 -46.06 -18.65 27.38
N GLY P 95 -46.87 -18.93 28.40
CA GLY P 95 -48.19 -18.26 28.52
C GLY P 95 -48.00 -16.98 29.29
N MET P 96 -48.21 -17.10 30.59
CA MET P 96 -48.04 -16.01 31.56
C MET P 96 -46.55 -15.73 31.71
N CYS P 97 -45.64 -16.46 31.09
CA CYS P 97 -44.21 -16.16 31.17
C CYS P 97 -43.80 -15.46 29.87
N ALA P 98 -43.00 -14.41 30.00
CA ALA P 98 -42.35 -13.68 28.88
C ALA P 98 -41.31 -14.58 28.19
N TRP P 99 -40.78 -15.55 28.91
CA TRP P 99 -39.58 -16.30 28.49
C TRP P 99 -39.83 -17.79 28.61
N MET P 100 -38.95 -18.49 27.90
CA MET P 100 -38.73 -19.95 27.94
C MET P 100 -37.25 -20.27 28.13
N GLY P 101 -36.99 -21.23 29.04
CA GLY P 101 -35.62 -21.61 29.42
C GLY P 101 -35.49 -21.91 30.90
N TYR P 102 -34.38 -21.55 31.51
CA TYR P 102 -34.15 -21.86 32.93
C TYR P 102 -33.51 -20.72 33.72
N ILE P 103 -33.89 -20.70 35.00
CA ILE P 103 -33.17 -19.91 36.05
C ILE P 103 -32.81 -20.87 37.20
N GLU P 104 -31.76 -20.51 37.96
CA GLU P 104 -31.03 -21.40 38.86
C GLU P 104 -30.91 -20.79 40.25
N GLY P 105 -30.90 -21.67 41.25
CA GLY P 105 -30.66 -21.25 42.62
C GLY P 105 -29.26 -20.69 42.81
N GLY P 106 -29.08 -19.98 43.95
CA GLY P 106 -27.77 -19.44 44.38
C GLY P 106 -26.88 -20.55 44.94
N GLY P 107 -27.45 -21.73 45.23
CA GLY P 107 -26.70 -22.90 45.73
C GLY P 107 -26.99 -23.13 47.18
N THR P 108 -26.68 -24.34 47.67
CA THR P 108 -26.61 -24.72 49.10
C THR P 108 -25.20 -25.27 49.31
N ILE P 109 -24.45 -24.68 50.23
CA ILE P 109 -23.10 -25.17 50.56
C ILE P 109 -23.24 -26.16 51.73
N VAL P 110 -23.00 -27.43 51.44
CA VAL P 110 -23.17 -28.54 52.43
C VAL P 110 -21.80 -28.95 52.96
N THR P 111 -21.60 -28.98 54.27
CA THR P 111 -20.42 -29.59 54.95
C THR P 111 -20.90 -30.79 55.78
N VAL P 112 -20.34 -31.97 55.54
CA VAL P 112 -20.64 -33.20 56.35
C VAL P 112 -19.40 -33.58 57.15
N ASN P 113 -19.50 -33.67 58.49
CA ASN P 113 -18.37 -34.03 59.39
C ASN P 113 -18.48 -35.50 59.82
N SER P 114 -17.40 -36.08 60.35
CA SER P 114 -17.33 -37.50 60.80
C SER P 114 -16.52 -37.62 62.09
N SER P 115 -17.09 -37.18 63.24
CA SER P 115 -16.48 -37.14 64.60
C SER P 115 -16.36 -35.68 65.08
C1 NAG Q . 62.20 9.14 -11.92
C2 NAG Q . 61.27 9.65 -13.02
C3 NAG Q . 61.27 8.59 -14.15
C4 NAG Q . 62.67 8.62 -14.76
C5 NAG Q . 63.70 8.26 -13.67
C6 NAG Q . 65.15 8.40 -14.18
C7 NAG Q . 58.97 9.38 -12.04
C8 NAG Q . 57.62 10.07 -11.97
N2 NAG Q . 59.89 10.07 -12.70
O3 NAG Q . 60.27 8.89 -15.11
O4 NAG Q . 62.76 7.72 -15.89
O5 NAG Q . 63.53 9.05 -12.49
O6 NAG Q . 65.49 9.74 -14.61
O7 NAG Q . 59.19 8.28 -11.55
C1 NAG Q . 62.83 8.41 -17.16
C2 NAG Q . 63.44 7.49 -18.23
C3 NAG Q . 63.57 8.27 -19.54
C4 NAG Q . 62.17 8.73 -19.97
C5 NAG Q . 61.53 9.54 -18.84
C6 NAG Q . 60.08 9.91 -19.14
C7 NAG Q . 64.85 5.70 -17.29
C8 NAG Q . 66.25 5.22 -16.99
N2 NAG Q . 64.72 6.92 -17.81
O3 NAG Q . 64.14 7.46 -20.57
O4 NAG Q . 62.27 9.49 -21.20
O5 NAG Q . 61.53 8.82 -17.60
O6 NAG Q . 59.57 10.69 -18.06
O7 NAG Q . 63.88 4.99 -17.07
C1 NAG R . -59.36 28.96 -35.38
C2 NAG R . -58.22 29.96 -35.58
C3 NAG R . -58.25 31.05 -34.48
C4 NAG R . -59.61 31.71 -34.33
C5 NAG R . -60.77 30.69 -34.26
C6 NAG R . -62.10 31.44 -34.50
C7 NAG R . -55.82 29.72 -36.13
C8 NAG R . -54.63 28.80 -36.11
N2 NAG R . -56.94 29.24 -35.61
O3 NAG R . -57.30 32.07 -34.79
O4 NAG R . -59.60 32.51 -33.15
O5 NAG R . -60.64 29.61 -35.20
O6 NAG R . -63.24 30.57 -34.47
O7 NAG R . -55.73 30.83 -36.61
C1 NAG R . -60.06 33.87 -33.33
C2 NAG R . -60.78 34.40 -32.08
C3 NAG R . -61.27 35.84 -32.29
C4 NAG R . -60.09 36.71 -32.67
C5 NAG R . -59.42 36.11 -33.92
C6 NAG R . -58.21 36.91 -34.40
C7 NAG R . -61.81 32.66 -30.67
C8 NAG R . -63.08 31.96 -30.27
N2 NAG R . -61.90 33.56 -31.66
O3 NAG R . -61.90 36.37 -31.12
O4 NAG R . -60.54 38.07 -32.87
O5 NAG R . -58.98 34.76 -33.65
O6 NAG R . -57.97 36.57 -35.77
O7 NAG R . -60.75 32.41 -30.09
C1 NAG S . -7.22 30.13 28.78
C2 NAG S . -6.22 30.92 29.63
C3 NAG S . -5.52 29.96 30.63
C4 NAG S . -6.57 29.29 31.52
C5 NAG S . -7.56 28.53 30.64
C6 NAG S . -8.65 27.88 31.51
C7 NAG S . -5.05 32.93 28.85
C8 NAG S . -3.96 33.49 28.00
N2 NAG S . -5.24 31.60 28.79
O3 NAG S . -4.54 30.64 31.42
O4 NAG S . -5.97 28.43 32.51
O5 NAG S . -8.12 29.43 29.68
O6 NAG S . -9.69 27.26 30.74
O7 NAG S . -5.72 33.64 29.56
C1 NAG S . -6.53 28.66 33.84
C2 NAG S . -6.38 27.44 34.75
C3 NAG S . -6.67 27.72 36.23
C4 NAG S . -6.28 29.12 36.72
C5 NAG S . -6.66 30.15 35.67
C6 NAG S . -6.30 31.58 36.06
C7 NAG S . -7.02 25.14 34.02
C8 NAG S . -8.18 24.26 33.64
N2 NAG S . -7.33 26.41 34.31
O3 NAG S . -5.97 26.77 37.04
O4 NAG S . -6.95 29.38 37.98
O5 NAG S . -5.97 29.81 34.46
O6 NAG S . -6.51 32.43 34.93
O7 NAG S . -5.89 24.68 34.07
C1 BMA S . -6.06 29.93 38.99
C2 BMA S . -6.84 30.66 40.08
C3 BMA S . -5.88 31.28 41.11
C4 BMA S . -4.79 30.30 41.56
C5 BMA S . -4.16 29.53 40.39
C6 BMA S . -3.17 28.46 40.88
O2 BMA S . -7.76 29.77 40.75
O3 BMA S . -6.63 31.75 42.23
O4 BMA S . -3.74 31.02 42.22
O5 BMA S . -5.21 28.94 39.59
O6 BMA S . -3.73 27.14 40.73
C1 NAG T . -16.91 -5.91 -17.05
C2 NAG T . -15.60 -6.29 -16.40
C3 NAG T . -14.44 -5.85 -17.27
C4 NAG T . -14.60 -6.24 -18.75
C5 NAG T . -16.01 -5.99 -19.30
C6 NAG T . -16.25 -6.58 -20.72
C7 NAG T . -14.89 -6.24 -14.09
C8 NAG T . -14.93 -5.55 -12.77
N2 NAG T . -15.54 -5.66 -15.09
O3 NAG T . -13.28 -6.47 -16.73
O4 NAG T . -13.66 -5.47 -19.52
O5 NAG T . -16.96 -6.50 -18.36
O6 NAG T . -16.33 -8.02 -20.76
O7 NAG T . -14.29 -7.29 -14.25
C1 NAG T . -12.67 -6.30 -20.16
C2 NAG T . -11.67 -5.39 -20.87
C3 NAG T . -10.57 -6.25 -21.49
C4 NAG T . -9.91 -7.10 -20.40
C5 NAG T . -10.96 -7.99 -19.74
C6 NAG T . -10.36 -8.83 -18.62
C7 NAG T . -12.56 -3.25 -21.85
C8 NAG T . -12.32 -2.50 -20.57
N2 NAG T . -12.30 -4.58 -21.91
O3 NAG T . -9.58 -5.44 -22.16
O4 NAG T . -8.84 -7.89 -20.94
O5 NAG T . -12.01 -7.16 -19.21
O6 NAG T . -11.41 -9.55 -17.94
O7 NAG T . -12.98 -2.66 -22.83
C1 NAG U . -15.59 -22.99 26.59
C2 NAG U . -16.07 -23.88 25.44
C3 NAG U . -16.78 -25.10 26.06
C4 NAG U . -15.73 -25.93 26.80
C5 NAG U . -15.09 -25.03 27.87
C6 NAG U . -13.99 -25.75 28.69
C7 NAG U . -18.06 -22.80 24.28
C8 NAG U . -18.97 -23.01 25.46
N2 NAG U . -16.77 -23.17 24.35
O3 NAG U . -17.49 -25.88 25.08
O4 NAG U . -16.31 -27.11 27.41
O5 NAG U . -14.60 -23.81 27.26
O6 NAG U . -12.69 -25.66 28.08
O7 NAG U . -18.47 -22.32 23.24
C1 NAG U . -15.77 -28.37 26.95
C2 NAG U . -16.86 -29.45 26.93
C3 NAG U . -16.34 -30.77 26.33
C4 NAG U . -15.52 -30.60 25.06
C5 NAG U . -14.48 -29.49 25.25
C6 NAG U . -13.67 -29.23 23.98
C7 NAG U . -18.26 -28.99 28.98
C8 NAG U . -18.86 -29.62 30.20
N2 NAG U . -17.45 -29.77 28.25
O3 NAG U . -17.44 -31.64 26.03
O4 NAG U . -14.88 -31.85 24.73
O5 NAG U . -15.17 -28.31 25.65
O6 NAG U . -14.52 -28.69 22.96
O7 NAG U . -18.54 -27.84 28.68
C1 NAG V . 27.71 -25.54 19.02
C2 NAG V . 26.61 -26.52 19.40
C3 NAG V . 25.27 -25.83 19.60
C4 NAG V . 25.30 -24.67 20.63
C5 NAG V . 26.59 -23.80 20.53
C6 NAG V . 27.52 -23.79 21.81
C7 NAG V . 26.32 -28.86 18.59
C8 NAG V . 26.30 -29.41 20.00
N2 NAG V . 26.48 -27.54 18.37
O3 NAG V . 24.36 -26.90 19.94
O4 NAG V . 24.10 -23.85 20.50
O5 NAG V . 27.37 -24.16 19.35
O6 NAG V . 27.44 -22.61 22.65
O7 NAG V . 26.21 -29.61 17.60
C1 NAG W . -32.31 -29.31 -23.36
C2 NAG W . -33.86 -29.17 -23.49
C3 NAG W . -34.21 -29.21 -25.01
C4 NAG W . -33.62 -27.99 -25.73
C5 NAG W . -32.08 -28.10 -25.62
C6 NAG W . -31.31 -26.90 -26.29
C7 NAG W . -35.27 -29.96 -21.59
C8 NAG W . -36.17 -31.07 -21.11
N2 NAG W . -34.67 -30.17 -22.77
O3 NAG W . -35.61 -29.29 -25.20
O4 NAG W . -34.09 -27.90 -27.10
O5 NAG W . -31.67 -28.31 -24.24
O6 NAG W . -31.25 -25.66 -25.56
O7 NAG W . -35.13 -28.94 -20.94
C1 NAG X . 38.26 41.89 -5.90
C2 NAG X . 39.75 42.20 -6.16
C3 NAG X . 40.09 43.70 -5.89
C4 NAG X . 39.14 44.70 -6.55
C5 NAG X . 37.67 44.34 -6.19
C6 NAG X . 36.61 45.30 -6.80
C7 NAG X . 41.60 40.53 -5.96
C8 NAG X . 42.59 39.93 -5.01
N2 NAG X . 40.67 41.33 -5.40
O3 NAG X . 41.40 44.00 -6.38
O4 NAG X . 39.50 46.07 -6.19
O5 NAG X . 37.43 42.93 -6.52
O6 NAG X . 36.17 45.04 -8.16
O7 NAG X . 41.72 40.32 -7.15
#